data_2I27
# 
_entry.id   2I27 
# 
_audit_conform.dict_name       mmcif_pdbx.dic 
_audit_conform.dict_version    5.398 
_audit_conform.dict_location   http://mmcif.pdb.org/dictionaries/ascii/mmcif_pdbx.dic 
# 
loop_
_database_2.database_id 
_database_2.database_code 
_database_2.pdbx_database_accession 
_database_2.pdbx_DOI 
PDB   2I27         pdb_00002i27 10.2210/pdb2i27/pdb 
RCSB  RCSB039043   ?            ?                   
WWPDB D_1000039043 ?            ?                   
# 
loop_
_pdbx_audit_revision_history.ordinal 
_pdbx_audit_revision_history.data_content_type 
_pdbx_audit_revision_history.major_revision 
_pdbx_audit_revision_history.minor_revision 
_pdbx_audit_revision_history.revision_date 
1 'Structure model' 1 0 2007-03-06 
2 'Structure model' 1 1 2008-05-01 
3 'Structure model' 1 2 2011-07-13 
4 'Structure model' 1 3 2024-11-13 
# 
_pdbx_audit_revision_details.ordinal             1 
_pdbx_audit_revision_details.revision_ordinal    1 
_pdbx_audit_revision_details.data_content_type   'Structure model' 
_pdbx_audit_revision_details.provider            repository 
_pdbx_audit_revision_details.type                'Initial release' 
_pdbx_audit_revision_details.description         ? 
_pdbx_audit_revision_details.details             ? 
# 
loop_
_pdbx_audit_revision_group.ordinal 
_pdbx_audit_revision_group.revision_ordinal 
_pdbx_audit_revision_group.data_content_type 
_pdbx_audit_revision_group.group 
1 2 'Structure model' 'Version format compliance' 
2 3 'Structure model' Advisory                    
3 3 'Structure model' 'Version format compliance' 
4 4 'Structure model' 'Data collection'           
5 4 'Structure model' 'Database references'       
6 4 'Structure model' 'Structure summary'         
# 
loop_
_pdbx_audit_revision_category.ordinal 
_pdbx_audit_revision_category.revision_ordinal 
_pdbx_audit_revision_category.data_content_type 
_pdbx_audit_revision_category.category 
1 4 'Structure model' chem_comp_atom            
2 4 'Structure model' chem_comp_bond            
3 4 'Structure model' database_2                
4 4 'Structure model' pdbx_entry_details        
5 4 'Structure model' pdbx_modification_feature 
# 
loop_
_pdbx_audit_revision_item.ordinal 
_pdbx_audit_revision_item.revision_ordinal 
_pdbx_audit_revision_item.data_content_type 
_pdbx_audit_revision_item.item 
1 4 'Structure model' '_database_2.pdbx_DOI'                
2 4 'Structure model' '_database_2.pdbx_database_accession' 
# 
_pdbx_database_status.status_code                     REL 
_pdbx_database_status.entry_id                        2I27 
_pdbx_database_status.recvd_initial_deposition_date   2006-08-15 
_pdbx_database_status.deposit_site                    RCSB 
_pdbx_database_status.process_site                    RCSB 
_pdbx_database_status.status_code_sf                  REL 
_pdbx_database_status.status_code_mr                  ? 
_pdbx_database_status.SG_entry                        ? 
_pdbx_database_status.pdb_format_compatible           Y 
_pdbx_database_status.status_code_cs                  ? 
_pdbx_database_status.status_code_nmr_data            ? 
_pdbx_database_status.methods_development_category    ? 
# 
loop_
_pdbx_database_related.db_name 
_pdbx_database_related.db_id 
_pdbx_database_related.details 
_pdbx_database_related.content_type 
PDB 2I24 . unspecified 
PDB 2I25 . unspecified 
PDB 2I26 . unspecified 
# 
loop_
_audit_author.name 
_audit_author.pdbx_ordinal 
'Stanfield, R.L.' 1 
'Wilson, I.A.'    2 
# 
_citation.id                        primary 
_citation.title                     'Maturation of Shark Single-domain (IgNAR) Antibodies: Evidence for Induced-fit Binding.' 
_citation.journal_abbrev            J.Mol.Biol. 
_citation.journal_volume            367 
_citation.page_first                358 
_citation.page_last                 372 
_citation.year                      2007 
_citation.journal_id_ASTM           JMOBAK 
_citation.country                   UK 
_citation.journal_id_ISSN           0022-2836 
_citation.journal_id_CSD            0070 
_citation.book_publisher            ? 
_citation.pdbx_database_id_PubMed   17258766 
_citation.pdbx_database_id_DOI      10.1016/j.jmb.2006.12.045 
# 
loop_
_citation_author.citation_id 
_citation_author.name 
_citation_author.ordinal 
_citation_author.identifier_ORCID 
primary 'Stanfield, R.L.' 1 ? 
primary 'Dooley, H.'      2 ? 
primary 'Verdino, P.'     3 ? 
primary 'Flajnik, M.F.'   4 ? 
primary 'Wilson, I.A.'    5 ? 
# 
loop_
_entity.id 
_entity.type 
_entity.src_method 
_entity.pdbx_description 
_entity.formula_weight 
_entity.pdbx_number_of_molecules 
_entity.pdbx_ec 
_entity.pdbx_mutation 
_entity.pdbx_fragment 
_entity.details 
1 polymer man 'New Antigen Receptor Ancestral' 13294.453 2  ? ? 'variable domain' ? 
2 water   nat water                            18.015    81 ? ? ?                 ? 
# 
_entity_poly.entity_id                      1 
_entity_poly.type                           'polypeptide(L)' 
_entity_poly.nstd_linkage                   no 
_entity_poly.nstd_monomer                   no 
_entity_poly.pdbx_seq_one_letter_code       
;ARVDQTPQTITKETGESLTINCVLRDSNCALSSTYWYRKKSGSTNEESISKGGRYVETVNSGSKSFSLRINDLTVEDSGT
YRCKPESRYGSYDAECAALNDQYGGGTVVTVNAAAHHHHHH
;
_entity_poly.pdbx_seq_one_letter_code_can   
;ARVDQTPQTITKETGESLTINCVLRDSNCALSSTYWYRKKSGSTNEESISKGGRYVETVNSGSKSFSLRINDLTVEDSGT
YRCKPESRYGSYDAECAALNDQYGGGTVVTVNAAAHHHHHH
;
_entity_poly.pdbx_strand_id                 N,O 
_entity_poly.pdbx_target_identifier         ? 
# 
_pdbx_entity_nonpoly.entity_id   2 
_pdbx_entity_nonpoly.name        water 
_pdbx_entity_nonpoly.comp_id     HOH 
# 
loop_
_entity_poly_seq.entity_id 
_entity_poly_seq.num 
_entity_poly_seq.mon_id 
_entity_poly_seq.hetero 
1 1   ALA n 
1 2   ARG n 
1 3   VAL n 
1 4   ASP n 
1 5   GLN n 
1 6   THR n 
1 7   PRO n 
1 8   GLN n 
1 9   THR n 
1 10  ILE n 
1 11  THR n 
1 12  LYS n 
1 13  GLU n 
1 14  THR n 
1 15  GLY n 
1 16  GLU n 
1 17  SER n 
1 18  LEU n 
1 19  THR n 
1 20  ILE n 
1 21  ASN n 
1 22  CYS n 
1 23  VAL n 
1 24  LEU n 
1 25  ARG n 
1 26  ASP n 
1 27  SER n 
1 28  ASN n 
1 29  CYS n 
1 30  ALA n 
1 31  LEU n 
1 32  SER n 
1 33  SER n 
1 34  THR n 
1 35  TYR n 
1 36  TRP n 
1 37  TYR n 
1 38  ARG n 
1 39  LYS n 
1 40  LYS n 
1 41  SER n 
1 42  GLY n 
1 43  SER n 
1 44  THR n 
1 45  ASN n 
1 46  GLU n 
1 47  GLU n 
1 48  SER n 
1 49  ILE n 
1 50  SER n 
1 51  LYS n 
1 52  GLY n 
1 53  GLY n 
1 54  ARG n 
1 55  TYR n 
1 56  VAL n 
1 57  GLU n 
1 58  THR n 
1 59  VAL n 
1 60  ASN n 
1 61  SER n 
1 62  GLY n 
1 63  SER n 
1 64  LYS n 
1 65  SER n 
1 66  PHE n 
1 67  SER n 
1 68  LEU n 
1 69  ARG n 
1 70  ILE n 
1 71  ASN n 
1 72  ASP n 
1 73  LEU n 
1 74  THR n 
1 75  VAL n 
1 76  GLU n 
1 77  ASP n 
1 78  SER n 
1 79  GLY n 
1 80  THR n 
1 81  TYR n 
1 82  ARG n 
1 83  CYS n 
1 84  LYS n 
1 85  PRO n 
1 86  GLU n 
1 87  SER n 
1 88  ARG n 
1 89  TYR n 
1 90  GLY n 
1 91  SER n 
1 92  TYR n 
1 93  ASP n 
1 94  ALA n 
1 95  GLU n 
1 96  CYS n 
1 97  ALA n 
1 98  ALA n 
1 99  LEU n 
1 100 ASN n 
1 101 ASP n 
1 102 GLN n 
1 103 TYR n 
1 104 GLY n 
1 105 GLY n 
1 106 GLY n 
1 107 THR n 
1 108 VAL n 
1 109 VAL n 
1 110 THR n 
1 111 VAL n 
1 112 ASN n 
1 113 ALA n 
1 114 ALA n 
1 115 ALA n 
1 116 HIS n 
1 117 HIS n 
1 118 HIS n 
1 119 HIS n 
1 120 HIS n 
1 121 HIS n 
# 
_entity_src_gen.entity_id                          1 
_entity_src_gen.pdbx_src_id                        1 
_entity_src_gen.pdbx_alt_source_flag               sample 
_entity_src_gen.pdbx_seq_type                      ? 
_entity_src_gen.pdbx_beg_seq_num                   ? 
_entity_src_gen.pdbx_end_seq_num                   ? 
_entity_src_gen.gene_src_common_name               'nurse shark' 
_entity_src_gen.gene_src_genus                     Ginglymostoma 
_entity_src_gen.pdbx_gene_src_gene                 ? 
_entity_src_gen.gene_src_species                   ? 
_entity_src_gen.gene_src_strain                    ? 
_entity_src_gen.gene_src_tissue                    ? 
_entity_src_gen.gene_src_tissue_fraction           ? 
_entity_src_gen.gene_src_details                   ? 
_entity_src_gen.pdbx_gene_src_fragment             ? 
_entity_src_gen.pdbx_gene_src_scientific_name      'Ginglymostoma cirratum' 
_entity_src_gen.pdbx_gene_src_ncbi_taxonomy_id     7801 
_entity_src_gen.pdbx_gene_src_variant              ? 
_entity_src_gen.pdbx_gene_src_cell_line            ? 
_entity_src_gen.pdbx_gene_src_atcc                 ? 
_entity_src_gen.pdbx_gene_src_organ                ? 
_entity_src_gen.pdbx_gene_src_organelle            ? 
_entity_src_gen.pdbx_gene_src_cell                 ? 
_entity_src_gen.pdbx_gene_src_cellular_location    ? 
_entity_src_gen.host_org_common_name               ? 
_entity_src_gen.pdbx_host_org_scientific_name      'Escherichia coli' 
_entity_src_gen.pdbx_host_org_ncbi_taxonomy_id     562 
_entity_src_gen.host_org_genus                     Escherichia 
_entity_src_gen.pdbx_host_org_gene                 ? 
_entity_src_gen.pdbx_host_org_organ                ? 
_entity_src_gen.host_org_species                   ? 
_entity_src_gen.pdbx_host_org_tissue               ? 
_entity_src_gen.pdbx_host_org_tissue_fraction      ? 
_entity_src_gen.pdbx_host_org_strain               xl1-blue 
_entity_src_gen.pdbx_host_org_variant              ? 
_entity_src_gen.pdbx_host_org_cell_line            ? 
_entity_src_gen.pdbx_host_org_atcc                 ? 
_entity_src_gen.pdbx_host_org_culture_collection   ? 
_entity_src_gen.pdbx_host_org_cell                 ? 
_entity_src_gen.pdbx_host_org_organelle            ? 
_entity_src_gen.pdbx_host_org_cellular_location    ? 
_entity_src_gen.pdbx_host_org_vector_type          plasmid 
_entity_src_gen.pdbx_host_org_vector               ? 
_entity_src_gen.host_org_details                   ? 
_entity_src_gen.expression_system_id               ? 
_entity_src_gen.plasmid_name                       pims100 
_entity_src_gen.plasmid_details                    ? 
_entity_src_gen.pdbx_description                   ? 
# 
loop_
_chem_comp.id 
_chem_comp.type 
_chem_comp.mon_nstd_flag 
_chem_comp.name 
_chem_comp.pdbx_synonyms 
_chem_comp.formula 
_chem_comp.formula_weight 
ALA 'L-peptide linking' y ALANINE         ? 'C3 H7 N O2'     89.093  
ARG 'L-peptide linking' y ARGININE        ? 'C6 H15 N4 O2 1' 175.209 
ASN 'L-peptide linking' y ASPARAGINE      ? 'C4 H8 N2 O3'    132.118 
ASP 'L-peptide linking' y 'ASPARTIC ACID' ? 'C4 H7 N O4'     133.103 
CYS 'L-peptide linking' y CYSTEINE        ? 'C3 H7 N O2 S'   121.158 
GLN 'L-peptide linking' y GLUTAMINE       ? 'C5 H10 N2 O3'   146.144 
GLU 'L-peptide linking' y 'GLUTAMIC ACID' ? 'C5 H9 N O4'     147.129 
GLY 'peptide linking'   y GLYCINE         ? 'C2 H5 N O2'     75.067  
HIS 'L-peptide linking' y HISTIDINE       ? 'C6 H10 N3 O2 1' 156.162 
HOH non-polymer         . WATER           ? 'H2 O'           18.015  
ILE 'L-peptide linking' y ISOLEUCINE      ? 'C6 H13 N O2'    131.173 
LEU 'L-peptide linking' y LEUCINE         ? 'C6 H13 N O2'    131.173 
LYS 'L-peptide linking' y LYSINE          ? 'C6 H15 N2 O2 1' 147.195 
PHE 'L-peptide linking' y PHENYLALANINE   ? 'C9 H11 N O2'    165.189 
PRO 'L-peptide linking' y PROLINE         ? 'C5 H9 N O2'     115.130 
SER 'L-peptide linking' y SERINE          ? 'C3 H7 N O3'     105.093 
THR 'L-peptide linking' y THREONINE       ? 'C4 H9 N O3'     119.119 
TRP 'L-peptide linking' y TRYPTOPHAN      ? 'C11 H12 N2 O2'  204.225 
TYR 'L-peptide linking' y TYROSINE        ? 'C9 H11 N O3'    181.189 
VAL 'L-peptide linking' y VALINE          ? 'C5 H11 N O2'    117.146 
# 
loop_
_pdbx_poly_seq_scheme.asym_id 
_pdbx_poly_seq_scheme.entity_id 
_pdbx_poly_seq_scheme.seq_id 
_pdbx_poly_seq_scheme.mon_id 
_pdbx_poly_seq_scheme.ndb_seq_num 
_pdbx_poly_seq_scheme.pdb_seq_num 
_pdbx_poly_seq_scheme.auth_seq_num 
_pdbx_poly_seq_scheme.pdb_mon_id 
_pdbx_poly_seq_scheme.auth_mon_id 
_pdbx_poly_seq_scheme.pdb_strand_id 
_pdbx_poly_seq_scheme.pdb_ins_code 
_pdbx_poly_seq_scheme.hetero 
A 1 1   ALA 1   1   ?   ?   ?   N . n 
A 1 2   ARG 2   2   2   ARG ARG N . n 
A 1 3   VAL 3   3   3   VAL VAL N . n 
A 1 4   ASP 4   4   4   ASP ASP N . n 
A 1 5   GLN 5   5   5   GLN GLN N . n 
A 1 6   THR 6   6   6   THR THR N . n 
A 1 7   PRO 7   7   7   PRO PRO N . n 
A 1 8   GLN 8   8   8   GLN GLN N . n 
A 1 9   THR 9   9   9   THR THR N . n 
A 1 10  ILE 10  10  10  ILE ILE N . n 
A 1 11  THR 11  11  11  THR THR N . n 
A 1 12  LYS 12  12  12  LYS LYS N . n 
A 1 13  GLU 13  13  13  GLU GLU N . n 
A 1 14  THR 14  14  14  THR THR N . n 
A 1 15  GLY 15  15  15  GLY GLY N . n 
A 1 16  GLU 16  16  16  GLU GLU N . n 
A 1 17  SER 17  17  17  SER SER N . n 
A 1 18  LEU 18  18  18  LEU LEU N . n 
A 1 19  THR 19  19  19  THR THR N . n 
A 1 20  ILE 20  20  20  ILE ILE N . n 
A 1 21  ASN 21  21  21  ASN ASN N . n 
A 1 22  CYS 22  22  22  CYS CYS N . n 
A 1 23  VAL 23  23  23  VAL VAL N . n 
A 1 24  LEU 24  24  24  LEU LEU N . n 
A 1 25  ARG 25  25  25  ARG ARG N . n 
A 1 26  ASP 26  26  26  ASP ASP N . n 
A 1 27  SER 27  27  27  SER SER N . n 
A 1 28  ASN 28  28  28  ASN ASN N . n 
A 1 29  CYS 29  29  29  CYS CYS N . n 
A 1 30  ALA 30  30  30  ALA ALA N . n 
A 1 31  LEU 31  31  31  LEU LEU N . n 
A 1 32  SER 32  32  32  SER SER N . n 
A 1 33  SER 33  33  33  SER SER N . n 
A 1 34  THR 34  34  34  THR THR N . n 
A 1 35  TYR 35  35  35  TYR TYR N . n 
A 1 36  TRP 36  36  36  TRP TRP N . n 
A 1 37  TYR 37  37  37  TYR TYR N . n 
A 1 38  ARG 38  38  38  ARG ARG N . n 
A 1 39  LYS 39  39  39  LYS LYS N . n 
A 1 40  LYS 40  40  40  LYS LYS N . n 
A 1 41  SER 41  41  41  SER SER N . n 
A 1 42  GLY 42  42  42  GLY GLY N . n 
A 1 43  SER 43  43  43  SER SER N . n 
A 1 44  THR 44  44  44  THR THR N . n 
A 1 45  ASN 45  45  45  ASN ASN N . n 
A 1 46  GLU 46  46  46  GLU GLU N . n 
A 1 47  GLU 47  47  47  GLU GLU N . n 
A 1 48  SER 48  48  48  SER SER N . n 
A 1 49  ILE 49  49  49  ILE ILE N . n 
A 1 50  SER 50  50  50  SER SER N . n 
A 1 51  LYS 51  51  51  LYS LYS N . n 
A 1 52  GLY 52  52  52  GLY GLY N . n 
A 1 53  GLY 53  53  53  GLY GLY N . n 
A 1 54  ARG 54  54  54  ARG ARG N . n 
A 1 55  TYR 55  55  55  TYR TYR N . n 
A 1 56  VAL 56  56  56  VAL VAL N . n 
A 1 57  GLU 57  57  57  GLU GLU N . n 
A 1 58  THR 58  58  58  THR THR N . n 
A 1 59  VAL 59  59  59  VAL VAL N . n 
A 1 60  ASN 60  60  60  ASN ASN N . n 
A 1 61  SER 61  61  61  SER SER N . n 
A 1 62  GLY 62  62  62  GLY GLY N . n 
A 1 63  SER 63  63  63  SER SER N . n 
A 1 64  LYS 64  64  64  LYS LYS N . n 
A 1 65  SER 65  65  65  SER SER N . n 
A 1 66  PHE 66  66  66  PHE PHE N . n 
A 1 67  SER 67  67  67  SER SER N . n 
A 1 68  LEU 68  68  68  LEU LEU N . n 
A 1 69  ARG 69  69  69  ARG ARG N . n 
A 1 70  ILE 70  70  70  ILE ILE N . n 
A 1 71  ASN 71  71  71  ASN ASN N . n 
A 1 72  ASP 72  72  72  ASP ASP N . n 
A 1 73  LEU 73  73  73  LEU LEU N . n 
A 1 74  THR 74  74  74  THR THR N . n 
A 1 75  VAL 75  75  75  VAL VAL N . n 
A 1 76  GLU 76  76  76  GLU GLU N . n 
A 1 77  ASP 77  77  77  ASP ASP N . n 
A 1 78  SER 78  78  78  SER SER N . n 
A 1 79  GLY 79  79  79  GLY GLY N . n 
A 1 80  THR 80  80  80  THR THR N . n 
A 1 81  TYR 81  81  81  TYR TYR N . n 
A 1 82  ARG 82  82  82  ARG ARG N . n 
A 1 83  CYS 83  83  83  CYS CYS N . n 
A 1 84  LYS 84  84  84  LYS LYS N . n 
A 1 85  PRO 85  85  85  PRO PRO N . n 
A 1 86  GLU 86  86  86  GLU GLU N . n 
A 1 87  SER 87  87  87  SER SER N . n 
A 1 88  ARG 88  88  88  ARG ARG N . n 
A 1 89  TYR 89  89  ?   ?   ?   N . n 
A 1 90  GLY 90  90  ?   ?   ?   N . n 
A 1 91  SER 91  91  ?   ?   ?   N . n 
A 1 92  TYR 92  92  ?   ?   ?   N . n 
A 1 93  ASP 93  93  93  ASP ASP N . n 
A 1 94  ALA 94  94  94  ALA ALA N . n 
A 1 95  GLU 95  95  95  GLU GLU N . n 
A 1 96  CYS 96  96  96  CYS CYS N . n 
A 1 97  ALA 97  97  97  ALA ALA N . n 
A 1 98  ALA 98  98  98  ALA ALA N . n 
A 1 99  LEU 99  99  99  LEU LEU N . n 
A 1 100 ASN 100 100 100 ASN ASN N . n 
A 1 101 ASP 101 101 101 ASP ASP N . n 
A 1 102 GLN 102 102 102 GLN GLN N . n 
A 1 103 TYR 103 103 103 TYR TYR N . n 
A 1 104 GLY 104 104 104 GLY GLY N . n 
A 1 105 GLY 105 105 105 GLY GLY N . n 
A 1 106 GLY 106 106 106 GLY GLY N . n 
A 1 107 THR 107 107 107 THR THR N . n 
A 1 108 VAL 108 108 108 VAL VAL N . n 
A 1 109 VAL 109 109 109 VAL VAL N . n 
A 1 110 THR 110 110 110 THR THR N . n 
A 1 111 VAL 111 111 111 VAL VAL N . n 
A 1 112 ASN 112 112 112 ASN ASN N . n 
A 1 113 ALA 113 113 113 ALA ALA N . n 
A 1 114 ALA 114 114 114 ALA ALA N . n 
A 1 115 ALA 115 115 ?   ?   ?   N . n 
A 1 116 HIS 116 116 ?   ?   ?   N . n 
A 1 117 HIS 117 117 ?   ?   ?   N . n 
A 1 118 HIS 118 118 ?   ?   ?   N . n 
A 1 119 HIS 119 119 ?   ?   ?   N . n 
A 1 120 HIS 120 120 ?   ?   ?   N . n 
A 1 121 HIS 121 121 ?   ?   ?   N . n 
B 1 1   ALA 1   1   ?   ?   ?   O . n 
B 1 2   ARG 2   2   2   ARG ARG O . n 
B 1 3   VAL 3   3   3   VAL VAL O . n 
B 1 4   ASP 4   4   4   ASP ASP O . n 
B 1 5   GLN 5   5   5   GLN GLN O . n 
B 1 6   THR 6   6   6   THR THR O . n 
B 1 7   PRO 7   7   7   PRO PRO O . n 
B 1 8   GLN 8   8   8   GLN GLN O . n 
B 1 9   THR 9   9   9   THR THR O . n 
B 1 10  ILE 10  10  10  ILE ILE O . n 
B 1 11  THR 11  11  11  THR THR O . n 
B 1 12  LYS 12  12  12  LYS LYS O . n 
B 1 13  GLU 13  13  13  GLU GLU O . n 
B 1 14  THR 14  14  14  THR THR O . n 
B 1 15  GLY 15  15  15  GLY GLY O . n 
B 1 16  GLU 16  16  16  GLU GLU O . n 
B 1 17  SER 17  17  17  SER SER O . n 
B 1 18  LEU 18  18  18  LEU LEU O . n 
B 1 19  THR 19  19  19  THR THR O . n 
B 1 20  ILE 20  20  20  ILE ILE O . n 
B 1 21  ASN 21  21  21  ASN ASN O . n 
B 1 22  CYS 22  22  22  CYS CYS O . n 
B 1 23  VAL 23  23  23  VAL VAL O . n 
B 1 24  LEU 24  24  24  LEU LEU O . n 
B 1 25  ARG 25  25  25  ARG ARG O . n 
B 1 26  ASP 26  26  26  ASP ASP O . n 
B 1 27  SER 27  27  27  SER SER O . n 
B 1 28  ASN 28  28  28  ASN ASN O . n 
B 1 29  CYS 29  29  29  CYS CYS O . n 
B 1 30  ALA 30  30  30  ALA ALA O . n 
B 1 31  LEU 31  31  31  LEU LEU O . n 
B 1 32  SER 32  32  32  SER SER O . n 
B 1 33  SER 33  33  33  SER SER O . n 
B 1 34  THR 34  34  34  THR THR O . n 
B 1 35  TYR 35  35  35  TYR TYR O . n 
B 1 36  TRP 36  36  36  TRP TRP O . n 
B 1 37  TYR 37  37  37  TYR TYR O . n 
B 1 38  ARG 38  38  38  ARG ARG O . n 
B 1 39  LYS 39  39  39  LYS LYS O . n 
B 1 40  LYS 40  40  40  LYS LYS O . n 
B 1 41  SER 41  41  41  SER SER O . n 
B 1 42  GLY 42  42  42  GLY GLY O . n 
B 1 43  SER 43  43  43  SER SER O . n 
B 1 44  THR 44  44  44  THR THR O . n 
B 1 45  ASN 45  45  45  ASN ASN O . n 
B 1 46  GLU 46  46  46  GLU GLU O . n 
B 1 47  GLU 47  47  47  GLU GLU O . n 
B 1 48  SER 48  48  48  SER SER O . n 
B 1 49  ILE 49  49  49  ILE ILE O . n 
B 1 50  SER 50  50  50  SER SER O . n 
B 1 51  LYS 51  51  51  LYS LYS O . n 
B 1 52  GLY 52  52  52  GLY GLY O . n 
B 1 53  GLY 53  53  53  GLY GLY O . n 
B 1 54  ARG 54  54  54  ARG ARG O . n 
B 1 55  TYR 55  55  55  TYR TYR O . n 
B 1 56  VAL 56  56  56  VAL VAL O . n 
B 1 57  GLU 57  57  57  GLU GLU O . n 
B 1 58  THR 58  58  58  THR THR O . n 
B 1 59  VAL 59  59  59  VAL VAL O . n 
B 1 60  ASN 60  60  60  ASN ASN O . n 
B 1 61  SER 61  61  61  SER SER O . n 
B 1 62  GLY 62  62  62  GLY GLY O . n 
B 1 63  SER 63  63  63  SER SER O . n 
B 1 64  LYS 64  64  64  LYS LYS O . n 
B 1 65  SER 65  65  65  SER SER O . n 
B 1 66  PHE 66  66  66  PHE PHE O . n 
B 1 67  SER 67  67  67  SER SER O . n 
B 1 68  LEU 68  68  68  LEU LEU O . n 
B 1 69  ARG 69  69  69  ARG ARG O . n 
B 1 70  ILE 70  70  70  ILE ILE O . n 
B 1 71  ASN 71  71  71  ASN ASN O . n 
B 1 72  ASP 72  72  72  ASP ASP O . n 
B 1 73  LEU 73  73  73  LEU LEU O . n 
B 1 74  THR 74  74  74  THR THR O . n 
B 1 75  VAL 75  75  75  VAL VAL O . n 
B 1 76  GLU 76  76  76  GLU GLU O . n 
B 1 77  ASP 77  77  77  ASP ASP O . n 
B 1 78  SER 78  78  78  SER SER O . n 
B 1 79  GLY 79  79  79  GLY GLY O . n 
B 1 80  THR 80  80  80  THR THR O . n 
B 1 81  TYR 81  81  81  TYR TYR O . n 
B 1 82  ARG 82  82  82  ARG ARG O . n 
B 1 83  CYS 83  83  83  CYS CYS O . n 
B 1 84  LYS 84  84  84  LYS LYS O . n 
B 1 85  PRO 85  85  85  PRO PRO O . n 
B 1 86  GLU 86  86  86  GLU GLU O . n 
B 1 87  SER 87  87  87  SER SER O . n 
B 1 88  ARG 88  88  88  ARG ARG O . n 
B 1 89  TYR 89  89  ?   ?   ?   O . n 
B 1 90  GLY 90  90  ?   ?   ?   O . n 
B 1 91  SER 91  91  ?   ?   ?   O . n 
B 1 92  TYR 92  92  ?   ?   ?   O . n 
B 1 93  ASP 93  93  93  ASP ASP O . n 
B 1 94  ALA 94  94  94  ALA ALA O . n 
B 1 95  GLU 95  95  95  GLU GLU O . n 
B 1 96  CYS 96  96  96  CYS CYS O . n 
B 1 97  ALA 97  97  97  ALA ALA O . n 
B 1 98  ALA 98  98  98  ALA ALA O . n 
B 1 99  LEU 99  99  99  LEU LEU O . n 
B 1 100 ASN 100 100 100 ASN ASN O . n 
B 1 101 ASP 101 101 101 ASP ASP O . n 
B 1 102 GLN 102 102 102 GLN GLN O . n 
B 1 103 TYR 103 103 103 TYR TYR O . n 
B 1 104 GLY 104 104 104 GLY GLY O . n 
B 1 105 GLY 105 105 105 GLY GLY O . n 
B 1 106 GLY 106 106 106 GLY GLY O . n 
B 1 107 THR 107 107 107 THR THR O . n 
B 1 108 VAL 108 108 108 VAL VAL O . n 
B 1 109 VAL 109 109 109 VAL VAL O . n 
B 1 110 THR 110 110 110 THR THR O . n 
B 1 111 VAL 111 111 111 VAL VAL O . n 
B 1 112 ASN 112 112 112 ASN ASN O . n 
B 1 113 ALA 113 113 113 ALA ALA O . n 
B 1 114 ALA 114 114 ?   ?   ?   O . n 
B 1 115 ALA 115 115 ?   ?   ?   O . n 
B 1 116 HIS 116 116 ?   ?   ?   O . n 
B 1 117 HIS 117 117 ?   ?   ?   O . n 
B 1 118 HIS 118 118 ?   ?   ?   O . n 
B 1 119 HIS 119 119 ?   ?   ?   O . n 
B 1 120 HIS 120 120 ?   ?   ?   O . n 
B 1 121 HIS 121 121 ?   ?   ?   O . n 
# 
loop_
_pdbx_nonpoly_scheme.asym_id 
_pdbx_nonpoly_scheme.entity_id 
_pdbx_nonpoly_scheme.mon_id 
_pdbx_nonpoly_scheme.ndb_seq_num 
_pdbx_nonpoly_scheme.pdb_seq_num 
_pdbx_nonpoly_scheme.auth_seq_num 
_pdbx_nonpoly_scheme.pdb_mon_id 
_pdbx_nonpoly_scheme.auth_mon_id 
_pdbx_nonpoly_scheme.pdb_strand_id 
_pdbx_nonpoly_scheme.pdb_ins_code 
C 2 HOH 1  122 3  HOH HOH N . 
C 2 HOH 2  123 4  HOH HOH N . 
C 2 HOH 3  124 5  HOH HOH N . 
C 2 HOH 4  125 7  HOH HOH N . 
C 2 HOH 5  126 11 HOH HOH N . 
C 2 HOH 6  127 12 HOH HOH N . 
C 2 HOH 7  128 14 HOH HOH N . 
C 2 HOH 8  129 16 HOH HOH N . 
C 2 HOH 9  130 19 HOH HOH N . 
C 2 HOH 10 131 21 HOH HOH N . 
C 2 HOH 11 132 22 HOH HOH N . 
C 2 HOH 12 133 23 HOH HOH N . 
C 2 HOH 13 134 25 HOH HOH N . 
C 2 HOH 14 135 26 HOH HOH N . 
C 2 HOH 15 136 27 HOH HOH N . 
C 2 HOH 16 137 30 HOH HOH N . 
C 2 HOH 17 138 35 HOH HOH N . 
C 2 HOH 18 139 36 HOH HOH N . 
C 2 HOH 19 140 37 HOH HOH N . 
C 2 HOH 20 141 41 HOH HOH N . 
C 2 HOH 21 142 43 HOH HOH N . 
C 2 HOH 22 143 44 HOH HOH N . 
C 2 HOH 23 144 46 HOH HOH N . 
C 2 HOH 24 145 47 HOH HOH N . 
C 2 HOH 25 146 48 HOH HOH N . 
C 2 HOH 26 147 52 HOH HOH N . 
C 2 HOH 27 148 53 HOH HOH N . 
C 2 HOH 28 149 54 HOH HOH N . 
C 2 HOH 29 150 55 HOH HOH N . 
C 2 HOH 30 151 58 HOH HOH N . 
C 2 HOH 31 152 60 HOH HOH N . 
C 2 HOH 32 153 61 HOH HOH N . 
C 2 HOH 33 154 62 HOH HOH N . 
C 2 HOH 34 155 63 HOH HOH N . 
C 2 HOH 35 156 66 HOH HOH N . 
C 2 HOH 36 157 67 HOH HOH N . 
C 2 HOH 37 158 70 HOH HOH N . 
C 2 HOH 38 159 71 HOH HOH N . 
C 2 HOH 39 160 72 HOH HOH N . 
C 2 HOH 40 161 73 HOH HOH N . 
C 2 HOH 41 162 74 HOH HOH N . 
C 2 HOH 42 163 75 HOH HOH N . 
C 2 HOH 43 164 76 HOH HOH N . 
C 2 HOH 44 165 77 HOH HOH N . 
C 2 HOH 45 166 80 HOH HOH N . 
C 2 HOH 46 167 81 HOH HOH N . 
D 2 HOH 1  122 1  HOH HOH O . 
D 2 HOH 2  123 2  HOH HOH O . 
D 2 HOH 3  124 6  HOH HOH O . 
D 2 HOH 4  125 8  HOH HOH O . 
D 2 HOH 5  126 9  HOH HOH O . 
D 2 HOH 6  127 10 HOH HOH O . 
D 2 HOH 7  128 13 HOH HOH O . 
D 2 HOH 8  129 15 HOH HOH O . 
D 2 HOH 9  130 17 HOH HOH O . 
D 2 HOH 10 131 18 HOH HOH O . 
D 2 HOH 11 132 20 HOH HOH O . 
D 2 HOH 12 133 24 HOH HOH O . 
D 2 HOH 13 134 28 HOH HOH O . 
D 2 HOH 14 135 29 HOH HOH O . 
D 2 HOH 15 136 31 HOH HOH O . 
D 2 HOH 16 137 32 HOH HOH O . 
D 2 HOH 17 138 33 HOH HOH O . 
D 2 HOH 18 139 34 HOH HOH O . 
D 2 HOH 19 140 38 HOH HOH O . 
D 2 HOH 20 141 39 HOH HOH O . 
D 2 HOH 21 142 40 HOH HOH O . 
D 2 HOH 22 143 42 HOH HOH O . 
D 2 HOH 23 144 45 HOH HOH O . 
D 2 HOH 24 145 49 HOH HOH O . 
D 2 HOH 25 146 50 HOH HOH O . 
D 2 HOH 26 147 51 HOH HOH O . 
D 2 HOH 27 148 56 HOH HOH O . 
D 2 HOH 28 149 57 HOH HOH O . 
D 2 HOH 29 150 59 HOH HOH O . 
D 2 HOH 30 151 64 HOH HOH O . 
D 2 HOH 31 152 65 HOH HOH O . 
D 2 HOH 32 153 68 HOH HOH O . 
D 2 HOH 33 154 69 HOH HOH O . 
D 2 HOH 34 155 78 HOH HOH O . 
D 2 HOH 35 156 79 HOH HOH O . 
# 
loop_
_software.name 
_software.classification 
_software.version 
_software.citation_id 
_software.pdbx_ordinal 
REFMAC  refinement        5.2.0019 ? 1 
Blu-Ice 'data collection' .        ? 2 
AMoRE   phasing           .        ? 3 
# 
_cell.entry_id           2I27 
_cell.length_a           60.423 
_cell.length_b           61.398 
_cell.length_c           103.849 
_cell.angle_alpha        90.00 
_cell.angle_beta         90.00 
_cell.angle_gamma        90.00 
_cell.Z_PDB              16 
_cell.pdbx_unique_axis   ? 
_cell.length_a_esd       ? 
_cell.length_b_esd       ? 
_cell.length_c_esd       ? 
_cell.angle_alpha_esd    ? 
_cell.angle_beta_esd     ? 
_cell.angle_gamma_esd    ? 
# 
_symmetry.entry_id                         2I27 
_symmetry.space_group_name_H-M             'C 2 2 21' 
_symmetry.pdbx_full_space_group_name_H-M   ? 
_symmetry.cell_setting                     ? 
_symmetry.Int_Tables_number                20 
_symmetry.space_group_name_Hall            ? 
# 
_exptl.entry_id          2I27 
_exptl.method            'X-RAY DIFFRACTION' 
_exptl.crystals_number   1 
# 
_exptl_crystal.id                    1 
_exptl_crystal.density_meas          ? 
_exptl_crystal.density_Matthews      1.81 
_exptl_crystal.density_percent_sol   32.08 
_exptl_crystal.description           ? 
_exptl_crystal.F_000                 ? 
_exptl_crystal.preparation           ? 
# 
_exptl_crystal_grow.crystal_id      1 
_exptl_crystal_grow.method          'VAPOR DIFFUSION, SITTING DROP' 
_exptl_crystal_grow.temp            295 
_exptl_crystal_grow.temp_details    ? 
_exptl_crystal_grow.pH              8.5 
_exptl_crystal_grow.pdbx_details    '26% PEG 4000, 0.1M hepes, pH 8.5, VAPOR DIFFUSION, SITTING DROP, temperature 295K' 
_exptl_crystal_grow.pdbx_pH_range   . 
# 
_diffrn.id                     1 
_diffrn.ambient_temp           100 
_diffrn.ambient_temp_details   ? 
_diffrn.crystal_id             1 
# 
_diffrn_detector.diffrn_id              1 
_diffrn_detector.detector               CCD 
_diffrn_detector.type                   'ADSC QUANTUM 315' 
_diffrn_detector.pdbx_collection_date   2005-07-16 
_diffrn_detector.details                ? 
# 
_diffrn_radiation.diffrn_id                        1 
_diffrn_radiation.wavelength_id                    1 
_diffrn_radiation.pdbx_monochromatic_or_laue_m_l   M 
_diffrn_radiation.monochromator                    ? 
_diffrn_radiation.pdbx_diffrn_protocol             'SINGLE WAVELENGTH' 
_diffrn_radiation.pdbx_scattering_type             x-ray 
# 
_diffrn_radiation_wavelength.id           1 
_diffrn_radiation_wavelength.wavelength   0.979454 
_diffrn_radiation_wavelength.wt           1.0 
# 
_diffrn_source.diffrn_id                   1 
_diffrn_source.source                      SYNCHROTRON 
_diffrn_source.type                        'SSRL BEAMLINE BL11-1' 
_diffrn_source.pdbx_synchrotron_site       SSRL 
_diffrn_source.pdbx_synchrotron_beamline   BL11-1 
_diffrn_source.pdbx_wavelength             ? 
_diffrn_source.pdbx_wavelength_list        0.979454 
# 
_reflns.entry_id                     2I27 
_reflns.observed_criterion_sigma_I   -3.0 
_reflns.observed_criterion_sigma_F   0 
_reflns.d_resolution_low             50.0 
_reflns.d_resolution_high            1.92 
_reflns.number_obs                   15147 
_reflns.number_all                   15147 
_reflns.percent_possible_obs         99.8 
_reflns.pdbx_Rmerge_I_obs            ? 
_reflns.pdbx_Rsym_value              0.09 
_reflns.pdbx_netI_over_sigmaI        33.7 
_reflns.B_iso_Wilson_estimate        22.8 
_reflns.pdbx_redundancy              6.9 
_reflns.R_free_details               ? 
_reflns.limit_h_max                  ? 
_reflns.limit_h_min                  ? 
_reflns.limit_k_max                  ? 
_reflns.limit_k_min                  ? 
_reflns.limit_l_max                  ? 
_reflns.limit_l_min                  ? 
_reflns.observed_criterion_F_max     ? 
_reflns.observed_criterion_F_min     ? 
_reflns.pdbx_chi_squared             ? 
_reflns.pdbx_scaling_rejects         ? 
_reflns.pdbx_ordinal                 1 
_reflns.pdbx_diffrn_id               1 
# 
_reflns_shell.d_res_high             1.92 
_reflns_shell.d_res_low              1.95 
_reflns_shell.percent_possible_all   100.0 
_reflns_shell.Rmerge_I_obs           ? 
_reflns_shell.pdbx_Rsym_value        0.664 
_reflns_shell.meanI_over_sigI_obs    4.8 
_reflns_shell.pdbx_redundancy        6.8 
_reflns_shell.percent_possible_obs   ? 
_reflns_shell.number_unique_all      5075 
_reflns_shell.number_measured_all    ? 
_reflns_shell.number_measured_obs    ? 
_reflns_shell.number_unique_obs      ? 
_reflns_shell.pdbx_chi_squared       ? 
_reflns_shell.pdbx_ordinal           1 
_reflns_shell.pdbx_diffrn_id         1 
# 
_refine.entry_id                                 2I27 
_refine.ls_number_reflns_obs                     14355 
_refine.ls_number_reflns_all                     14355 
_refine.pdbx_ls_sigma_I                          0 
_refine.pdbx_ls_sigma_F                          0 
_refine.pdbx_data_cutoff_high_absF               ? 
_refine.pdbx_data_cutoff_low_absF                ? 
_refine.pdbx_data_cutoff_high_rms_absF           ? 
_refine.ls_d_res_low                             50.00 
_refine.ls_d_res_high                            1.92 
_refine.ls_percent_reflns_obs                    99.77 
_refine.ls_R_factor_obs                          0.21996 
_refine.ls_R_factor_all                          ? 
_refine.ls_R_factor_R_work                       0.21692 
_refine.ls_R_factor_R_free                       0.28052 
_refine.ls_R_factor_R_free_error                 ? 
_refine.ls_R_factor_R_free_error_details         ? 
_refine.ls_percent_reflns_R_free                 4.8 
_refine.ls_number_reflns_R_free                  730 
_refine.ls_number_parameters                     ? 
_refine.ls_number_restraints                     ? 
_refine.occupancy_min                            ? 
_refine.occupancy_max                            ? 
_refine.correlation_coeff_Fo_to_Fc               0.943 
_refine.correlation_coeff_Fo_to_Fc_free          0.912 
_refine.B_iso_mean                               29.543 
_refine.aniso_B[1][1]                            0.92 
_refine.aniso_B[2][2]                            0.49 
_refine.aniso_B[3][3]                            -1.42 
_refine.aniso_B[1][2]                            0.00 
_refine.aniso_B[1][3]                            0.00 
_refine.aniso_B[2][3]                            0.00 
_refine.solvent_model_details                    'BABINET MODEL WITH MASK' 
_refine.solvent_model_param_ksol                 ? 
_refine.solvent_model_param_bsol                 ? 
_refine.pdbx_solvent_vdw_probe_radii             1.20 
_refine.pdbx_solvent_ion_probe_radii             0.80 
_refine.pdbx_solvent_shrinkage_radii             0.80 
_refine.pdbx_ls_cross_valid_method               THROUGHOUT 
_refine.details                                  'HYDROGENS HAVE BEEN ADDED IN THE RIDING POSITIONS' 
_refine.pdbx_starting_model                      ? 
_refine.pdbx_method_to_determine_struct          'MOLECULAR REPLACEMENT' 
_refine.pdbx_isotropic_thermal_model             ? 
_refine.pdbx_stereochemistry_target_values       'MAXIMUM LIKELIHOOD' 
_refine.pdbx_stereochem_target_val_spec_case     ? 
_refine.pdbx_R_Free_selection_details            RANDOM 
_refine.pdbx_overall_ESU_R                       0.204 
_refine.pdbx_overall_ESU_R_Free                  0.190 
_refine.overall_SU_ML                            0.145 
_refine.overall_SU_B                             10.164 
_refine.ls_redundancy_reflns_obs                 ? 
_refine.B_iso_min                                ? 
_refine.B_iso_max                                ? 
_refine.overall_SU_R_Cruickshank_DPI             ? 
_refine.overall_SU_R_free                        ? 
_refine.ls_wR_factor_R_free                      ? 
_refine.ls_wR_factor_R_work                      ? 
_refine.overall_FOM_free_R_set                   ? 
_refine.overall_FOM_work_R_set                   ? 
_refine.pdbx_refine_id                           'X-RAY DIFFRACTION' 
_refine.pdbx_TLS_residual_ADP_flag               'LIKELY RESIDUAL' 
_refine.pdbx_diffrn_id                           1 
_refine.pdbx_overall_phase_error                 ? 
_refine.pdbx_overall_SU_R_free_Cruickshank_DPI   ? 
_refine.pdbx_overall_SU_R_Blow_DPI               ? 
_refine.pdbx_overall_SU_R_free_Blow_DPI          ? 
# 
_refine_hist.pdbx_refine_id                   'X-RAY DIFFRACTION' 
_refine_hist.cycle_id                         LAST 
_refine_hist.pdbx_number_atoms_protein        1649 
_refine_hist.pdbx_number_atoms_nucleic_acid   0 
_refine_hist.pdbx_number_atoms_ligand         0 
_refine_hist.number_atoms_solvent             81 
_refine_hist.number_atoms_total               1730 
_refine_hist.d_res_high                       1.92 
_refine_hist.d_res_low                        50.00 
# 
loop_
_refine_ls_restr.type 
_refine_ls_restr.dev_ideal 
_refine_ls_restr.dev_ideal_target 
_refine_ls_restr.weight 
_refine_ls_restr.number 
_refine_ls_restr.pdbx_refine_id 
_refine_ls_restr.pdbx_restraint_function 
r_bond_refined_d             0.022  0.021  ? 1667 'X-RAY DIFFRACTION' ? 
r_bond_other_d               0.009  0.020  ? 1126 'X-RAY DIFFRACTION' ? 
r_angle_refined_deg          1.778  1.953  ? 2251 'X-RAY DIFFRACTION' ? 
r_angle_other_deg            0.945  3.003  ? 2737 'X-RAY DIFFRACTION' ? 
r_dihedral_angle_1_deg       6.975  5.000  ? 213  'X-RAY DIFFRACTION' ? 
r_dihedral_angle_2_deg       38.044 24.474 ? 76   'X-RAY DIFFRACTION' ? 
r_dihedral_angle_3_deg       14.917 15.000 ? 290  'X-RAY DIFFRACTION' ? 
r_dihedral_angle_4_deg       19.217 15.000 ? 14   'X-RAY DIFFRACTION' ? 
r_chiral_restr               0.105  0.200  ? 259  'X-RAY DIFFRACTION' ? 
r_gen_planes_refined         0.007  0.020  ? 1871 'X-RAY DIFFRACTION' ? 
r_gen_planes_other           0.001  0.020  ? 325  'X-RAY DIFFRACTION' ? 
r_nbd_refined                0.245  0.200  ? 282  'X-RAY DIFFRACTION' ? 
r_nbd_other                  0.222  0.200  ? 1157 'X-RAY DIFFRACTION' ? 
r_nbtor_refined              0.180  0.200  ? 794  'X-RAY DIFFRACTION' ? 
r_nbtor_other                0.090  0.200  ? 1017 'X-RAY DIFFRACTION' ? 
r_xyhbond_nbd_refined        0.177  0.200  ? 70   'X-RAY DIFFRACTION' ? 
r_xyhbond_nbd_other          ?      ?      ? ?    'X-RAY DIFFRACTION' ? 
r_metal_ion_refined          ?      ?      ? ?    'X-RAY DIFFRACTION' ? 
r_metal_ion_other            ?      ?      ? ?    'X-RAY DIFFRACTION' ? 
r_symmetry_vdw_refined       0.332  0.200  ? 8    'X-RAY DIFFRACTION' ? 
r_symmetry_vdw_other         0.240  0.200  ? 30   'X-RAY DIFFRACTION' ? 
r_symmetry_hbond_refined     0.245  0.200  ? 10   'X-RAY DIFFRACTION' ? 
r_symmetry_hbond_other       ?      ?      ? ?    'X-RAY DIFFRACTION' ? 
r_symmetry_metal_ion_refined ?      ?      ? ?    'X-RAY DIFFRACTION' ? 
r_symmetry_metal_ion_other   ?      ?      ? ?    'X-RAY DIFFRACTION' ? 
r_mcbond_it                  1.299  1.500  ? 1406 'X-RAY DIFFRACTION' ? 
r_mcbond_other               0.295  1.500  ? 446  'X-RAY DIFFRACTION' ? 
r_mcangle_it                 1.661  2.000  ? 1719 'X-RAY DIFFRACTION' ? 
r_scbond_it                  2.679  3.000  ? 759  'X-RAY DIFFRACTION' ? 
r_scangle_it                 3.239  4.500  ? 532  'X-RAY DIFFRACTION' ? 
r_rigid_bond_restr           ?      ?      ? ?    'X-RAY DIFFRACTION' ? 
r_sphericity_free            ?      ?      ? ?    'X-RAY DIFFRACTION' ? 
r_sphericity_bonded          ?      ?      ? ?    'X-RAY DIFFRACTION' ? 
# 
_refine_ls_shell.pdbx_total_number_of_bins_used   20 
_refine_ls_shell.d_res_high                       1.920 
_refine_ls_shell.d_res_low                        1.970 
_refine_ls_shell.number_reflns_R_work             1044 
_refine_ls_shell.R_factor_R_work                  0.276 
_refine_ls_shell.percent_reflns_obs               100.00 
_refine_ls_shell.R_factor_R_free                  0.426 
_refine_ls_shell.R_factor_R_free_error            ? 
_refine_ls_shell.percent_reflns_R_free            ? 
_refine_ls_shell.number_reflns_R_free             61 
_refine_ls_shell.number_reflns_all                ? 
_refine_ls_shell.R_factor_all                     ? 
_refine_ls_shell.number_reflns_obs                1044 
_refine_ls_shell.redundancy_reflns_obs            ? 
_refine_ls_shell.pdbx_refine_id                   'X-RAY DIFFRACTION' 
# 
_struct.entry_id                  2I27 
_struct.title                     'Crystal Structure Analysis of the Nurse Shark New Antigen Receptor Ancestral variable domain' 
_struct.pdbx_model_details        ? 
_struct.pdbx_CASP_flag            ? 
_struct.pdbx_model_type_details   ? 
# 
_struct_keywords.entry_id        2I27 
_struct_keywords.pdbx_keywords   'IMMUNE SYSTEM' 
_struct_keywords.text            'immunoglobulin fold, Immune system' 
# 
loop_
_struct_asym.id 
_struct_asym.pdbx_blank_PDB_chainid_flag 
_struct_asym.pdbx_modified 
_struct_asym.entity_id 
_struct_asym.details 
A N N 1 ? 
B N N 1 ? 
C N N 2 ? 
D N N 2 ? 
# 
_struct_ref.id                         1 
_struct_ref.entity_id                  1 
_struct_ref.db_name                    UNP 
_struct_ref.db_code                    Q8JGJ1_GINCI 
_struct_ref.pdbx_db_accession          Q8JGJ1 
_struct_ref.pdbx_db_isoform            ? 
_struct_ref.pdbx_seq_one_letter_code   ? 
_struct_ref.pdbx_align_begin           ? 
# 
loop_
_struct_ref_seq.align_id 
_struct_ref_seq.ref_id 
_struct_ref_seq.pdbx_PDB_id_code 
_struct_ref_seq.pdbx_strand_id 
_struct_ref_seq.seq_align_beg 
_struct_ref_seq.pdbx_seq_align_beg_ins_code 
_struct_ref_seq.seq_align_end 
_struct_ref_seq.pdbx_seq_align_end_ins_code 
_struct_ref_seq.pdbx_db_accession 
_struct_ref_seq.db_align_beg 
_struct_ref_seq.pdbx_db_align_beg_ins_code 
_struct_ref_seq.db_align_end 
_struct_ref_seq.pdbx_db_align_end_ins_code 
_struct_ref_seq.pdbx_auth_seq_align_beg 
_struct_ref_seq.pdbx_auth_seq_align_end 
1 1 2I27 N 1 ? 112 ? Q8JGJ1 12 ? 119 ? 1 112 
2 1 2I27 O 1 ? 112 ? Q8JGJ1 12 ? 119 ? 1 112 
# 
loop_
_pdbx_struct_assembly.id 
_pdbx_struct_assembly.details 
_pdbx_struct_assembly.method_details 
_pdbx_struct_assembly.oligomeric_details 
_pdbx_struct_assembly.oligomeric_count 
1 author_defined_assembly ? monomeric 1 
2 author_defined_assembly ? monomeric 1 
# 
loop_
_pdbx_struct_assembly_gen.assembly_id 
_pdbx_struct_assembly_gen.oper_expression 
_pdbx_struct_assembly_gen.asym_id_list 
1 1 A,C 
2 1 B,D 
# 
_pdbx_struct_oper_list.id                   1 
_pdbx_struct_oper_list.type                 'identity operation' 
_pdbx_struct_oper_list.name                 1_555 
_pdbx_struct_oper_list.symmetry_operation   x,y,z 
_pdbx_struct_oper_list.matrix[1][1]         1.0000000000 
_pdbx_struct_oper_list.matrix[1][2]         0.0000000000 
_pdbx_struct_oper_list.matrix[1][3]         0.0000000000 
_pdbx_struct_oper_list.vector[1]            0.0000000000 
_pdbx_struct_oper_list.matrix[2][1]         0.0000000000 
_pdbx_struct_oper_list.matrix[2][2]         1.0000000000 
_pdbx_struct_oper_list.matrix[2][3]         0.0000000000 
_pdbx_struct_oper_list.vector[2]            0.0000000000 
_pdbx_struct_oper_list.matrix[3][1]         0.0000000000 
_pdbx_struct_oper_list.matrix[3][2]         0.0000000000 
_pdbx_struct_oper_list.matrix[3][3]         1.0000000000 
_pdbx_struct_oper_list.vector[3]            0.0000000000 
# 
_struct_biol.id   1 
# 
loop_
_struct_conf.conf_type_id 
_struct_conf.id 
_struct_conf.pdbx_PDB_helix_id 
_struct_conf.beg_label_comp_id 
_struct_conf.beg_label_asym_id 
_struct_conf.beg_label_seq_id 
_struct_conf.pdbx_beg_PDB_ins_code 
_struct_conf.end_label_comp_id 
_struct_conf.end_label_asym_id 
_struct_conf.end_label_seq_id 
_struct_conf.pdbx_end_PDB_ins_code 
_struct_conf.beg_auth_comp_id 
_struct_conf.beg_auth_asym_id 
_struct_conf.beg_auth_seq_id 
_struct_conf.end_auth_comp_id 
_struct_conf.end_auth_asym_id 
_struct_conf.end_auth_seq_id 
_struct_conf.pdbx_PDB_helix_class 
_struct_conf.details 
_struct_conf.pdbx_PDB_helix_length 
HELX_P HELX_P1 1 THR A 74 ? ASP A 77  ? THR N 74 ASP N 77  5 ? 4 
HELX_P HELX_P2 2 ASP A 93 ? ALA A 98  ? ASP N 93 ALA N 98  1 ? 6 
HELX_P HELX_P3 3 THR B 74 ? ASP B 77  ? THR O 74 ASP O 77  5 ? 4 
HELX_P HELX_P4 4 GLU B 95 ? ASN B 100 ? GLU O 95 ASN O 100 5 ? 6 
# 
_struct_conf_type.id          HELX_P 
_struct_conf_type.criteria    ? 
_struct_conf_type.reference   ? 
# 
loop_
_struct_conn.id 
_struct_conn.conn_type_id 
_struct_conn.pdbx_leaving_atom_flag 
_struct_conn.pdbx_PDB_id 
_struct_conn.ptnr1_label_asym_id 
_struct_conn.ptnr1_label_comp_id 
_struct_conn.ptnr1_label_seq_id 
_struct_conn.ptnr1_label_atom_id 
_struct_conn.pdbx_ptnr1_label_alt_id 
_struct_conn.pdbx_ptnr1_PDB_ins_code 
_struct_conn.pdbx_ptnr1_standard_comp_id 
_struct_conn.ptnr1_symmetry 
_struct_conn.ptnr2_label_asym_id 
_struct_conn.ptnr2_label_comp_id 
_struct_conn.ptnr2_label_seq_id 
_struct_conn.ptnr2_label_atom_id 
_struct_conn.pdbx_ptnr2_label_alt_id 
_struct_conn.pdbx_ptnr2_PDB_ins_code 
_struct_conn.ptnr1_auth_asym_id 
_struct_conn.ptnr1_auth_comp_id 
_struct_conn.ptnr1_auth_seq_id 
_struct_conn.ptnr2_auth_asym_id 
_struct_conn.ptnr2_auth_comp_id 
_struct_conn.ptnr2_auth_seq_id 
_struct_conn.ptnr2_symmetry 
_struct_conn.pdbx_ptnr3_label_atom_id 
_struct_conn.pdbx_ptnr3_label_seq_id 
_struct_conn.pdbx_ptnr3_label_comp_id 
_struct_conn.pdbx_ptnr3_label_asym_id 
_struct_conn.pdbx_ptnr3_label_alt_id 
_struct_conn.pdbx_ptnr3_PDB_ins_code 
_struct_conn.details 
_struct_conn.pdbx_dist_value 
_struct_conn.pdbx_value_order 
_struct_conn.pdbx_role 
disulf1 disulf ? ? A CYS 22 SG ? ? ? 1_555 A CYS 83 SG ? ? N CYS 22 N CYS 83 1_555 ? ? ? ? ? ? ? 2.003 ? ? 
disulf2 disulf ? ? A CYS 29 SG ? ? ? 1_555 A CYS 96 SG ? ? N CYS 29 N CYS 96 1_555 ? ? ? ? ? ? ? 2.486 ? ? 
disulf3 disulf ? ? B CYS 22 SG ? ? ? 1_555 B CYS 83 SG ? ? O CYS 22 O CYS 83 1_555 ? ? ? ? ? ? ? 2.042 ? ? 
disulf4 disulf ? ? B CYS 29 SG ? ? ? 1_555 B CYS 96 SG ? ? O CYS 29 O CYS 96 1_555 ? ? ? ? ? ? ? 2.592 ? ? 
# 
_struct_conn_type.id          disulf 
_struct_conn_type.criteria    ? 
_struct_conn_type.reference   ? 
# 
loop_
_pdbx_modification_feature.ordinal 
_pdbx_modification_feature.label_comp_id 
_pdbx_modification_feature.label_asym_id 
_pdbx_modification_feature.label_seq_id 
_pdbx_modification_feature.label_alt_id 
_pdbx_modification_feature.modified_residue_label_comp_id 
_pdbx_modification_feature.modified_residue_label_asym_id 
_pdbx_modification_feature.modified_residue_label_seq_id 
_pdbx_modification_feature.modified_residue_label_alt_id 
_pdbx_modification_feature.auth_comp_id 
_pdbx_modification_feature.auth_asym_id 
_pdbx_modification_feature.auth_seq_id 
_pdbx_modification_feature.PDB_ins_code 
_pdbx_modification_feature.symmetry 
_pdbx_modification_feature.modified_residue_auth_comp_id 
_pdbx_modification_feature.modified_residue_auth_asym_id 
_pdbx_modification_feature.modified_residue_auth_seq_id 
_pdbx_modification_feature.modified_residue_PDB_ins_code 
_pdbx_modification_feature.modified_residue_symmetry 
_pdbx_modification_feature.comp_id_linking_atom 
_pdbx_modification_feature.modified_residue_id_linking_atom 
_pdbx_modification_feature.modified_residue_id 
_pdbx_modification_feature.ref_pcm_id 
_pdbx_modification_feature.ref_comp_id 
_pdbx_modification_feature.type 
_pdbx_modification_feature.category 
1 CYS A 22 ? CYS A 83 ? CYS N 22 ? 1_555 CYS N 83 ? 1_555 SG SG . . . None 'Disulfide bridge' 
2 CYS A 29 ? CYS A 96 ? CYS N 29 ? 1_555 CYS N 96 ? 1_555 SG SG . . . None 'Disulfide bridge' 
3 CYS B 22 ? CYS B 83 ? CYS O 22 ? 1_555 CYS O 83 ? 1_555 SG SG . . . None 'Disulfide bridge' 
4 CYS B 29 ? CYS B 96 ? CYS O 29 ? 1_555 CYS O 96 ? 1_555 SG SG . . . None 'Disulfide bridge' 
# 
loop_
_struct_mon_prot_cis.pdbx_id 
_struct_mon_prot_cis.label_comp_id 
_struct_mon_prot_cis.label_seq_id 
_struct_mon_prot_cis.label_asym_id 
_struct_mon_prot_cis.label_alt_id 
_struct_mon_prot_cis.pdbx_PDB_ins_code 
_struct_mon_prot_cis.auth_comp_id 
_struct_mon_prot_cis.auth_seq_id 
_struct_mon_prot_cis.auth_asym_id 
_struct_mon_prot_cis.pdbx_label_comp_id_2 
_struct_mon_prot_cis.pdbx_label_seq_id_2 
_struct_mon_prot_cis.pdbx_label_asym_id_2 
_struct_mon_prot_cis.pdbx_PDB_ins_code_2 
_struct_mon_prot_cis.pdbx_auth_comp_id_2 
_struct_mon_prot_cis.pdbx_auth_seq_id_2 
_struct_mon_prot_cis.pdbx_auth_asym_id_2 
_struct_mon_prot_cis.pdbx_PDB_model_num 
_struct_mon_prot_cis.pdbx_omega_angle 
1 THR 6 A . ? THR 6 N PRO 7 A ? PRO 7 N 1 -9.33 
2 THR 6 B . ? THR 6 O PRO 7 B ? PRO 7 O 1 -8.03 
# 
loop_
_struct_sheet.id 
_struct_sheet.type 
_struct_sheet.number_strands 
_struct_sheet.details 
A ? 4 ? 
B ? 5 ? 
C ? 4 ? 
D ? 5 ? 
# 
loop_
_struct_sheet_order.sheet_id 
_struct_sheet_order.range_id_1 
_struct_sheet_order.range_id_2 
_struct_sheet_order.offset 
_struct_sheet_order.sense 
A 1 2 ? anti-parallel 
A 2 3 ? anti-parallel 
A 3 4 ? anti-parallel 
B 1 2 ? parallel      
B 2 3 ? anti-parallel 
B 3 4 ? anti-parallel 
B 4 5 ? anti-parallel 
C 1 2 ? anti-parallel 
C 2 3 ? anti-parallel 
C 3 4 ? anti-parallel 
D 1 2 ? parallel      
D 2 3 ? anti-parallel 
D 3 4 ? anti-parallel 
D 4 5 ? anti-parallel 
# 
loop_
_struct_sheet_range.sheet_id 
_struct_sheet_range.id 
_struct_sheet_range.beg_label_comp_id 
_struct_sheet_range.beg_label_asym_id 
_struct_sheet_range.beg_label_seq_id 
_struct_sheet_range.pdbx_beg_PDB_ins_code 
_struct_sheet_range.end_label_comp_id 
_struct_sheet_range.end_label_asym_id 
_struct_sheet_range.end_label_seq_id 
_struct_sheet_range.pdbx_end_PDB_ins_code 
_struct_sheet_range.beg_auth_comp_id 
_struct_sheet_range.beg_auth_asym_id 
_struct_sheet_range.beg_auth_seq_id 
_struct_sheet_range.end_auth_comp_id 
_struct_sheet_range.end_auth_asym_id 
_struct_sheet_range.end_auth_seq_id 
A 1 VAL A 3   ? THR A 6   ? VAL N 3   THR N 6   
A 2 LEU A 18  ? LEU A 24  ? LEU N 18  LEU N 24  
A 3 SER A 65  ? ILE A 70  ? SER N 65  ILE N 70  
A 4 TYR A 55  ? ASN A 60  ? TYR N 55  ASN N 60  
B 1 THR A 9   ? GLU A 13  ? THR N 9   GLU N 13  
B 2 THR A 107 ? ASN A 112 ? THR N 107 ASN N 112 
B 3 GLY A 79  ? GLU A 86  ? GLY N 79  GLU N 86  
B 4 SER A 33  ? LYS A 40  ? SER N 33  LYS N 40  
B 5 GLU A 46  ? SER A 48  ? GLU N 46  SER N 48  
C 1 VAL B 3   ? THR B 6   ? VAL O 3   THR O 6   
C 2 LEU B 18  ? LEU B 24  ? LEU O 18  LEU O 24  
C 3 SER B 65  ? ILE B 70  ? SER O 65  ILE O 70  
C 4 TYR B 55  ? ASN B 60  ? TYR O 55  ASN O 60  
D 1 THR B 9   ? GLU B 13  ? THR O 9   GLU O 13  
D 2 THR B 107 ? ASN B 112 ? THR O 107 ASN O 112 
D 3 GLY B 79  ? GLU B 86  ? GLY O 79  GLU O 86  
D 4 SER B 33  ? LYS B 40  ? SER O 33  LYS O 40  
D 5 GLU B 46  ? SER B 48  ? GLU O 46  SER O 48  
# 
loop_
_pdbx_struct_sheet_hbond.sheet_id 
_pdbx_struct_sheet_hbond.range_id_1 
_pdbx_struct_sheet_hbond.range_id_2 
_pdbx_struct_sheet_hbond.range_1_label_atom_id 
_pdbx_struct_sheet_hbond.range_1_label_comp_id 
_pdbx_struct_sheet_hbond.range_1_label_asym_id 
_pdbx_struct_sheet_hbond.range_1_label_seq_id 
_pdbx_struct_sheet_hbond.range_1_PDB_ins_code 
_pdbx_struct_sheet_hbond.range_1_auth_atom_id 
_pdbx_struct_sheet_hbond.range_1_auth_comp_id 
_pdbx_struct_sheet_hbond.range_1_auth_asym_id 
_pdbx_struct_sheet_hbond.range_1_auth_seq_id 
_pdbx_struct_sheet_hbond.range_2_label_atom_id 
_pdbx_struct_sheet_hbond.range_2_label_comp_id 
_pdbx_struct_sheet_hbond.range_2_label_asym_id 
_pdbx_struct_sheet_hbond.range_2_label_seq_id 
_pdbx_struct_sheet_hbond.range_2_PDB_ins_code 
_pdbx_struct_sheet_hbond.range_2_auth_atom_id 
_pdbx_struct_sheet_hbond.range_2_auth_comp_id 
_pdbx_struct_sheet_hbond.range_2_auth_asym_id 
_pdbx_struct_sheet_hbond.range_2_auth_seq_id 
A 1 2 N ASP A 4   ? N ASP N 4   O VAL A 23  ? O VAL N 23  
A 2 3 N CYS A 22  ? N CYS N 22  O PHE A 66  ? O PHE N 66  
A 3 4 O SER A 65  ? O SER N 65  N ASN A 60  ? N ASN N 60  
B 1 2 N LYS A 12  ? N LYS N 12  O THR A 110 ? O THR N 110 
B 2 3 O VAL A 109 ? O VAL N 109 N GLY A 79  ? N GLY N 79  
B 3 4 O THR A 80  ? O THR N 80  N LYS A 39  ? N LYS N 39  
B 4 5 N ARG A 38  ? N ARG N 38  O GLU A 47  ? O GLU N 47  
C 1 2 N ASP B 4   ? N ASP O 4   O VAL B 23  ? O VAL O 23  
C 2 3 N CYS B 22  ? N CYS O 22  O PHE B 66  ? O PHE O 66  
C 3 4 O SER B 65  ? O SER O 65  N ASN B 60  ? N ASN O 60  
D 1 2 N ILE B 10  ? N ILE O 10  O THR B 110 ? O THR O 110 
D 2 3 O VAL B 109 ? O VAL O 109 N GLY B 79  ? N GLY O 79  
D 3 4 O THR B 80  ? O THR O 80  N LYS B 39  ? N LYS O 39  
D 4 5 N ARG B 38  ? N ARG O 38  O GLU B 47  ? O GLU O 47  
# 
_pdbx_entry_details.entry_id                   2I27 
_pdbx_entry_details.compound_details           ? 
_pdbx_entry_details.source_details             ? 
_pdbx_entry_details.nonpolymer_details         ? 
_pdbx_entry_details.sequence_details           ? 
_pdbx_entry_details.has_ligand_of_interest     ? 
_pdbx_entry_details.has_protein_modification   Y 
# 
loop_
_pdbx_validate_rmsd_bond.id 
_pdbx_validate_rmsd_bond.PDB_model_num 
_pdbx_validate_rmsd_bond.auth_atom_id_1 
_pdbx_validate_rmsd_bond.auth_asym_id_1 
_pdbx_validate_rmsd_bond.auth_comp_id_1 
_pdbx_validate_rmsd_bond.auth_seq_id_1 
_pdbx_validate_rmsd_bond.PDB_ins_code_1 
_pdbx_validate_rmsd_bond.label_alt_id_1 
_pdbx_validate_rmsd_bond.auth_atom_id_2 
_pdbx_validate_rmsd_bond.auth_asym_id_2 
_pdbx_validate_rmsd_bond.auth_comp_id_2 
_pdbx_validate_rmsd_bond.auth_seq_id_2 
_pdbx_validate_rmsd_bond.PDB_ins_code_2 
_pdbx_validate_rmsd_bond.label_alt_id_2 
_pdbx_validate_rmsd_bond.bond_value 
_pdbx_validate_rmsd_bond.bond_target_value 
_pdbx_validate_rmsd_bond.bond_deviation 
_pdbx_validate_rmsd_bond.bond_standard_deviation 
_pdbx_validate_rmsd_bond.linker_flag 
1 1 CD O GLU 13  ? ? OE1 O GLU 13  ? ? 1.387 1.252 0.135 0.011 N 
2 1 CD O GLU 13  ? ? OE2 O GLU 13  ? ? 1.384 1.252 0.132 0.011 N 
3 1 CD O GLU 16  ? ? OE1 O GLU 16  ? ? 1.349 1.252 0.097 0.011 N 
4 1 CD O GLU 16  ? ? OE2 O GLU 16  ? ? 1.363 1.252 0.111 0.011 N 
5 1 CG O ASN 112 ? ? OD1 O ASN 112 ? ? 1.389 1.235 0.154 0.022 N 
6 1 C  O ALA 113 ? ? O   O ALA 113 ? ? 1.446 1.229 0.217 0.019 N 
# 
_pdbx_validate_rmsd_angle.id                         1 
_pdbx_validate_rmsd_angle.PDB_model_num              1 
_pdbx_validate_rmsd_angle.auth_atom_id_1             NE 
_pdbx_validate_rmsd_angle.auth_asym_id_1             O 
_pdbx_validate_rmsd_angle.auth_comp_id_1             ARG 
_pdbx_validate_rmsd_angle.auth_seq_id_1              2 
_pdbx_validate_rmsd_angle.PDB_ins_code_1             ? 
_pdbx_validate_rmsd_angle.label_alt_id_1             ? 
_pdbx_validate_rmsd_angle.auth_atom_id_2             CZ 
_pdbx_validate_rmsd_angle.auth_asym_id_2             O 
_pdbx_validate_rmsd_angle.auth_comp_id_2             ARG 
_pdbx_validate_rmsd_angle.auth_seq_id_2              2 
_pdbx_validate_rmsd_angle.PDB_ins_code_2             ? 
_pdbx_validate_rmsd_angle.label_alt_id_2             ? 
_pdbx_validate_rmsd_angle.auth_atom_id_3             NH1 
_pdbx_validate_rmsd_angle.auth_asym_id_3             O 
_pdbx_validate_rmsd_angle.auth_comp_id_3             ARG 
_pdbx_validate_rmsd_angle.auth_seq_id_3              2 
_pdbx_validate_rmsd_angle.PDB_ins_code_3             ? 
_pdbx_validate_rmsd_angle.label_alt_id_3             ? 
_pdbx_validate_rmsd_angle.angle_value                116.80 
_pdbx_validate_rmsd_angle.angle_target_value         120.30 
_pdbx_validate_rmsd_angle.angle_deviation            -3.50 
_pdbx_validate_rmsd_angle.angle_standard_deviation   0.50 
_pdbx_validate_rmsd_angle.linker_flag                N 
# 
loop_
_pdbx_validate_torsion.id 
_pdbx_validate_torsion.PDB_model_num 
_pdbx_validate_torsion.auth_comp_id 
_pdbx_validate_torsion.auth_asym_id 
_pdbx_validate_torsion.auth_seq_id 
_pdbx_validate_torsion.PDB_ins_code 
_pdbx_validate_torsion.label_alt_id 
_pdbx_validate_torsion.phi 
_pdbx_validate_torsion.psi 
1 1 ASN N 100 ? ? -89.74  31.75 
2 1 THR O 44  ? ? -115.36 74.20 
# 
loop_
_pdbx_refine_tls.id 
_pdbx_refine_tls.details 
_pdbx_refine_tls.method 
_pdbx_refine_tls.origin_x 
_pdbx_refine_tls.origin_y 
_pdbx_refine_tls.origin_z 
_pdbx_refine_tls.T[1][1] 
_pdbx_refine_tls.T[2][2] 
_pdbx_refine_tls.T[3][3] 
_pdbx_refine_tls.T[1][2] 
_pdbx_refine_tls.T[1][3] 
_pdbx_refine_tls.T[2][3] 
_pdbx_refine_tls.L[1][1] 
_pdbx_refine_tls.L[2][2] 
_pdbx_refine_tls.L[3][3] 
_pdbx_refine_tls.L[1][2] 
_pdbx_refine_tls.L[1][3] 
_pdbx_refine_tls.L[2][3] 
_pdbx_refine_tls.S[1][1] 
_pdbx_refine_tls.S[1][2] 
_pdbx_refine_tls.S[1][3] 
_pdbx_refine_tls.S[2][1] 
_pdbx_refine_tls.S[2][2] 
_pdbx_refine_tls.S[2][3] 
_pdbx_refine_tls.S[3][1] 
_pdbx_refine_tls.S[3][2] 
_pdbx_refine_tls.S[3][3] 
_pdbx_refine_tls.pdbx_refine_id 
1 ? refined 12.5736  0.2849  -1.8848 -0.1787 -0.2067 -0.1474 -0.0445 0.0308 0.0273  4.6679 3.4815 3.9116 -1.1293 1.0058  0.7005  0.0913  0.2184 0.2497  0.1171 -0.1641 -0.1918 -0.0125 0.1252  0.0728 'X-RAY DIFFRACTION' 
2 ? refined -12.5608 -0.0798 1.8666  -0.2194 -0.1138 -0.1527 -0.0399 0.0018 -0.0232 4.0922 4.2481 7.6242 1.1885  -3.1551 -0.9397 -0.0733 0.5113 -0.0741 0.0808 -0.0003 -0.2785 -0.0656 -0.5074 0.0737 'X-RAY DIFFRACTION' 
# 
loop_
_pdbx_refine_tls_group.id 
_pdbx_refine_tls_group.refine_tls_id 
_pdbx_refine_tls_group.beg_auth_asym_id 
_pdbx_refine_tls_group.beg_auth_seq_id 
_pdbx_refine_tls_group.beg_label_asym_id 
_pdbx_refine_tls_group.beg_label_seq_id 
_pdbx_refine_tls_group.end_auth_asym_id 
_pdbx_refine_tls_group.end_auth_seq_id 
_pdbx_refine_tls_group.end_label_asym_id 
_pdbx_refine_tls_group.end_label_seq_id 
_pdbx_refine_tls_group.selection 
_pdbx_refine_tls_group.pdbx_refine_id 
_pdbx_refine_tls_group.selection_details 
1 1 N 2 A 2 N 114 A 114 ? 'X-RAY DIFFRACTION' ? 
2 2 O 2 B 2 O 113 B 113 ? 'X-RAY DIFFRACTION' ? 
# 
_pdbx_database_remark.id     999 
_pdbx_database_remark.text   
;SEQUENCE
AT THE TIME OF PROCESSING, A UNP REFERENCE SEQUENCE
WAS NOT AVAILABLE FOR THE NEW ANTIGEN RECEPTOR 
ANCESTRAL.
;
# 
loop_
_pdbx_unobs_or_zero_occ_residues.id 
_pdbx_unobs_or_zero_occ_residues.PDB_model_num 
_pdbx_unobs_or_zero_occ_residues.polymer_flag 
_pdbx_unobs_or_zero_occ_residues.occupancy_flag 
_pdbx_unobs_or_zero_occ_residues.auth_asym_id 
_pdbx_unobs_or_zero_occ_residues.auth_comp_id 
_pdbx_unobs_or_zero_occ_residues.auth_seq_id 
_pdbx_unobs_or_zero_occ_residues.PDB_ins_code 
_pdbx_unobs_or_zero_occ_residues.label_asym_id 
_pdbx_unobs_or_zero_occ_residues.label_comp_id 
_pdbx_unobs_or_zero_occ_residues.label_seq_id 
1  1 Y 1 N ALA 1   ? A ALA 1   
2  1 Y 1 N TYR 89  ? A TYR 89  
3  1 Y 1 N GLY 90  ? A GLY 90  
4  1 Y 1 N SER 91  ? A SER 91  
5  1 Y 1 N TYR 92  ? A TYR 92  
6  1 Y 1 N ALA 115 ? A ALA 115 
7  1 Y 1 N HIS 116 ? A HIS 116 
8  1 Y 1 N HIS 117 ? A HIS 117 
9  1 Y 1 N HIS 118 ? A HIS 118 
10 1 Y 1 N HIS 119 ? A HIS 119 
11 1 Y 1 N HIS 120 ? A HIS 120 
12 1 Y 1 N HIS 121 ? A HIS 121 
13 1 Y 1 O ALA 1   ? B ALA 1   
14 1 Y 1 O TYR 89  ? B TYR 89  
15 1 Y 1 O GLY 90  ? B GLY 90  
16 1 Y 1 O SER 91  ? B SER 91  
17 1 Y 1 O TYR 92  ? B TYR 92  
18 1 Y 1 O ALA 114 ? B ALA 114 
19 1 Y 1 O ALA 115 ? B ALA 115 
20 1 Y 1 O HIS 116 ? B HIS 116 
21 1 Y 1 O HIS 117 ? B HIS 117 
22 1 Y 1 O HIS 118 ? B HIS 118 
23 1 Y 1 O HIS 119 ? B HIS 119 
24 1 Y 1 O HIS 120 ? B HIS 120 
25 1 Y 1 O HIS 121 ? B HIS 121 
# 
loop_
_chem_comp_atom.comp_id 
_chem_comp_atom.atom_id 
_chem_comp_atom.type_symbol 
_chem_comp_atom.pdbx_aromatic_flag 
_chem_comp_atom.pdbx_stereo_config 
_chem_comp_atom.pdbx_ordinal 
ALA N    N N N 1   
ALA CA   C N S 2   
ALA C    C N N 3   
ALA O    O N N 4   
ALA CB   C N N 5   
ALA OXT  O N N 6   
ALA H    H N N 7   
ALA H2   H N N 8   
ALA HA   H N N 9   
ALA HB1  H N N 10  
ALA HB2  H N N 11  
ALA HB3  H N N 12  
ALA HXT  H N N 13  
ARG N    N N N 14  
ARG CA   C N S 15  
ARG C    C N N 16  
ARG O    O N N 17  
ARG CB   C N N 18  
ARG CG   C N N 19  
ARG CD   C N N 20  
ARG NE   N N N 21  
ARG CZ   C N N 22  
ARG NH1  N N N 23  
ARG NH2  N N N 24  
ARG OXT  O N N 25  
ARG H    H N N 26  
ARG H2   H N N 27  
ARG HA   H N N 28  
ARG HB2  H N N 29  
ARG HB3  H N N 30  
ARG HG2  H N N 31  
ARG HG3  H N N 32  
ARG HD2  H N N 33  
ARG HD3  H N N 34  
ARG HE   H N N 35  
ARG HH11 H N N 36  
ARG HH12 H N N 37  
ARG HH21 H N N 38  
ARG HH22 H N N 39  
ARG HXT  H N N 40  
ASN N    N N N 41  
ASN CA   C N S 42  
ASN C    C N N 43  
ASN O    O N N 44  
ASN CB   C N N 45  
ASN CG   C N N 46  
ASN OD1  O N N 47  
ASN ND2  N N N 48  
ASN OXT  O N N 49  
ASN H    H N N 50  
ASN H2   H N N 51  
ASN HA   H N N 52  
ASN HB2  H N N 53  
ASN HB3  H N N 54  
ASN HD21 H N N 55  
ASN HD22 H N N 56  
ASN HXT  H N N 57  
ASP N    N N N 58  
ASP CA   C N S 59  
ASP C    C N N 60  
ASP O    O N N 61  
ASP CB   C N N 62  
ASP CG   C N N 63  
ASP OD1  O N N 64  
ASP OD2  O N N 65  
ASP OXT  O N N 66  
ASP H    H N N 67  
ASP H2   H N N 68  
ASP HA   H N N 69  
ASP HB2  H N N 70  
ASP HB3  H N N 71  
ASP HD2  H N N 72  
ASP HXT  H N N 73  
CYS N    N N N 74  
CYS CA   C N R 75  
CYS C    C N N 76  
CYS O    O N N 77  
CYS CB   C N N 78  
CYS SG   S N N 79  
CYS OXT  O N N 80  
CYS H    H N N 81  
CYS H2   H N N 82  
CYS HA   H N N 83  
CYS HB2  H N N 84  
CYS HB3  H N N 85  
CYS HG   H N N 86  
CYS HXT  H N N 87  
GLN N    N N N 88  
GLN CA   C N S 89  
GLN C    C N N 90  
GLN O    O N N 91  
GLN CB   C N N 92  
GLN CG   C N N 93  
GLN CD   C N N 94  
GLN OE1  O N N 95  
GLN NE2  N N N 96  
GLN OXT  O N N 97  
GLN H    H N N 98  
GLN H2   H N N 99  
GLN HA   H N N 100 
GLN HB2  H N N 101 
GLN HB3  H N N 102 
GLN HG2  H N N 103 
GLN HG3  H N N 104 
GLN HE21 H N N 105 
GLN HE22 H N N 106 
GLN HXT  H N N 107 
GLU N    N N N 108 
GLU CA   C N S 109 
GLU C    C N N 110 
GLU O    O N N 111 
GLU CB   C N N 112 
GLU CG   C N N 113 
GLU CD   C N N 114 
GLU OE1  O N N 115 
GLU OE2  O N N 116 
GLU OXT  O N N 117 
GLU H    H N N 118 
GLU H2   H N N 119 
GLU HA   H N N 120 
GLU HB2  H N N 121 
GLU HB3  H N N 122 
GLU HG2  H N N 123 
GLU HG3  H N N 124 
GLU HE2  H N N 125 
GLU HXT  H N N 126 
GLY N    N N N 127 
GLY CA   C N N 128 
GLY C    C N N 129 
GLY O    O N N 130 
GLY OXT  O N N 131 
GLY H    H N N 132 
GLY H2   H N N 133 
GLY HA2  H N N 134 
GLY HA3  H N N 135 
GLY HXT  H N N 136 
HIS N    N N N 137 
HIS CA   C N S 138 
HIS C    C N N 139 
HIS O    O N N 140 
HIS CB   C N N 141 
HIS CG   C Y N 142 
HIS ND1  N Y N 143 
HIS CD2  C Y N 144 
HIS CE1  C Y N 145 
HIS NE2  N Y N 146 
HIS OXT  O N N 147 
HIS H    H N N 148 
HIS H2   H N N 149 
HIS HA   H N N 150 
HIS HB2  H N N 151 
HIS HB3  H N N 152 
HIS HD1  H N N 153 
HIS HD2  H N N 154 
HIS HE1  H N N 155 
HIS HE2  H N N 156 
HIS HXT  H N N 157 
HOH O    O N N 158 
HOH H1   H N N 159 
HOH H2   H N N 160 
ILE N    N N N 161 
ILE CA   C N S 162 
ILE C    C N N 163 
ILE O    O N N 164 
ILE CB   C N S 165 
ILE CG1  C N N 166 
ILE CG2  C N N 167 
ILE CD1  C N N 168 
ILE OXT  O N N 169 
ILE H    H N N 170 
ILE H2   H N N 171 
ILE HA   H N N 172 
ILE HB   H N N 173 
ILE HG12 H N N 174 
ILE HG13 H N N 175 
ILE HG21 H N N 176 
ILE HG22 H N N 177 
ILE HG23 H N N 178 
ILE HD11 H N N 179 
ILE HD12 H N N 180 
ILE HD13 H N N 181 
ILE HXT  H N N 182 
LEU N    N N N 183 
LEU CA   C N S 184 
LEU C    C N N 185 
LEU O    O N N 186 
LEU CB   C N N 187 
LEU CG   C N N 188 
LEU CD1  C N N 189 
LEU CD2  C N N 190 
LEU OXT  O N N 191 
LEU H    H N N 192 
LEU H2   H N N 193 
LEU HA   H N N 194 
LEU HB2  H N N 195 
LEU HB3  H N N 196 
LEU HG   H N N 197 
LEU HD11 H N N 198 
LEU HD12 H N N 199 
LEU HD13 H N N 200 
LEU HD21 H N N 201 
LEU HD22 H N N 202 
LEU HD23 H N N 203 
LEU HXT  H N N 204 
LYS N    N N N 205 
LYS CA   C N S 206 
LYS C    C N N 207 
LYS O    O N N 208 
LYS CB   C N N 209 
LYS CG   C N N 210 
LYS CD   C N N 211 
LYS CE   C N N 212 
LYS NZ   N N N 213 
LYS OXT  O N N 214 
LYS H    H N N 215 
LYS H2   H N N 216 
LYS HA   H N N 217 
LYS HB2  H N N 218 
LYS HB3  H N N 219 
LYS HG2  H N N 220 
LYS HG3  H N N 221 
LYS HD2  H N N 222 
LYS HD3  H N N 223 
LYS HE2  H N N 224 
LYS HE3  H N N 225 
LYS HZ1  H N N 226 
LYS HZ2  H N N 227 
LYS HZ3  H N N 228 
LYS HXT  H N N 229 
PHE N    N N N 230 
PHE CA   C N S 231 
PHE C    C N N 232 
PHE O    O N N 233 
PHE CB   C N N 234 
PHE CG   C Y N 235 
PHE CD1  C Y N 236 
PHE CD2  C Y N 237 
PHE CE1  C Y N 238 
PHE CE2  C Y N 239 
PHE CZ   C Y N 240 
PHE OXT  O N N 241 
PHE H    H N N 242 
PHE H2   H N N 243 
PHE HA   H N N 244 
PHE HB2  H N N 245 
PHE HB3  H N N 246 
PHE HD1  H N N 247 
PHE HD2  H N N 248 
PHE HE1  H N N 249 
PHE HE2  H N N 250 
PHE HZ   H N N 251 
PHE HXT  H N N 252 
PRO N    N N N 253 
PRO CA   C N S 254 
PRO C    C N N 255 
PRO O    O N N 256 
PRO CB   C N N 257 
PRO CG   C N N 258 
PRO CD   C N N 259 
PRO OXT  O N N 260 
PRO H    H N N 261 
PRO HA   H N N 262 
PRO HB2  H N N 263 
PRO HB3  H N N 264 
PRO HG2  H N N 265 
PRO HG3  H N N 266 
PRO HD2  H N N 267 
PRO HD3  H N N 268 
PRO HXT  H N N 269 
SER N    N N N 270 
SER CA   C N S 271 
SER C    C N N 272 
SER O    O N N 273 
SER CB   C N N 274 
SER OG   O N N 275 
SER OXT  O N N 276 
SER H    H N N 277 
SER H2   H N N 278 
SER HA   H N N 279 
SER HB2  H N N 280 
SER HB3  H N N 281 
SER HG   H N N 282 
SER HXT  H N N 283 
THR N    N N N 284 
THR CA   C N S 285 
THR C    C N N 286 
THR O    O N N 287 
THR CB   C N R 288 
THR OG1  O N N 289 
THR CG2  C N N 290 
THR OXT  O N N 291 
THR H    H N N 292 
THR H2   H N N 293 
THR HA   H N N 294 
THR HB   H N N 295 
THR HG1  H N N 296 
THR HG21 H N N 297 
THR HG22 H N N 298 
THR HG23 H N N 299 
THR HXT  H N N 300 
TRP N    N N N 301 
TRP CA   C N S 302 
TRP C    C N N 303 
TRP O    O N N 304 
TRP CB   C N N 305 
TRP CG   C Y N 306 
TRP CD1  C Y N 307 
TRP CD2  C Y N 308 
TRP NE1  N Y N 309 
TRP CE2  C Y N 310 
TRP CE3  C Y N 311 
TRP CZ2  C Y N 312 
TRP CZ3  C Y N 313 
TRP CH2  C Y N 314 
TRP OXT  O N N 315 
TRP H    H N N 316 
TRP H2   H N N 317 
TRP HA   H N N 318 
TRP HB2  H N N 319 
TRP HB3  H N N 320 
TRP HD1  H N N 321 
TRP HE1  H N N 322 
TRP HE3  H N N 323 
TRP HZ2  H N N 324 
TRP HZ3  H N N 325 
TRP HH2  H N N 326 
TRP HXT  H N N 327 
TYR N    N N N 328 
TYR CA   C N S 329 
TYR C    C N N 330 
TYR O    O N N 331 
TYR CB   C N N 332 
TYR CG   C Y N 333 
TYR CD1  C Y N 334 
TYR CD2  C Y N 335 
TYR CE1  C Y N 336 
TYR CE2  C Y N 337 
TYR CZ   C Y N 338 
TYR OH   O N N 339 
TYR OXT  O N N 340 
TYR H    H N N 341 
TYR H2   H N N 342 
TYR HA   H N N 343 
TYR HB2  H N N 344 
TYR HB3  H N N 345 
TYR HD1  H N N 346 
TYR HD2  H N N 347 
TYR HE1  H N N 348 
TYR HE2  H N N 349 
TYR HH   H N N 350 
TYR HXT  H N N 351 
VAL N    N N N 352 
VAL CA   C N S 353 
VAL C    C N N 354 
VAL O    O N N 355 
VAL CB   C N N 356 
VAL CG1  C N N 357 
VAL CG2  C N N 358 
VAL OXT  O N N 359 
VAL H    H N N 360 
VAL H2   H N N 361 
VAL HA   H N N 362 
VAL HB   H N N 363 
VAL HG11 H N N 364 
VAL HG12 H N N 365 
VAL HG13 H N N 366 
VAL HG21 H N N 367 
VAL HG22 H N N 368 
VAL HG23 H N N 369 
VAL HXT  H N N 370 
# 
loop_
_chem_comp_bond.comp_id 
_chem_comp_bond.atom_id_1 
_chem_comp_bond.atom_id_2 
_chem_comp_bond.value_order 
_chem_comp_bond.pdbx_aromatic_flag 
_chem_comp_bond.pdbx_stereo_config 
_chem_comp_bond.pdbx_ordinal 
ALA N   CA   sing N N 1   
ALA N   H    sing N N 2   
ALA N   H2   sing N N 3   
ALA CA  C    sing N N 4   
ALA CA  CB   sing N N 5   
ALA CA  HA   sing N N 6   
ALA C   O    doub N N 7   
ALA C   OXT  sing N N 8   
ALA CB  HB1  sing N N 9   
ALA CB  HB2  sing N N 10  
ALA CB  HB3  sing N N 11  
ALA OXT HXT  sing N N 12  
ARG N   CA   sing N N 13  
ARG N   H    sing N N 14  
ARG N   H2   sing N N 15  
ARG CA  C    sing N N 16  
ARG CA  CB   sing N N 17  
ARG CA  HA   sing N N 18  
ARG C   O    doub N N 19  
ARG C   OXT  sing N N 20  
ARG CB  CG   sing N N 21  
ARG CB  HB2  sing N N 22  
ARG CB  HB3  sing N N 23  
ARG CG  CD   sing N N 24  
ARG CG  HG2  sing N N 25  
ARG CG  HG3  sing N N 26  
ARG CD  NE   sing N N 27  
ARG CD  HD2  sing N N 28  
ARG CD  HD3  sing N N 29  
ARG NE  CZ   sing N N 30  
ARG NE  HE   sing N N 31  
ARG CZ  NH1  sing N N 32  
ARG CZ  NH2  doub N N 33  
ARG NH1 HH11 sing N N 34  
ARG NH1 HH12 sing N N 35  
ARG NH2 HH21 sing N N 36  
ARG NH2 HH22 sing N N 37  
ARG OXT HXT  sing N N 38  
ASN N   CA   sing N N 39  
ASN N   H    sing N N 40  
ASN N   H2   sing N N 41  
ASN CA  C    sing N N 42  
ASN CA  CB   sing N N 43  
ASN CA  HA   sing N N 44  
ASN C   O    doub N N 45  
ASN C   OXT  sing N N 46  
ASN CB  CG   sing N N 47  
ASN CB  HB2  sing N N 48  
ASN CB  HB3  sing N N 49  
ASN CG  OD1  doub N N 50  
ASN CG  ND2  sing N N 51  
ASN ND2 HD21 sing N N 52  
ASN ND2 HD22 sing N N 53  
ASN OXT HXT  sing N N 54  
ASP N   CA   sing N N 55  
ASP N   H    sing N N 56  
ASP N   H2   sing N N 57  
ASP CA  C    sing N N 58  
ASP CA  CB   sing N N 59  
ASP CA  HA   sing N N 60  
ASP C   O    doub N N 61  
ASP C   OXT  sing N N 62  
ASP CB  CG   sing N N 63  
ASP CB  HB2  sing N N 64  
ASP CB  HB3  sing N N 65  
ASP CG  OD1  doub N N 66  
ASP CG  OD2  sing N N 67  
ASP OD2 HD2  sing N N 68  
ASP OXT HXT  sing N N 69  
CYS N   CA   sing N N 70  
CYS N   H    sing N N 71  
CYS N   H2   sing N N 72  
CYS CA  C    sing N N 73  
CYS CA  CB   sing N N 74  
CYS CA  HA   sing N N 75  
CYS C   O    doub N N 76  
CYS C   OXT  sing N N 77  
CYS CB  SG   sing N N 78  
CYS CB  HB2  sing N N 79  
CYS CB  HB3  sing N N 80  
CYS SG  HG   sing N N 81  
CYS OXT HXT  sing N N 82  
GLN N   CA   sing N N 83  
GLN N   H    sing N N 84  
GLN N   H2   sing N N 85  
GLN CA  C    sing N N 86  
GLN CA  CB   sing N N 87  
GLN CA  HA   sing N N 88  
GLN C   O    doub N N 89  
GLN C   OXT  sing N N 90  
GLN CB  CG   sing N N 91  
GLN CB  HB2  sing N N 92  
GLN CB  HB3  sing N N 93  
GLN CG  CD   sing N N 94  
GLN CG  HG2  sing N N 95  
GLN CG  HG3  sing N N 96  
GLN CD  OE1  doub N N 97  
GLN CD  NE2  sing N N 98  
GLN NE2 HE21 sing N N 99  
GLN NE2 HE22 sing N N 100 
GLN OXT HXT  sing N N 101 
GLU N   CA   sing N N 102 
GLU N   H    sing N N 103 
GLU N   H2   sing N N 104 
GLU CA  C    sing N N 105 
GLU CA  CB   sing N N 106 
GLU CA  HA   sing N N 107 
GLU C   O    doub N N 108 
GLU C   OXT  sing N N 109 
GLU CB  CG   sing N N 110 
GLU CB  HB2  sing N N 111 
GLU CB  HB3  sing N N 112 
GLU CG  CD   sing N N 113 
GLU CG  HG2  sing N N 114 
GLU CG  HG3  sing N N 115 
GLU CD  OE1  doub N N 116 
GLU CD  OE2  sing N N 117 
GLU OE2 HE2  sing N N 118 
GLU OXT HXT  sing N N 119 
GLY N   CA   sing N N 120 
GLY N   H    sing N N 121 
GLY N   H2   sing N N 122 
GLY CA  C    sing N N 123 
GLY CA  HA2  sing N N 124 
GLY CA  HA3  sing N N 125 
GLY C   O    doub N N 126 
GLY C   OXT  sing N N 127 
GLY OXT HXT  sing N N 128 
HIS N   CA   sing N N 129 
HIS N   H    sing N N 130 
HIS N   H2   sing N N 131 
HIS CA  C    sing N N 132 
HIS CA  CB   sing N N 133 
HIS CA  HA   sing N N 134 
HIS C   O    doub N N 135 
HIS C   OXT  sing N N 136 
HIS CB  CG   sing N N 137 
HIS CB  HB2  sing N N 138 
HIS CB  HB3  sing N N 139 
HIS CG  ND1  sing Y N 140 
HIS CG  CD2  doub Y N 141 
HIS ND1 CE1  doub Y N 142 
HIS ND1 HD1  sing N N 143 
HIS CD2 NE2  sing Y N 144 
HIS CD2 HD2  sing N N 145 
HIS CE1 NE2  sing Y N 146 
HIS CE1 HE1  sing N N 147 
HIS NE2 HE2  sing N N 148 
HIS OXT HXT  sing N N 149 
HOH O   H1   sing N N 150 
HOH O   H2   sing N N 151 
ILE N   CA   sing N N 152 
ILE N   H    sing N N 153 
ILE N   H2   sing N N 154 
ILE CA  C    sing N N 155 
ILE CA  CB   sing N N 156 
ILE CA  HA   sing N N 157 
ILE C   O    doub N N 158 
ILE C   OXT  sing N N 159 
ILE CB  CG1  sing N N 160 
ILE CB  CG2  sing N N 161 
ILE CB  HB   sing N N 162 
ILE CG1 CD1  sing N N 163 
ILE CG1 HG12 sing N N 164 
ILE CG1 HG13 sing N N 165 
ILE CG2 HG21 sing N N 166 
ILE CG2 HG22 sing N N 167 
ILE CG2 HG23 sing N N 168 
ILE CD1 HD11 sing N N 169 
ILE CD1 HD12 sing N N 170 
ILE CD1 HD13 sing N N 171 
ILE OXT HXT  sing N N 172 
LEU N   CA   sing N N 173 
LEU N   H    sing N N 174 
LEU N   H2   sing N N 175 
LEU CA  C    sing N N 176 
LEU CA  CB   sing N N 177 
LEU CA  HA   sing N N 178 
LEU C   O    doub N N 179 
LEU C   OXT  sing N N 180 
LEU CB  CG   sing N N 181 
LEU CB  HB2  sing N N 182 
LEU CB  HB3  sing N N 183 
LEU CG  CD1  sing N N 184 
LEU CG  CD2  sing N N 185 
LEU CG  HG   sing N N 186 
LEU CD1 HD11 sing N N 187 
LEU CD1 HD12 sing N N 188 
LEU CD1 HD13 sing N N 189 
LEU CD2 HD21 sing N N 190 
LEU CD2 HD22 sing N N 191 
LEU CD2 HD23 sing N N 192 
LEU OXT HXT  sing N N 193 
LYS N   CA   sing N N 194 
LYS N   H    sing N N 195 
LYS N   H2   sing N N 196 
LYS CA  C    sing N N 197 
LYS CA  CB   sing N N 198 
LYS CA  HA   sing N N 199 
LYS C   O    doub N N 200 
LYS C   OXT  sing N N 201 
LYS CB  CG   sing N N 202 
LYS CB  HB2  sing N N 203 
LYS CB  HB3  sing N N 204 
LYS CG  CD   sing N N 205 
LYS CG  HG2  sing N N 206 
LYS CG  HG3  sing N N 207 
LYS CD  CE   sing N N 208 
LYS CD  HD2  sing N N 209 
LYS CD  HD3  sing N N 210 
LYS CE  NZ   sing N N 211 
LYS CE  HE2  sing N N 212 
LYS CE  HE3  sing N N 213 
LYS NZ  HZ1  sing N N 214 
LYS NZ  HZ2  sing N N 215 
LYS NZ  HZ3  sing N N 216 
LYS OXT HXT  sing N N 217 
PHE N   CA   sing N N 218 
PHE N   H    sing N N 219 
PHE N   H2   sing N N 220 
PHE CA  C    sing N N 221 
PHE CA  CB   sing N N 222 
PHE CA  HA   sing N N 223 
PHE C   O    doub N N 224 
PHE C   OXT  sing N N 225 
PHE CB  CG   sing N N 226 
PHE CB  HB2  sing N N 227 
PHE CB  HB3  sing N N 228 
PHE CG  CD1  doub Y N 229 
PHE CG  CD2  sing Y N 230 
PHE CD1 CE1  sing Y N 231 
PHE CD1 HD1  sing N N 232 
PHE CD2 CE2  doub Y N 233 
PHE CD2 HD2  sing N N 234 
PHE CE1 CZ   doub Y N 235 
PHE CE1 HE1  sing N N 236 
PHE CE2 CZ   sing Y N 237 
PHE CE2 HE2  sing N N 238 
PHE CZ  HZ   sing N N 239 
PHE OXT HXT  sing N N 240 
PRO N   CA   sing N N 241 
PRO N   CD   sing N N 242 
PRO N   H    sing N N 243 
PRO CA  C    sing N N 244 
PRO CA  CB   sing N N 245 
PRO CA  HA   sing N N 246 
PRO C   O    doub N N 247 
PRO C   OXT  sing N N 248 
PRO CB  CG   sing N N 249 
PRO CB  HB2  sing N N 250 
PRO CB  HB3  sing N N 251 
PRO CG  CD   sing N N 252 
PRO CG  HG2  sing N N 253 
PRO CG  HG3  sing N N 254 
PRO CD  HD2  sing N N 255 
PRO CD  HD3  sing N N 256 
PRO OXT HXT  sing N N 257 
SER N   CA   sing N N 258 
SER N   H    sing N N 259 
SER N   H2   sing N N 260 
SER CA  C    sing N N 261 
SER CA  CB   sing N N 262 
SER CA  HA   sing N N 263 
SER C   O    doub N N 264 
SER C   OXT  sing N N 265 
SER CB  OG   sing N N 266 
SER CB  HB2  sing N N 267 
SER CB  HB3  sing N N 268 
SER OG  HG   sing N N 269 
SER OXT HXT  sing N N 270 
THR N   CA   sing N N 271 
THR N   H    sing N N 272 
THR N   H2   sing N N 273 
THR CA  C    sing N N 274 
THR CA  CB   sing N N 275 
THR CA  HA   sing N N 276 
THR C   O    doub N N 277 
THR C   OXT  sing N N 278 
THR CB  OG1  sing N N 279 
THR CB  CG2  sing N N 280 
THR CB  HB   sing N N 281 
THR OG1 HG1  sing N N 282 
THR CG2 HG21 sing N N 283 
THR CG2 HG22 sing N N 284 
THR CG2 HG23 sing N N 285 
THR OXT HXT  sing N N 286 
TRP N   CA   sing N N 287 
TRP N   H    sing N N 288 
TRP N   H2   sing N N 289 
TRP CA  C    sing N N 290 
TRP CA  CB   sing N N 291 
TRP CA  HA   sing N N 292 
TRP C   O    doub N N 293 
TRP C   OXT  sing N N 294 
TRP CB  CG   sing N N 295 
TRP CB  HB2  sing N N 296 
TRP CB  HB3  sing N N 297 
TRP CG  CD1  doub Y N 298 
TRP CG  CD2  sing Y N 299 
TRP CD1 NE1  sing Y N 300 
TRP CD1 HD1  sing N N 301 
TRP CD2 CE2  doub Y N 302 
TRP CD2 CE3  sing Y N 303 
TRP NE1 CE2  sing Y N 304 
TRP NE1 HE1  sing N N 305 
TRP CE2 CZ2  sing Y N 306 
TRP CE3 CZ3  doub Y N 307 
TRP CE3 HE3  sing N N 308 
TRP CZ2 CH2  doub Y N 309 
TRP CZ2 HZ2  sing N N 310 
TRP CZ3 CH2  sing Y N 311 
TRP CZ3 HZ3  sing N N 312 
TRP CH2 HH2  sing N N 313 
TRP OXT HXT  sing N N 314 
TYR N   CA   sing N N 315 
TYR N   H    sing N N 316 
TYR N   H2   sing N N 317 
TYR CA  C    sing N N 318 
TYR CA  CB   sing N N 319 
TYR CA  HA   sing N N 320 
TYR C   O    doub N N 321 
TYR C   OXT  sing N N 322 
TYR CB  CG   sing N N 323 
TYR CB  HB2  sing N N 324 
TYR CB  HB3  sing N N 325 
TYR CG  CD1  doub Y N 326 
TYR CG  CD2  sing Y N 327 
TYR CD1 CE1  sing Y N 328 
TYR CD1 HD1  sing N N 329 
TYR CD2 CE2  doub Y N 330 
TYR CD2 HD2  sing N N 331 
TYR CE1 CZ   doub Y N 332 
TYR CE1 HE1  sing N N 333 
TYR CE2 CZ   sing Y N 334 
TYR CE2 HE2  sing N N 335 
TYR CZ  OH   sing N N 336 
TYR OH  HH   sing N N 337 
TYR OXT HXT  sing N N 338 
VAL N   CA   sing N N 339 
VAL N   H    sing N N 340 
VAL N   H2   sing N N 341 
VAL CA  C    sing N N 342 
VAL CA  CB   sing N N 343 
VAL CA  HA   sing N N 344 
VAL C   O    doub N N 345 
VAL C   OXT  sing N N 346 
VAL CB  CG1  sing N N 347 
VAL CB  CG2  sing N N 348 
VAL CB  HB   sing N N 349 
VAL CG1 HG11 sing N N 350 
VAL CG1 HG12 sing N N 351 
VAL CG1 HG13 sing N N 352 
VAL CG2 HG21 sing N N 353 
VAL CG2 HG22 sing N N 354 
VAL CG2 HG23 sing N N 355 
VAL OXT HXT  sing N N 356 
# 
_atom_sites.entry_id                    2I27 
_atom_sites.fract_transf_matrix[1][1]   0.00257534 
_atom_sites.fract_transf_matrix[1][2]   0.01573775 
_atom_sites.fract_transf_matrix[1][3]   -0.00442643 
_atom_sites.fract_transf_matrix[2][1]   0.01604625 
_atom_sites.fract_transf_matrix[2][2]   -0.00275309 
_atom_sites.fract_transf_matrix[2][3]   -0.00045247 
_atom_sites.fract_transf_matrix[3][1]   -0.00068970 
_atom_sites.fract_transf_matrix[3][2]   -0.00249566 
_atom_sites.fract_transf_matrix[3][3]   -0.00927435 
_atom_sites.fract_transf_vector[1]      0.542729 
_atom_sites.fract_transf_vector[2]      0.300152 
_atom_sites.fract_transf_vector[3]      0.375234 
# 
loop_
_atom_type.symbol 
C 
N 
O 
S 
# 
loop_
_atom_site.group_PDB 
_atom_site.id 
_atom_site.type_symbol 
_atom_site.label_atom_id 
_atom_site.label_alt_id 
_atom_site.label_comp_id 
_atom_site.label_asym_id 
_atom_site.label_entity_id 
_atom_site.label_seq_id 
_atom_site.pdbx_PDB_ins_code 
_atom_site.Cartn_x 
_atom_site.Cartn_y 
_atom_site.Cartn_z 
_atom_site.occupancy 
_atom_site.B_iso_or_equiv 
_atom_site.pdbx_formal_charge 
_atom_site.auth_seq_id 
_atom_site.auth_comp_id 
_atom_site.auth_asym_id 
_atom_site.auth_atom_id 
_atom_site.pdbx_PDB_model_num 
ATOM   1    N N   . ARG A 1 2   ? 2.233   10.959  -2.849  1.00 29.06 ? 2   ARG N N   1 
ATOM   2    C CA  . ARG A 1 2   ? 2.780   10.268  -1.658  1.00 30.66 ? 2   ARG N CA  1 
ATOM   3    C C   . ARG A 1 2   ? 3.184   8.850   -1.961  1.00 30.15 ? 2   ARG N C   1 
ATOM   4    O O   . ARG A 1 2   ? 2.455   8.135   -2.688  1.00 29.02 ? 2   ARG N O   1 
ATOM   5    C CB  . ARG A 1 2   ? 1.717   10.258  -0.568  1.00 31.23 ? 2   ARG N CB  1 
ATOM   6    C CG  . ARG A 1 2   ? 2.265   9.829   0.790   1.00 31.93 ? 2   ARG N CG  1 
ATOM   7    C CD  . ARG A 1 2   ? 1.193   9.656   1.797   1.00 34.22 ? 2   ARG N CD  1 
ATOM   8    N NE  . ARG A 1 2   ? 0.357   8.553   1.393   1.00 36.04 ? 2   ARG N NE  1 
ATOM   9    C CZ  . ARG A 1 2   ? -0.834  8.693   0.845   1.00 36.66 ? 2   ARG N CZ  1 
ATOM   10   N NH1 . ARG A 1 2   ? -1.400  9.894   0.654   1.00 40.41 ? 2   ARG N NH1 1 
ATOM   11   N NH2 . ARG A 1 2   ? -1.502  7.608   0.531   1.00 38.56 ? 2   ARG N NH2 1 
ATOM   12   N N   . VAL A 1 3   ? 4.318   8.410   -1.395  1.00 30.78 ? 3   VAL N N   1 
ATOM   13   C CA  . VAL A 1 3   ? 4.804   7.075   -1.612  1.00 30.49 ? 3   VAL N CA  1 
ATOM   14   C C   . VAL A 1 3   ? 4.531   6.248   -0.360  1.00 31.84 ? 3   VAL N C   1 
ATOM   15   O O   . VAL A 1 3   ? 5.010   6.577   0.737   1.00 31.63 ? 3   VAL N O   1 
ATOM   16   C CB  . VAL A 1 3   ? 6.286   7.065   -1.885  1.00 31.45 ? 3   VAL N CB  1 
ATOM   17   C CG1 . VAL A 1 3   ? 6.772   5.646   -1.899  1.00 32.57 ? 3   VAL N CG1 1 
ATOM   18   C CG2 . VAL A 1 3   ? 6.560   7.696   -3.241  1.00 34.24 ? 3   VAL N CG2 1 
ATOM   19   N N   . ASP A 1 4   ? 3.720   5.212   -0.482  1.00 32.02 ? 4   ASP N N   1 
ATOM   20   C CA  . ASP A 1 4   ? 3.405   4.376   0.694   1.00 32.73 ? 4   ASP N CA  1 
ATOM   21   C C   . ASP A 1 4   ? 4.271   3.137   0.638   1.00 33.08 ? 4   ASP N C   1 
ATOM   22   O O   . ASP A 1 4   ? 4.048   2.249   -0.203  1.00 33.77 ? 4   ASP N O   1 
ATOM   23   C CB  . ASP A 1 4   ? 1.928   3.987   0.728   1.00 32.11 ? 4   ASP N CB  1 
ATOM   24   C CG  . ASP A 1 4   ? 0.996   5.146   1.052   1.00 33.56 ? 4   ASP N CG  1 
ATOM   25   O OD1 . ASP A 1 4   ? 1.379   6.118   1.701   1.00 33.42 ? 4   ASP N OD1 1 
ATOM   26   O OD2 . ASP A 1 4   ? -0.192  5.067   0.672   1.00 33.59 ? 4   ASP N OD2 1 
ATOM   27   N N   . GLN A 1 5   ? 5.219   3.034   1.570   1.00 34.02 ? 5   GLN N N   1 
ATOM   28   C CA  . GLN A 1 5   ? 6.184   1.937   1.633   1.00 33.18 ? 5   GLN N CA  1 
ATOM   29   C C   . GLN A 1 5   ? 5.891   1.063   2.811   1.00 34.23 ? 5   GLN N C   1 
ATOM   30   O O   . GLN A 1 5   ? 5.761   1.545   3.923   1.00 34.78 ? 5   GLN N O   1 
ATOM   31   C CB  . GLN A 1 5   ? 7.602   2.522   1.801   1.00 34.74 ? 5   GLN N CB  1 
ATOM   32   C CG  . GLN A 1 5   ? 8.711   1.528   1.883   1.00 33.31 ? 5   GLN N CG  1 
ATOM   33   C CD  . GLN A 1 5   ? 10.101  2.131   1.928   1.00 33.72 ? 5   GLN N CD  1 
ATOM   34   O OE1 . GLN A 1 5   ? 10.339  3.311   1.613   1.00 29.33 ? 5   GLN N OE1 1 
ATOM   35   N NE2 . GLN A 1 5   ? 11.043  1.303   2.336   1.00 34.15 ? 5   GLN N NE2 1 
ATOM   36   N N   . THR A 1 6   ? 5.820   -0.234  2.602   1.00 33.78 ? 6   THR N N   1 
ATOM   37   C CA  . THR A 1 6   ? 5.519   -1.117  3.689   1.00 34.02 ? 6   THR N CA  1 
ATOM   38   C C   . THR A 1 6   ? 6.322   -2.416  3.496   1.00 35.32 ? 6   THR N C   1 
ATOM   39   O O   . THR A 1 6   ? 6.750   -2.723  2.354   1.00 36.78 ? 6   THR N O   1 
ATOM   40   C CB  . THR A 1 6   ? 3.985   -1.461  3.764   1.00 34.82 ? 6   THR N CB  1 
ATOM   41   O OG1 . THR A 1 6   ? 3.565   -2.083  2.548   1.00 37.56 ? 6   THR N OG1 1 
ATOM   42   C CG2 . THR A 1 6   ? 3.119   -0.239  4.111   1.00 35.90 ? 6   THR N CG2 1 
ATOM   43   N N   . PRO A 1 7   ? 6.573   -3.165  4.605   1.00 36.59 ? 7   PRO N N   1 
ATOM   44   C CA  . PRO A 1 7   ? 6.339   -2.813  6.013   1.00 36.16 ? 7   PRO N CA  1 
ATOM   45   C C   . PRO A 1 7   ? 7.376   -1.844  6.569   1.00 37.20 ? 7   PRO N C   1 
ATOM   46   O O   . PRO A 1 7   ? 8.337   -1.495  5.862   1.00 39.54 ? 7   PRO N O   1 
ATOM   47   C CB  . PRO A 1 7   ? 6.397   -4.177  6.709   1.00 37.38 ? 7   PRO N CB  1 
ATOM   48   C CG  . PRO A 1 7   ? 7.427   -4.922  5.916   1.00 39.02 ? 7   PRO N CG  1 
ATOM   49   C CD  . PRO A 1 7   ? 7.127   -4.519  4.462   1.00 37.05 ? 7   PRO N CD  1 
ATOM   50   N N   . GLN A 1 8   ? 7.179   -1.379  7.802   1.00 37.17 ? 8   GLN N N   1 
ATOM   51   C CA  . GLN A 1 8   ? 8.067   -0.412  8.421   1.00 38.01 ? 8   GLN N CA  1 
ATOM   52   C C   . GLN A 1 8   ? 9.319   -1.105  8.994   1.00 36.37 ? 8   GLN N C   1 
ATOM   53   O O   . GLN A 1 8   ? 10.414  -0.512  9.008   1.00 34.38 ? 8   GLN N O   1 
ATOM   54   C CB  . GLN A 1 8   ? 7.327   0.367   9.524   1.00 40.16 ? 8   GLN N CB  1 
ATOM   55   C CG  . GLN A 1 8   ? 6.339   1.465   8.976   1.00 43.00 ? 8   GLN N CG  1 
ATOM   56   C CD  . GLN A 1 8   ? 5.814   2.446   10.056  1.00 43.89 ? 8   GLN N CD  1 
ATOM   57   O OE1 . GLN A 1 8   ? 6.076   2.302   11.278  1.00 51.85 ? 8   GLN N OE1 1 
ATOM   58   N NE2 . GLN A 1 8   ? 5.052   3.463   9.597   1.00 50.23 ? 8   GLN N NE2 1 
ATOM   59   N N   . THR A 1 9   ? 9.166   -2.351  9.446   1.00 35.35 ? 9   THR N N   1 
ATOM   60   C CA  . THR A 1 9   ? 10.321  -3.168  9.850   1.00 35.98 ? 9   THR N CA  1 
ATOM   61   C C   . THR A 1 9   ? 10.241  -4.623  9.482   1.00 34.83 ? 9   THR N C   1 
ATOM   62   O O   . THR A 1 9   ? 9.153   -5.213  9.420   1.00 33.50 ? 9   THR N O   1 
ATOM   63   C CB  . THR A 1 9   ? 10.591  -3.106  11.376  1.00 35.36 ? 9   THR N CB  1 
ATOM   64   O OG1 . THR A 1 9   ? 9.669   -3.939  12.052  1.00 39.10 ? 9   THR N OG1 1 
ATOM   65   C CG2 . THR A 1 9   ? 10.449  -1.710  11.846  1.00 38.83 ? 9   THR N CG2 1 
ATOM   66   N N   . ILE A 1 10  ? 11.408  -5.205  9.227   1.00 34.63 ? 10  ILE N N   1 
ATOM   67   C CA  . ILE A 1 10  ? 11.472  -6.618  8.839   1.00 33.74 ? 10  ILE N CA  1 
ATOM   68   C C   . ILE A 1 10  ? 12.616  -7.272  9.579   1.00 32.34 ? 10  ILE N C   1 
ATOM   69   O O   . ILE A 1 10  ? 13.678  -6.685  9.658   1.00 31.89 ? 10  ILE N O   1 
ATOM   70   C CB  . ILE A 1 10  ? 11.751  -6.748  7.327   1.00 32.80 ? 10  ILE N CB  1 
ATOM   71   C CG1 . ILE A 1 10  ? 10.616  -6.182  6.527   1.00 33.70 ? 10  ILE N CG1 1 
ATOM   72   C CG2 . ILE A 1 10  ? 12.010  -8.247  6.976   1.00 36.28 ? 10  ILE N CG2 1 
ATOM   73   C CD1 . ILE A 1 10  ? 10.848  -6.355  4.972   1.00 35.67 ? 10  ILE N CD1 1 
ATOM   74   N N   . THR A 1 11  ? 12.421  -8.465  10.139  1.00 31.92 ? 11  THR N N   1 
ATOM   75   C CA  . THR A 1 11  ? 13.524  -9.174  10.749  1.00 32.32 ? 11  THR N CA  1 
ATOM   76   C C   . THR A 1 11  ? 13.604  -10.595 10.153  1.00 32.61 ? 11  THR N C   1 
ATOM   77   O O   . THR A 1 11  ? 12.592  -11.300 10.137  1.00 31.24 ? 11  THR N O   1 
ATOM   78   C CB  . THR A 1 11  ? 13.414  -9.187  12.333  1.00 32.72 ? 11  THR N CB  1 
ATOM   79   O OG1 . THR A 1 11  ? 13.500  -7.838  12.824  1.00 33.24 ? 11  THR N OG1 1 
ATOM   80   C CG2 . THR A 1 11  ? 14.539  -9.995  12.964  1.00 31.14 ? 11  THR N CG2 1 
ATOM   81   N N   . LYS A 1 12  ? 14.765  -10.990 9.625   1.00 31.31 ? 12  LYS N N   1 
ATOM   82   C CA  . LYS A 1 12  ? 14.868  -12.315 8.976   1.00 31.65 ? 12  LYS N CA  1 
ATOM   83   C C   . LYS A 1 12  ? 16.118  -13.048 9.392   1.00 30.88 ? 12  LYS N C   1 
ATOM   84   O O   . LYS A 1 12  ? 17.073  -12.452 9.865   1.00 31.42 ? 12  LYS N O   1 
ATOM   85   C CB  . LYS A 1 12  ? 14.919  -12.182 7.472   1.00 31.11 ? 12  LYS N CB  1 
ATOM   86   C CG  . LYS A 1 12  ? 13.690  -11.619 6.787   1.00 33.22 ? 12  LYS N CG  1 
ATOM   87   C CD  . LYS A 1 12  ? 12.527  -12.577 6.720   1.00 34.91 ? 12  LYS N CD  1 
ATOM   88   C CE  . LYS A 1 12  ? 11.333  -11.899 6.011   1.00 35.44 ? 12  LYS N CE  1 
ATOM   89   N NZ  . LYS A 1 12  ? 10.162  -12.815 6.164   1.00 41.44 ? 12  LYS N NZ  1 
ATOM   90   N N   . GLU A 1 13  ? 16.137  -14.341 9.167   1.00 31.41 ? 13  GLU N N   1 
ATOM   91   C CA  . GLU A 1 13  ? 17.348  -15.119 9.378   1.00 31.31 ? 13  GLU N CA  1 
ATOM   92   C C   . GLU A 1 13  ? 18.201  -15.057 8.108   1.00 30.37 ? 13  GLU N C   1 
ATOM   93   O O   . GLU A 1 13  ? 17.680  -14.905 7.026   1.00 29.36 ? 13  GLU N O   1 
ATOM   94   C CB  . GLU A 1 13  ? 16.978  -16.566 9.691   1.00 32.81 ? 13  GLU N CB  1 
ATOM   95   C CG  . GLU A 1 13  ? 16.055  -16.726 10.906  1.00 36.17 ? 13  GLU N CG  1 
ATOM   96   C CD  . GLU A 1 13  ? 16.759  -16.414 12.207  1.00 38.21 ? 13  GLU N CD  1 
ATOM   97   O OE1 . GLU A 1 13  ? 17.374  -17.355 12.781  1.00 45.41 ? 13  GLU N OE1 1 
ATOM   98   O OE2 . GLU A 1 13  ? 16.704  -15.236 12.633  1.00 43.52 ? 13  GLU N OE2 1 
ATOM   99   N N   . THR A 1 14  ? 19.519  -15.112 8.253   1.00 30.25 ? 14  THR N N   1 
ATOM   100  C CA  . THR A 1 14  ? 20.434  -15.379 7.127   1.00 30.76 ? 14  THR N CA  1 
ATOM   101  C C   . THR A 1 14  ? 19.906  -16.530 6.207   1.00 29.67 ? 14  THR N C   1 
ATOM   102  O O   . THR A 1 14  ? 19.513  -17.623 6.696   1.00 26.30 ? 14  THR N O   1 
ATOM   103  C CB  . THR A 1 14  ? 21.890  -15.720 7.671   1.00 31.54 ? 14  THR N CB  1 
ATOM   104  O OG1 . THR A 1 14  ? 22.635  -14.504 7.913   1.00 34.02 ? 14  THR N OG1 1 
ATOM   105  C CG2 . THR A 1 14  ? 22.651  -16.573 6.722   1.00 31.64 ? 14  THR N CG2 1 
ATOM   106  N N   . GLY A 1 15  ? 19.902  -16.289 4.894   1.00 29.29 ? 15  GLY N N   1 
ATOM   107  C CA  . GLY A 1 15  ? 19.398  -17.276 3.903   1.00 29.87 ? 15  GLY N CA  1 
ATOM   108  C C   . GLY A 1 15  ? 17.945  -17.054 3.469   1.00 30.26 ? 15  GLY N C   1 
ATOM   109  O O   . GLY A 1 15  ? 17.529  -17.522 2.416   1.00 31.13 ? 15  GLY N O   1 
ATOM   110  N N   . GLU A 1 16  ? 17.159  -16.335 4.260   1.00 30.18 ? 16  GLU N N   1 
ATOM   111  C CA  . GLU A 1 16  ? 15.768  -16.102 3.957   1.00 29.83 ? 16  GLU N CA  1 
ATOM   112  C C   . GLU A 1 16  ? 15.688  -14.967 2.935   1.00 29.50 ? 16  GLU N C   1 
ATOM   113  O O   . GLU A 1 16  ? 16.702  -14.445 2.517   1.00 28.31 ? 16  GLU N O   1 
ATOM   114  C CB  . GLU A 1 16  ? 14.970  -15.737 5.218   1.00 29.12 ? 16  GLU N CB  1 
ATOM   115  C CG  . GLU A 1 16  ? 14.909  -16.826 6.259   1.00 30.87 ? 16  GLU N CG  1 
ATOM   116  C CD  . GLU A 1 16  ? 13.878  -16.589 7.339   1.00 29.98 ? 16  GLU N CD  1 
ATOM   117  O OE1 . GLU A 1 16  ? 13.723  -15.454 7.774   1.00 35.62 ? 16  GLU N OE1 1 
ATOM   118  O OE2 . GLU A 1 16  ? 13.263  -17.590 7.802   1.00 37.14 ? 16  GLU N OE2 1 
ATOM   119  N N   . SER A 1 17  ? 14.482  -14.601 2.550   1.00 30.56 ? 17  SER N N   1 
ATOM   120  C CA  . SER A 1 17  ? 14.303  -13.484 1.659   1.00 32.25 ? 17  SER N CA  1 
ATOM   121  C C   . SER A 1 17  ? 13.260  -12.561 2.231   1.00 32.74 ? 17  SER N C   1 
ATOM   122  O O   . SER A 1 17  ? 12.517  -12.967 3.131   1.00 32.64 ? 17  SER N O   1 
ATOM   123  C CB  . SER A 1 17  ? 13.913  -13.959 0.247   1.00 33.97 ? 17  SER N CB  1 
ATOM   124  O OG  . SER A 1 17  ? 12.659  -14.586 0.227   1.00 39.91 ? 17  SER N OG  1 
ATOM   125  N N   . LEU A 1 18  ? 13.198  -11.331 1.722   1.00 31.62 ? 18  LEU N N   1 
ATOM   126  C CA  . LEU A 1 18  ? 12.240  -10.330 2.255   1.00 32.86 ? 18  LEU N CA  1 
ATOM   127  C C   . LEU A 1 18  ? 11.733  -9.579  1.081   1.00 32.59 ? 18  LEU N C   1 
ATOM   128  O O   . LEU A 1 18  ? 12.389  -9.599  0.040   1.00 32.73 ? 18  LEU N O   1 
ATOM   129  C CB  . LEU A 1 18  ? 12.891  -9.347  3.221   1.00 32.67 ? 18  LEU N CB  1 
ATOM   130  C CG  . LEU A 1 18  ? 13.987  -8.397  2.671   1.00 34.19 ? 18  LEU N CG  1 
ATOM   131  C CD1 . LEU A 1 18  ? 13.361  -7.291  2.024   1.00 33.83 ? 18  LEU N CD1 1 
ATOM   132  C CD2 . LEU A 1 18  ? 14.886  -7.846  3.776   1.00 34.43 ? 18  LEU N CD2 1 
ATOM   133  N N   . THR A 1 19  ? 10.580  -8.941  1.251   1.00 32.70 ? 19  THR N N   1 
ATOM   134  C CA  . THR A 1 19  ? 9.975   -8.158  0.176   1.00 32.34 ? 19  THR N CA  1 
ATOM   135  C C   . THR A 1 19  ? 9.472   -6.843  0.772   1.00 31.83 ? 19  THR N C   1 
ATOM   136  O O   . THR A 1 19  ? 8.744   -6.807  1.759   1.00 31.84 ? 19  THR N O   1 
ATOM   137  C CB  . THR A 1 19  ? 8.842   -8.938  -0.512  1.00 33.61 ? 19  THR N CB  1 
ATOM   138  O OG1 . THR A 1 19  ? 9.316   -10.192 -1.050  1.00 30.83 ? 19  THR N OG1 1 
ATOM   139  C CG2 . THR A 1 19  ? 8.202   -8.108  -1.613  1.00 33.14 ? 19  THR N CG2 1 
ATOM   140  N N   . ILE A 1 20  ? 9.890   -5.745  0.176   1.00 30.89 ? 20  ILE N N   1 
ATOM   141  C CA  . ILE A 1 20  ? 9.349   -4.415  0.478   1.00 32.07 ? 20  ILE N CA  1 
ATOM   142  C C   . ILE A 1 20  ? 8.445   -3.897  -0.668  1.00 32.14 ? 20  ILE N C   1 
ATOM   143  O O   . ILE A 1 20  ? 8.786   -3.998  -1.821  1.00 32.49 ? 20  ILE N O   1 
ATOM   144  C CB  . ILE A 1 20  ? 10.516  -3.392  0.682   1.00 32.60 ? 20  ILE N CB  1 
ATOM   145  C CG1 . ILE A 1 20  ? 11.452  -3.824  1.831   1.00 33.43 ? 20  ILE N CG1 1 
ATOM   146  C CG2 . ILE A 1 20  ? 10.007  -1.961  1.016   1.00 31.74 ? 20  ILE N CG2 1 
ATOM   147  C CD1 . ILE A 1 20  ? 12.790  -3.127  1.748   1.00 32.01 ? 20  ILE N CD1 1 
ATOM   148  N N   . ASN A 1 21  ? 7.327   -3.298  -0.328  1.00 33.02 ? 21  ASN N N   1 
ATOM   149  C CA  . ASN A 1 21  ? 6.341   -2.855  -1.306  1.00 33.60 ? 21  ASN N CA  1 
ATOM   150  C C   . ASN A 1 21  ? 6.112   -1.345  -1.237  1.00 33.96 ? 21  ASN N C   1 
ATOM   151  O O   . ASN A 1 21  ? 5.938   -0.798  -0.152  1.00 32.87 ? 21  ASN N O   1 
ATOM   152  C CB  . ASN A 1 21  ? 5.014   -3.572  -0.983  1.00 34.57 ? 21  ASN N CB  1 
ATOM   153  C CG  . ASN A 1 21  ? 5.170   -5.131  -1.011  1.00 35.59 ? 21  ASN N CG  1 
ATOM   154  O OD1 . ASN A 1 21  ? 5.400   -5.749  -2.061  1.00 36.42 ? 21  ASN N OD1 1 
ATOM   155  N ND2 . ASN A 1 21  ? 5.022   -5.745  0.146   1.00 42.11 ? 21  ASN N ND2 1 
ATOM   156  N N   . CYS A 1 22  ? 6.061   -0.690  -2.392  1.00 33.84 ? 22  CYS N N   1 
ATOM   157  C CA  . CYS A 1 22  ? 5.813   0.760   -2.466  1.00 33.06 ? 22  CYS N CA  1 
ATOM   158  C C   . CYS A 1 22  ? 4.749   1.008   -3.472  1.00 32.29 ? 22  CYS N C   1 
ATOM   159  O O   . CYS A 1 22  ? 4.692   0.342   -4.507  1.00 33.57 ? 22  CYS N O   1 
ATOM   160  C CB  . CYS A 1 22  ? 7.063   1.515   -2.935  1.00 34.88 ? 22  CYS N CB  1 
ATOM   161  S SG  . CYS A 1 22  ? 8.296   1.690   -1.621  1.00 38.48 ? 22  CYS N SG  1 
ATOM   162  N N   . VAL A 1 23  ? 3.944   2.011   -3.203  1.00 31.40 ? 23  VAL N N   1 
ATOM   163  C CA  . VAL A 1 23  ? 2.830   2.359   -4.027  1.00 30.49 ? 23  VAL N CA  1 
ATOM   164  C C   . VAL A 1 23  ? 2.802   3.868   -4.040  1.00 30.41 ? 23  VAL N C   1 
ATOM   165  O O   . VAL A 1 23  ? 2.905   4.510   -2.997  1.00 31.05 ? 23  VAL N O   1 
ATOM   166  C CB  . VAL A 1 23  ? 1.484   1.830   -3.428  1.00 30.17 ? 23  VAL N CB  1 
ATOM   167  C CG1 . VAL A 1 23  ? 0.271   2.284   -4.324  1.00 30.15 ? 23  VAL N CG1 1 
ATOM   168  C CG2 . VAL A 1 23  ? 1.518   0.357   -3.289  1.00 31.61 ? 23  VAL N CG2 1 
ATOM   169  N N   . LEU A 1 24  ? 2.747   4.450   -5.232  1.00 30.40 ? 24  LEU N N   1 
ATOM   170  C CA  . LEU A 1 24  ? 2.624   5.876   -5.367  1.00 30.41 ? 24  LEU N CA  1 
ATOM   171  C C   . LEU A 1 24  ? 1.152   6.206   -5.430  1.00 30.43 ? 24  LEU N C   1 
ATOM   172  O O   . LEU A 1 24  ? 0.426   5.704   -6.320  1.00 32.54 ? 24  LEU N O   1 
ATOM   173  C CB  . LEU A 1 24  ? 3.339   6.347   -6.622  1.00 31.28 ? 24  LEU N CB  1 
ATOM   174  C CG  . LEU A 1 24  ? 3.108   7.797   -7.088  1.00 29.22 ? 24  LEU N CG  1 
ATOM   175  C CD1 . LEU A 1 24  ? 3.637   8.852   -6.137  1.00 29.39 ? 24  LEU N CD1 1 
ATOM   176  C CD2 . LEU A 1 24  ? 3.747   7.966   -8.465  1.00 32.98 ? 24  LEU N CD2 1 
ATOM   177  N N   . ARG A 1 25  ? 0.686   6.980   -4.472  1.00 29.33 ? 25  ARG N N   1 
ATOM   178  C CA  . ARG A 1 25  ? -0.711  7.363   -4.386  1.00 28.55 ? 25  ARG N CA  1 
ATOM   179  C C   . ARG A 1 25  ? -0.845  8.878   -4.335  1.00 28.62 ? 25  ARG N C   1 
ATOM   180  O O   . ARG A 1 25  ? 0.131   9.638   -4.227  1.00 28.66 ? 25  ARG N O   1 
ATOM   181  C CB  . ARG A 1 25  ? -1.356  6.775   -3.139  1.00 27.99 ? 25  ARG N CB  1 
ATOM   182  C CG  . ARG A 1 25  ? -1.431  5.298   -3.136  1.00 30.18 ? 25  ARG N CG  1 
ATOM   183  C CD  . ARG A 1 25  ? -2.403  4.763   -2.099  1.00 28.49 ? 25  ARG N CD  1 
ATOM   184  N NE  . ARG A 1 25  ? -2.589  3.316   -2.250  1.00 30.55 ? 25  ARG N NE  1 
ATOM   185  C CZ  . ARG A 1 25  ? -1.950  2.343   -1.600  1.00 29.08 ? 25  ARG N CZ  1 
ATOM   186  N NH1 . ARG A 1 25  ? -1.072  2.586   -0.666  1.00 33.24 ? 25  ARG N NH1 1 
ATOM   187  N NH2 . ARG A 1 25  ? -2.221  1.079   -1.905  1.00 30.04 ? 25  ARG N NH2 1 
ATOM   188  N N   . ASP A 1 26  ? -2.083  9.312   -4.407  1.00 27.54 ? 26  ASP N N   1 
ATOM   189  C CA  . ASP A 1 26  ? -2.406  10.722  -4.326  1.00 28.85 ? 26  ASP N CA  1 
ATOM   190  C C   . ASP A 1 26  ? -1.557  11.572  -5.304  1.00 29.46 ? 26  ASP N C   1 
ATOM   191  O O   . ASP A 1 26  ? -1.036  12.624  -4.966  1.00 28.73 ? 26  ASP N O   1 
ATOM   192  C CB  . ASP A 1 26  ? -2.320  11.161  -2.880  1.00 28.81 ? 26  ASP N CB  1 
ATOM   193  C CG  . ASP A 1 26  ? -3.470  10.566  -2.036  1.00 30.23 ? 26  ASP N CG  1 
ATOM   194  O OD1 . ASP A 1 26  ? -4.605  10.922  -2.286  1.00 29.63 ? 26  ASP N OD1 1 
ATOM   195  O OD2 . ASP A 1 26  ? -3.228  9.738   -1.155  1.00 36.15 ? 26  ASP N OD2 1 
ATOM   196  N N   . SER A 1 27  ? -1.518  11.109  -6.541  1.00 30.83 ? 27  SER N N   1 
ATOM   197  C CA  . SER A 1 27  ? -0.726  11.721  -7.579  1.00 31.10 ? 27  SER N CA  1 
ATOM   198  C C   . SER A 1 27  ? -1.303  11.398  -8.941  1.00 30.64 ? 27  SER N C   1 
ATOM   199  O O   . SER A 1 27  ? -1.777  10.275  -9.207  1.00 30.85 ? 27  SER N O   1 
ATOM   200  C CB  . SER A 1 27  ? 0.738   11.252  -7.501  1.00 32.85 ? 27  SER N CB  1 
ATOM   201  O OG  . SER A 1 27  ? 1.438   11.704  -8.667  1.00 34.81 ? 27  SER N OG  1 
ATOM   202  N N   . ASN A 1 28  ? -1.229  12.378  -9.817  1.00 29.81 ? 28  ASN N N   1 
ATOM   203  C CA  . ASN A 1 28  ? -1.605  12.187  -11.184 1.00 31.06 ? 28  ASN N CA  1 
ATOM   204  C C   . ASN A 1 28  ? -0.486  11.611  -12.015 1.00 31.14 ? 28  ASN N C   1 
ATOM   205  O O   . ASN A 1 28  ? -0.695  11.244  -13.129 1.00 32.36 ? 28  ASN N O   1 
ATOM   206  C CB  . ASN A 1 28  ? -2.079  13.512  -11.731 1.00 30.20 ? 28  ASN N CB  1 
ATOM   207  C CG  . ASN A 1 28  ? -3.387  13.924  -11.104 1.00 30.80 ? 28  ASN N CG  1 
ATOM   208  O OD1 . ASN A 1 28  ? -4.285  13.100  -10.975 1.00 30.71 ? 28  ASN N OD1 1 
ATOM   209  N ND2 . ASN A 1 28  ? -3.509  15.189  -10.706 1.00 32.56 ? 28  ASN N ND2 1 
ATOM   210  N N   . CYS A 1 29  ? 0.696   11.557  -11.456 1.00 32.74 ? 29  CYS N N   1 
ATOM   211  C CA  . CYS A 1 29  ? 1.887   11.114  -12.150 1.00 34.33 ? 29  CYS N CA  1 
ATOM   212  C C   . CYS A 1 29  ? 2.009   9.608   -12.439 1.00 34.28 ? 29  CYS N C   1 
ATOM   213  O O   . CYS A 1 29  ? 1.709   8.784   -11.605 1.00 32.96 ? 29  CYS N O   1 
ATOM   214  C CB  . CYS A 1 29  ? 3.085   11.496  -11.307 1.00 35.08 ? 29  CYS N CB  1 
ATOM   215  S SG  . CYS A 1 29  ? 3.085   13.223  -10.991 1.00 42.77 ? 29  CYS N SG  1 
ATOM   216  N N   . ALA A 1 30  ? 2.519   9.307   -13.627 1.00 34.42 ? 30  ALA N N   1 
ATOM   217  C CA  . ALA A 1 30  ? 2.691   7.968   -14.100 1.00 35.65 ? 30  ALA N CA  1 
ATOM   218  C C   . ALA A 1 30  ? 3.945   7.374   -13.483 1.00 36.55 ? 30  ALA N C   1 
ATOM   219  O O   . ALA A 1 30  ? 4.921   8.080   -13.255 1.00 37.07 ? 30  ALA N O   1 
ATOM   220  C CB  . ALA A 1 30  ? 2.836   7.973   -15.590 1.00 35.69 ? 30  ALA N CB  1 
ATOM   221  N N   . LEU A 1 31  ? 3.925   6.081   -13.215 1.00 36.69 ? 31  LEU N N   1 
ATOM   222  C CA  . LEU A 1 31  ? 5.106   5.418   -12.672 1.00 36.84 ? 31  LEU N CA  1 
ATOM   223  C C   . LEU A 1 31  ? 6.008   5.022   -13.856 1.00 38.08 ? 31  LEU N C   1 
ATOM   224  O O   . LEU A 1 31  ? 5.713   4.063   -14.607 1.00 38.08 ? 31  LEU N O   1 
ATOM   225  C CB  . LEU A 1 31  ? 4.700   4.214   -11.877 1.00 37.10 ? 31  LEU N CB  1 
ATOM   226  C CG  . LEU A 1 31  ? 5.800   3.563   -11.107 1.00 37.00 ? 31  LEU N CG  1 
ATOM   227  C CD1 . LEU A 1 31  ? 6.139   4.429   -9.863  1.00 40.82 ? 31  LEU N CD1 1 
ATOM   228  C CD2 . LEU A 1 31  ? 5.442   2.154   -10.748 1.00 38.12 ? 31  LEU N CD2 1 
ATOM   229  N N   . SER A 1 32  ? 7.068   5.809   -14.039 1.00 37.81 ? 32  SER N N   1 
ATOM   230  C CA  . SER A 1 32  ? 7.890   5.779   -15.208 1.00 37.52 ? 32  SER N CA  1 
ATOM   231  C C   . SER A 1 32  ? 9.216   5.061   -14.941 1.00 38.62 ? 32  SER N C   1 
ATOM   232  O O   . SER A 1 32  ? 9.690   4.319   -15.828 1.00 39.65 ? 32  SER N O   1 
ATOM   233  C CB  . SER A 1 32  ? 8.198   7.206   -15.642 1.00 38.26 ? 32  SER N CB  1 
ATOM   234  O OG  . SER A 1 32  ? 7.152   7.745   -16.440 1.00 39.06 ? 32  SER N OG  1 
ATOM   235  N N   . SER A 1 33  ? 9.799   5.334   -13.756 1.00 36.75 ? 33  SER N N   1 
ATOM   236  C CA  . SER A 1 33  ? 11.179  4.981   -13.354 1.00 35.92 ? 33  SER N CA  1 
ATOM   237  C C   . SER A 1 33  ? 11.120  4.782   -11.823 1.00 34.76 ? 33  SER N C   1 
ATOM   238  O O   . SER A 1 33  ? 10.232  5.341   -11.194 1.00 34.48 ? 33  SER N O   1 
ATOM   239  C CB  . SER A 1 33  ? 12.193  6.111   -13.655 1.00 35.40 ? 33  SER N CB  1 
ATOM   240  O OG  . SER A 1 33  ? 12.078  6.638   -14.954 1.00 37.74 ? 33  SER N OG  1 
ATOM   241  N N   . THR A 1 34  ? 11.994  3.942   -11.255 1.00 32.86 ? 34  THR N N   1 
ATOM   242  C CA  . THR A 1 34  ? 11.968  3.612   -9.869  1.00 33.37 ? 34  THR N CA  1 
ATOM   243  C C   . THR A 1 34  ? 13.363  3.309   -9.375  1.00 31.88 ? 34  THR N C   1 
ATOM   244  O O   . THR A 1 34  ? 14.143  2.683   -10.088 1.00 30.57 ? 34  THR N O   1 
ATOM   245  C CB  . THR A 1 34  ? 11.094  2.338   -9.529  1.00 34.14 ? 34  THR N CB  1 
ATOM   246  O OG1 . THR A 1 34  ? 11.613  1.167   -10.215 1.00 35.90 ? 34  THR N OG1 1 
ATOM   247  C CG2 . THR A 1 34  ? 9.633   2.613   -9.849  1.00 33.25 ? 34  THR N CG2 1 
ATOM   248  N N   . TYR A 1 35  ? 13.632  3.743   -8.149  1.00 31.78 ? 35  TYR N N   1 
ATOM   249  C CA  . TYR A 1 35  ? 14.939  3.646   -7.553  1.00 32.58 ? 35  TYR N CA  1 
ATOM   250  C C   . TYR A 1 35  ? 14.855  3.129   -6.128  1.00 32.33 ? 35  TYR N C   1 
ATOM   251  O O   . TYR A 1 35  ? 13.835  3.322   -5.458  1.00 33.45 ? 35  TYR N O   1 
ATOM   252  C CB  . TYR A 1 35  ? 15.621  5.034   -7.565  1.00 33.12 ? 35  TYR N CB  1 
ATOM   253  C CG  . TYR A 1 35  ? 15.897  5.511   -8.943  1.00 34.22 ? 35  TYR N CG  1 
ATOM   254  C CD1 . TYR A 1 35  ? 14.996  6.312   -9.626  1.00 35.27 ? 35  TYR N CD1 1 
ATOM   255  C CD2 . TYR A 1 35  ? 17.061  5.122   -9.596  1.00 36.75 ? 35  TYR N CD2 1 
ATOM   256  C CE1 . TYR A 1 35  ? 15.247  6.686   -10.934 1.00 34.57 ? 35  TYR N CE1 1 
ATOM   257  C CE2 . TYR A 1 35  ? 17.330  5.510   -10.856 1.00 36.33 ? 35  TYR N CE2 1 
ATOM   258  C CZ  . TYR A 1 35  ? 16.419  6.289   -11.541 1.00 35.16 ? 35  TYR N CZ  1 
ATOM   259  O OH  . TYR A 1 35  ? 16.765  6.654   -12.823 1.00 38.59 ? 35  TYR N OH  1 
ATOM   260  N N   . TRP A 1 36  ? 15.898  2.424   -5.694  1.00 31.92 ? 36  TRP N N   1 
ATOM   261  C CA  . TRP A 1 36  ? 15.938  1.889   -4.346  1.00 32.40 ? 36  TRP N CA  1 
ATOM   262  C C   . TRP A 1 36  ? 17.266  2.238   -3.697  1.00 33.44 ? 36  TRP N C   1 
ATOM   263  O O   . TRP A 1 36  ? 18.291  2.231   -4.371  1.00 31.03 ? 36  TRP N O   1 
ATOM   264  C CB  . TRP A 1 36  ? 15.766  0.391   -4.365  1.00 33.25 ? 36  TRP N CB  1 
ATOM   265  C CG  . TRP A 1 36  ? 14.429  -0.060  -4.796  1.00 33.46 ? 36  TRP N CG  1 
ATOM   266  C CD1 . TRP A 1 36  ? 14.013  -0.296  -6.078  1.00 35.60 ? 36  TRP N CD1 1 
ATOM   267  C CD2 . TRP A 1 36  ? 13.313  -0.341  -3.966  1.00 32.17 ? 36  TRP N CD2 1 
ATOM   268  N NE1 . TRP A 1 36  ? 12.697  -0.692  -6.085  1.00 35.01 ? 36  TRP N NE1 1 
ATOM   269  C CE2 . TRP A 1 36  ? 12.251  -0.725  -4.801  1.00 33.66 ? 36  TRP N CE2 1 
ATOM   270  C CE3 . TRP A 1 36  ? 13.101  -0.282  -2.595  1.00 32.10 ? 36  TRP N CE3 1 
ATOM   271  C CZ2 . TRP A 1 36  ? 10.997  -1.110  -4.295  1.00 35.25 ? 36  TRP N CZ2 1 
ATOM   272  C CZ3 . TRP A 1 36  ? 11.861  -0.678  -2.098  1.00 35.51 ? 36  TRP N CZ3 1 
ATOM   273  C CH2 . TRP A 1 36  ? 10.838  -1.076  -2.935  1.00 34.17 ? 36  TRP N CH2 1 
ATOM   274  N N   . TYR A 1 37  ? 17.234  2.560   -2.384  1.00 32.51 ? 37  TYR N N   1 
ATOM   275  C CA  . TYR A 1 37  ? 18.406  3.023   -1.653  1.00 32.59 ? 37  TYR N CA  1 
ATOM   276  C C   . TYR A 1 37  ? 18.513  2.347   -0.307  1.00 32.36 ? 37  TYR N C   1 
ATOM   277  O O   . TYR A 1 37  ? 17.546  1.963   0.283   1.00 30.72 ? 37  TYR N O   1 
ATOM   278  C CB  . TYR A 1 37  ? 18.345  4.537   -1.408  1.00 32.13 ? 37  TYR N CB  1 
ATOM   279  C CG  . TYR A 1 37  ? 18.114  5.341   -2.659  1.00 31.92 ? 37  TYR N CG  1 
ATOM   280  C CD1 . TYR A 1 37  ? 16.847  5.770   -3.004  1.00 32.65 ? 37  TYR N CD1 1 
ATOM   281  C CD2 . TYR A 1 37  ? 19.161  5.684   -3.494  1.00 31.00 ? 37  TYR N CD2 1 
ATOM   282  C CE1 . TYR A 1 37  ? 16.638  6.549   -4.191  1.00 31.67 ? 37  TYR N CE1 1 
ATOM   283  C CE2 . TYR A 1 37  ? 18.959  6.402   -4.671  1.00 29.65 ? 37  TYR N CE2 1 
ATOM   284  C CZ  . TYR A 1 37  ? 17.694  6.855   -4.994  1.00 31.67 ? 37  TYR N CZ  1 
ATOM   285  O OH  . TYR A 1 37  ? 17.516  7.584   -6.173  1.00 32.66 ? 37  TYR N OH  1 
ATOM   286  N N   . ARG A 1 38  ? 19.722  2.225   0.182   1.00 32.86 ? 38  ARG N N   1 
ATOM   287  C CA  . ARG A 1 38  ? 19.898  1.734   1.529   1.00 32.96 ? 38  ARG N CA  1 
ATOM   288  C C   . ARG A 1 38  ? 21.092  2.337   2.220   1.00 32.10 ? 38  ARG N C   1 
ATOM   289  O O   . ARG A 1 38  ? 22.101  2.677   1.583   1.00 30.09 ? 38  ARG N O   1 
ATOM   290  C CB  . ARG A 1 38  ? 20.040  0.250   1.556   1.00 33.93 ? 38  ARG N CB  1 
ATOM   291  C CG  . ARG A 1 38  ? 21.167  -0.225  0.870   1.00 35.06 ? 38  ARG N CG  1 
ATOM   292  C CD  . ARG A 1 38  ? 21.442  -1.648  1.317   1.00 38.58 ? 38  ARG N CD  1 
ATOM   293  N NE  . ARG A 1 38  ? 22.771  -2.067  0.921   1.00 39.25 ? 38  ARG N NE  1 
ATOM   294  C CZ  . ARG A 1 38  ? 23.087  -3.326  0.632   1.00 43.82 ? 38  ARG N CZ  1 
ATOM   295  N NH1 . ARG A 1 38  ? 22.165  -4.302  0.665   1.00 47.35 ? 38  ARG N NH1 1 
ATOM   296  N NH2 . ARG A 1 38  ? 24.335  -3.618  0.301   1.00 43.39 ? 38  ARG N NH2 1 
ATOM   297  N N   . LYS A 1 39  ? 20.913  2.498   3.525   1.00 32.39 ? 39  LYS N N   1 
ATOM   298  C CA  . LYS A 1 39  ? 21.926  2.955   4.427   1.00 33.34 ? 39  LYS N CA  1 
ATOM   299  C C   . LYS A 1 39  ? 22.146  1.805   5.379   1.00 33.42 ? 39  LYS N C   1 
ATOM   300  O O   . LYS A 1 39  ? 21.232  1.430   6.128   1.00 30.76 ? 39  LYS N O   1 
ATOM   301  C CB  . LYS A 1 39  ? 21.469  4.190   5.206   1.00 32.69 ? 39  LYS N CB  1 
ATOM   302  C CG  . LYS A 1 39  ? 22.503  4.646   6.268   1.00 35.66 ? 39  LYS N CG  1 
ATOM   303  C CD  . LYS A 1 39  ? 22.018  5.835   7.120   1.00 37.92 ? 39  LYS N CD  1 
ATOM   304  C CE  . LYS A 1 39  ? 21.638  7.004   6.272   1.00 40.94 ? 39  LYS N CE  1 
ATOM   305  N NZ  . LYS A 1 39  ? 20.457  6.591   5.510   1.00 40.11 ? 39  LYS N NZ  1 
ATOM   306  N N   . LYS A 1 40  ? 23.363  1.257   5.335   1.00 35.30 ? 40  LYS N N   1 
ATOM   307  C CA  . LYS A 1 40  ? 23.718  0.129   6.176   1.00 36.82 ? 40  LYS N CA  1 
ATOM   308  C C   . LYS A 1 40  ? 23.675  0.575   7.630   1.00 37.68 ? 40  LYS N C   1 
ATOM   309  O O   . LYS A 1 40  ? 23.846  1.749   7.964   1.00 36.09 ? 40  LYS N O   1 
ATOM   310  C CB  . LYS A 1 40  ? 25.083  -0.423  5.827   1.00 37.29 ? 40  LYS N CB  1 
ATOM   311  C CG  . LYS A 1 40  ? 25.139  -1.206  4.537   1.00 38.97 ? 40  LYS N CG  1 
ATOM   312  C CD  . LYS A 1 40  ? 26.456  -2.019  4.519   1.00 39.89 ? 40  LYS N CD  1 
ATOM   313  C CE  . LYS A 1 40  ? 26.511  -3.010  3.329   1.00 42.67 ? 40  LYS N CE  1 
ATOM   314  N NZ  . LYS A 1 40  ? 27.376  -2.407  2.243   1.00 46.15 ? 40  LYS N NZ  1 
ATOM   315  N N   . SER A 1 41  ? 23.438  -0.388  8.508   1.00 39.98 ? 41  SER N N   1 
ATOM   316  C CA  . SER A 1 41  ? 23.121  -0.057  9.883   1.00 39.95 ? 41  SER N CA  1 
ATOM   317  C C   . SER A 1 41  ? 24.291  0.671   10.533  1.00 40.55 ? 41  SER N C   1 
ATOM   318  O O   . SER A 1 41  ? 25.430  0.241   10.445  1.00 39.93 ? 41  SER N O   1 
ATOM   319  C CB  . SER A 1 41  ? 22.715  -1.298  10.666  1.00 40.50 ? 41  SER N CB  1 
ATOM   320  O OG  . SER A 1 41  ? 22.482  -0.896  12.021  1.00 42.65 ? 41  SER N OG  1 
ATOM   321  N N   . GLY A 1 42  ? 23.988  1.810   11.154  1.00 41.07 ? 42  GLY N N   1 
ATOM   322  C CA  . GLY A 1 42  ? 25.003  2.659   11.732  1.00 41.17 ? 42  GLY N CA  1 
ATOM   323  C C   . GLY A 1 42  ? 25.661  3.625   10.768  1.00 41.46 ? 42  GLY N C   1 
ATOM   324  O O   . GLY A 1 42  ? 26.151  4.641   11.209  1.00 40.82 ? 42  GLY N O   1 
ATOM   325  N N   . SER A 1 43  ? 25.670  3.318   9.467   1.00 41.65 ? 43  SER N N   1 
ATOM   326  C CA  . SER A 1 43  ? 26.424  4.116   8.475   1.00 42.05 ? 43  SER N CA  1 
ATOM   327  C C   . SER A 1 43  ? 25.718  5.432   8.120   1.00 41.80 ? 43  SER N C   1 
ATOM   328  O O   . SER A 1 43  ? 24.530  5.613   8.366   1.00 43.09 ? 43  SER N O   1 
ATOM   329  C CB  . SER A 1 43  ? 26.646  3.304   7.185   1.00 42.48 ? 43  SER N CB  1 
ATOM   330  O OG  . SER A 1 43  ? 27.362  4.032   6.193   1.00 41.85 ? 43  SER N OG  1 
ATOM   331  N N   . THR A 1 44  ? 26.496  6.315   7.511   1.00 42.18 ? 44  THR N N   1 
ATOM   332  C CA  . THR A 1 44  ? 26.066  7.643   7.048   1.00 41.26 ? 44  THR N CA  1 
ATOM   333  C C   . THR A 1 44  ? 25.611  7.581   5.568   1.00 41.07 ? 44  THR N C   1 
ATOM   334  O O   . THR A 1 44  ? 24.699  8.334   5.147   1.00 43.18 ? 44  THR N O   1 
ATOM   335  C CB  . THR A 1 44  ? 27.200  8.721   7.280   1.00 41.22 ? 44  THR N CB  1 
ATOM   336  O OG1 . THR A 1 44  ? 28.146  8.807   6.184   1.00 40.51 ? 44  THR N OG1 1 
ATOM   337  C CG2 . THR A 1 44  ? 27.971  8.420   8.569   1.00 43.43 ? 44  THR N CG2 1 
ATOM   338  N N   . ASN A 1 45  ? 26.190  6.620   4.833   1.00 38.32 ? 45  ASN N N   1 
ATOM   339  C CA  . ASN A 1 45  ? 26.163  6.569   3.378   1.00 36.08 ? 45  ASN N CA  1 
ATOM   340  C C   . ASN A 1 45  ? 24.876  6.014   2.842   1.00 33.67 ? 45  ASN N C   1 
ATOM   341  O O   . ASN A 1 45  ? 24.617  4.822   3.000   1.00 30.49 ? 45  ASN N O   1 
ATOM   342  C CB  . ASN A 1 45  ? 27.315  5.688   2.936   1.00 35.47 ? 45  ASN N CB  1 
ATOM   343  C CG  . ASN A 1 45  ? 27.453  5.566   1.427   1.00 37.19 ? 45  ASN N CG  1 
ATOM   344  O OD1 . ASN A 1 45  ? 26.786  6.239   0.657   1.00 38.54 ? 45  ASN N OD1 1 
ATOM   345  N ND2 . ASN A 1 45  ? 28.384  4.724   1.007   1.00 35.85 ? 45  ASN N ND2 1 
ATOM   346  N N   . GLU A 1 46  ? 24.057  6.823   2.177   1.00 32.09 ? 46  GLU N N   1 
ATOM   347  C CA  . GLU A 1 46  ? 22.917  6.216   1.482   1.00 32.21 ? 46  GLU N CA  1 
ATOM   348  C C   . GLU A 1 46  ? 23.410  5.705   0.128   1.00 31.36 ? 46  GLU N C   1 
ATOM   349  O O   . GLU A 1 46  ? 23.941  6.477   -0.671  1.00 29.85 ? 46  GLU N O   1 
ATOM   350  C CB  . GLU A 1 46  ? 21.707  7.169   1.301   1.00 32.46 ? 46  GLU N CB  1 
ATOM   351  C CG  . GLU A 1 46  ? 20.534  6.439   0.731   1.00 31.91 ? 46  GLU N CG  1 
ATOM   352  C CD  . GLU A 1 46  ? 19.243  7.217   0.735   1.00 33.05 ? 46  GLU N CD  1 
ATOM   353  O OE1 . GLU A 1 46  ? 18.244  6.651   1.283   1.00 41.27 ? 46  GLU N OE1 1 
ATOM   354  O OE2 . GLU A 1 46  ? 19.218  8.365   0.183   1.00 33.69 ? 46  GLU N OE2 1 
ATOM   355  N N   . GLU A 1 47  ? 23.239  4.404   -0.109  1.00 31.39 ? 47  GLU N N   1 
ATOM   356  C CA  . GLU A 1 47  ? 23.799  3.736   -1.281  1.00 32.00 ? 47  GLU N CA  1 
ATOM   357  C C   . GLU A 1 47  ? 22.716  3.459   -2.275  1.00 30.46 ? 47  GLU N C   1 
ATOM   358  O O   . GLU A 1 47  ? 21.656  3.032   -1.886  1.00 30.03 ? 47  GLU N O   1 
ATOM   359  C CB  . GLU A 1 47  ? 24.388  2.369   -0.886  1.00 32.82 ? 47  GLU N CB  1 
ATOM   360  C CG  . GLU A 1 47  ? 25.458  2.332   0.223   1.00 34.81 ? 47  GLU N CG  1 
ATOM   361  C CD  . GLU A 1 47  ? 25.900  0.865   0.514   1.00 35.63 ? 47  GLU N CD  1 
ATOM   362  O OE1 . GLU A 1 47  ? 27.011  0.504   0.108   1.00 42.78 ? 47  GLU N OE1 1 
ATOM   363  O OE2 . GLU A 1 47  ? 25.109  0.065   1.087   1.00 43.01 ? 47  GLU N OE2 1 
ATOM   364  N N   . SER A 1 48  ? 22.998  3.556   -3.579  1.00 29.77 ? 48  SER N N   1 
ATOM   365  C CA  . SER A 1 48  ? 22.016  3.053   -4.562  1.00 31.28 ? 48  SER N CA  1 
ATOM   366  C C   . SER A 1 48  ? 22.054  1.534   -4.659  1.00 30.82 ? 48  SER N C   1 
ATOM   367  O O   . SER A 1 48  ? 23.117  0.930   -4.597  1.00 30.08 ? 48  SER N O   1 
ATOM   368  C CB  . SER A 1 48  ? 22.242  3.604   -5.949  1.00 31.88 ? 48  SER N CB  1 
ATOM   369  O OG  . SER A 1 48  ? 22.399  4.997   -5.899  1.00 37.50 ? 48  SER N OG  1 
ATOM   370  N N   . ILE A 1 49  ? 20.878  0.945   -4.764  1.00 31.11 ? 49  ILE N N   1 
ATOM   371  C CA  . ILE A 1 49  ? 20.701  -0.497  -4.983  1.00 32.40 ? 49  ILE N CA  1 
ATOM   372  C C   . ILE A 1 49  ? 20.601  -0.800  -6.476  1.00 32.41 ? 49  ILE N C   1 
ATOM   373  O O   . ILE A 1 49  ? 19.732  -0.245  -7.181  1.00 33.26 ? 49  ILE N O   1 
ATOM   374  C CB  . ILE A 1 49  ? 19.456  -1.018  -4.274  1.00 31.14 ? 49  ILE N CB  1 
ATOM   375  C CG1 . ILE A 1 49  ? 19.779  -1.163  -2.784  1.00 33.12 ? 49  ILE N CG1 1 
ATOM   376  C CG2 . ILE A 1 49  ? 19.062  -2.373  -4.853  1.00 34.65 ? 49  ILE N CG2 1 
ATOM   377  C CD1 . ILE A 1 49  ? 18.630  -1.221  -1.911  1.00 35.66 ? 49  ILE N CD1 1 
ATOM   378  N N   . SER A 1 50  ? 21.539  -1.606  -6.943  1.00 32.47 ? 50  SER N N   1 
ATOM   379  C CA  . SER A 1 50  ? 21.642  -2.038  -8.346  1.00 32.73 ? 50  SER N CA  1 
ATOM   380  C C   . SER A 1 50  ? 20.662  -3.203  -8.536  1.00 33.69 ? 50  SER N C   1 
ATOM   381  O O   . SER A 1 50  ? 20.790  -4.237  -7.887  1.00 35.46 ? 50  SER N O   1 
ATOM   382  C CB  . SER A 1 50  ? 23.052  -2.480  -8.588  1.00 33.40 ? 50  SER N CB  1 
ATOM   383  O OG  . SER A 1 50  ? 23.361  -2.527  -9.928  1.00 34.25 ? 50  SER N OG  1 
ATOM   384  N N   . LYS A 1 51  ? 19.633  -3.010  -9.359  1.00 32.98 ? 51  LYS N N   1 
ATOM   385  C CA  . LYS A 1 51  ? 18.677  -4.098  -9.632  1.00 31.88 ? 51  LYS N CA  1 
ATOM   386  C C   . LYS A 1 51  ? 19.381  -5.290  -10.268 1.00 30.68 ? 51  LYS N C   1 
ATOM   387  O O   . LYS A 1 51  ? 20.312  -5.163  -11.057 1.00 31.46 ? 51  LYS N O   1 
ATOM   388  C CB  . LYS A 1 51  ? 17.539  -3.595  -10.523 1.00 30.85 ? 51  LYS N CB  1 
ATOM   389  C CG  . LYS A 1 51  ? 16.688  -2.515  -9.858  1.00 31.18 ? 51  LYS N CG  1 
ATOM   390  C CD  . LYS A 1 51  ? 15.827  -1.809  -10.854 1.00 30.31 ? 51  LYS N CD  1 
ATOM   391  C CE  . LYS A 1 51  ? 15.218  -0.530  -10.301 1.00 30.81 ? 51  LYS N CE  1 
ATOM   392  N NZ  . LYS A 1 51  ? 14.245  0.068   -11.286 1.00 27.48 ? 51  LYS N NZ  1 
ATOM   393  N N   . GLY A 1 52  ? 18.960  -6.467  -9.882  1.00 30.57 ? 52  GLY N N   1 
ATOM   394  C CA  . GLY A 1 52  ? 19.467  -7.694  -10.514 1.00 31.16 ? 52  GLY N CA  1 
ATOM   395  C C   . GLY A 1 52  ? 20.000  -8.648  -9.482  1.00 31.13 ? 52  GLY N C   1 
ATOM   396  O O   . GLY A 1 52  ? 20.191  -8.268  -8.339  1.00 30.80 ? 52  GLY N O   1 
ATOM   397  N N   . GLY A 1 53  ? 20.215  -9.888  -9.884  1.00 31.72 ? 53  GLY N N   1 
ATOM   398  C CA  . GLY A 1 53  ? 20.783  -10.912 -8.992  1.00 32.67 ? 53  GLY N CA  1 
ATOM   399  C C   . GLY A 1 53  ? 19.828  -11.221 -7.825  1.00 32.88 ? 53  GLY N C   1 
ATOM   400  O O   . GLY A 1 53  ? 18.687  -11.689 -8.015  1.00 32.21 ? 53  GLY N O   1 
ATOM   401  N N   . ARG A 1 54  ? 20.298  -10.943 -6.614  1.00 33.72 ? 54  ARG N N   1 
ATOM   402  C CA  . ARG A 1 54  ? 19.511  -11.159 -5.426  1.00 34.90 ? 54  ARG N CA  1 
ATOM   403  C C   . ARG A 1 54  ? 18.476  -10.074 -5.204  1.00 34.32 ? 54  ARG N C   1 
ATOM   404  O O   . ARG A 1 54  ? 17.544  -10.255 -4.425  1.00 33.85 ? 54  ARG N O   1 
ATOM   405  C CB  . ARG A 1 54  ? 20.421  -11.217 -4.211  1.00 35.15 ? 54  ARG N CB  1 
ATOM   406  C CG  . ARG A 1 54  ? 21.423  -12.287 -4.230  1.00 37.40 ? 54  ARG N CG  1 
ATOM   407  C CD  . ARG A 1 54  ? 22.181  -12.283 -2.871  1.00 38.91 ? 54  ARG N CD  1 
ATOM   408  N NE  . ARG A 1 54  ? 22.613  -10.957 -2.386  1.00 37.93 ? 54  ARG N NE  1 
ATOM   409  C CZ  . ARG A 1 54  ? 22.195  -10.343 -1.275  1.00 38.66 ? 54  ARG N CZ  1 
ATOM   410  N NH1 . ARG A 1 54  ? 21.256  -10.863 -0.499  1.00 41.93 ? 54  ARG N NH1 1 
ATOM   411  N NH2 . ARG A 1 54  ? 22.727  -9.173  -0.940  1.00 40.80 ? 54  ARG N NH2 1 
ATOM   412  N N   . TYR A 1 55  ? 18.624  -8.923  -5.877  1.00 35.37 ? 55  TYR N N   1 
ATOM   413  C CA  . TYR A 1 55  ? 17.644  -7.827  -5.751  1.00 35.65 ? 55  TYR N CA  1 
ATOM   414  C C   . TYR A 1 55  ? 16.681  -7.909  -6.943  1.00 34.93 ? 55  TYR N C   1 
ATOM   415  O O   . TYR A 1 55  ? 17.065  -7.636  -8.092  1.00 34.94 ? 55  TYR N O   1 
ATOM   416  C CB  . TYR A 1 55  ? 18.348  -6.470  -5.718  1.00 37.70 ? 55  TYR N CB  1 
ATOM   417  C CG  . TYR A 1 55  ? 19.370  -6.354  -4.620  1.00 39.00 ? 55  TYR N CG  1 
ATOM   418  C CD1 . TYR A 1 55  ? 20.697  -6.623  -4.880  1.00 42.78 ? 55  TYR N CD1 1 
ATOM   419  C CD2 . TYR A 1 55  ? 19.005  -5.948  -3.337  1.00 40.96 ? 55  TYR N CD2 1 
ATOM   420  C CE1 . TYR A 1 55  ? 21.660  -6.494  -3.896  1.00 44.00 ? 55  TYR N CE1 1 
ATOM   421  C CE2 . TYR A 1 55  ? 19.953  -5.813  -2.320  1.00 41.31 ? 55  TYR N CE2 1 
ATOM   422  C CZ  . TYR A 1 55  ? 21.271  -6.091  -2.606  1.00 44.04 ? 55  TYR N CZ  1 
ATOM   423  O OH  . TYR A 1 55  ? 22.254  -5.989  -1.667  1.00 44.88 ? 55  TYR N OH  1 
ATOM   424  N N   . VAL A 1 56  ? 15.472  -8.395  -6.686  1.00 34.67 ? 56  VAL N N   1 
ATOM   425  C CA  . VAL A 1 56  ? 14.497  -8.633  -7.740  1.00 33.55 ? 56  VAL N CA  1 
ATOM   426  C C   . VAL A 1 56  ? 13.364  -7.594  -7.617  1.00 32.93 ? 56  VAL N C   1 
ATOM   427  O O   . VAL A 1 56  ? 12.592  -7.611  -6.682  1.00 32.15 ? 56  VAL N O   1 
ATOM   428  C CB  . VAL A 1 56  ? 14.015  -10.078 -7.668  1.00 35.33 ? 56  VAL N CB  1 
ATOM   429  C CG1 . VAL A 1 56  ? 12.914  -10.363 -8.672  1.00 33.58 ? 56  VAL N CG1 1 
ATOM   430  C CG2 . VAL A 1 56  ? 15.246  -11.018 -7.874  1.00 31.75 ? 56  VAL N CG2 1 
ATOM   431  N N   . GLU A 1 57  ? 13.342  -6.609  -8.501  1.00 31.46 ? 57  GLU N N   1 
ATOM   432  C CA  . GLU A 1 57  ? 12.226  -5.641  -8.493  1.00 31.95 ? 57  GLU N CA  1 
ATOM   433  C C   . GLU A 1 57  ? 11.053  -6.140  -9.348  1.00 31.64 ? 57  GLU N C   1 
ATOM   434  O O   . GLU A 1 57  ? 11.253  -6.740  -10.426 1.00 30.93 ? 57  GLU N O   1 
ATOM   435  C CB  . GLU A 1 57  ? 12.676  -4.296  -9.023  1.00 31.07 ? 57  GLU N CB  1 
ATOM   436  C CG  . GLU A 1 57  ? 11.532  -3.257  -8.948  1.00 32.40 ? 57  GLU N CG  1 
ATOM   437  C CD  . GLU A 1 57  ? 11.880  -1.849  -9.504  1.00 31.52 ? 57  GLU N CD  1 
ATOM   438  O OE1 . GLU A 1 57  ? 12.319  -1.702  -10.626 1.00 34.13 ? 57  GLU N OE1 1 
ATOM   439  O OE2 . GLU A 1 57  ? 11.655  -0.875  -8.787  1.00 35.05 ? 57  GLU N OE2 1 
ATOM   440  N N   . THR A 1 58  ? 9.843   -5.869  -8.914  1.00 32.51 ? 58  THR N N   1 
ATOM   441  C CA  . THR A 1 58  ? 8.657   -6.189  -9.684  1.00 32.99 ? 58  THR N CA  1 
ATOM   442  C C   . THR A 1 58  ? 7.828   -4.906  -9.747  1.00 32.47 ? 58  THR N C   1 
ATOM   443  O O   . THR A 1 58  ? 7.667   -4.267  -8.731  1.00 32.62 ? 58  THR N O   1 
ATOM   444  C CB  . THR A 1 58  ? 7.862   -7.260  -8.955  1.00 33.81 ? 58  THR N CB  1 
ATOM   445  O OG1 . THR A 1 58  ? 8.539   -8.513  -9.166  1.00 39.76 ? 58  THR N OG1 1 
ATOM   446  C CG2 . THR A 1 58  ? 6.501   -7.401  -9.569  1.00 35.71 ? 58  THR N CG2 1 
ATOM   447  N N   . VAL A 1 59  ? 7.330   -4.564  -10.915 1.00 31.91 ? 59  VAL N N   1 
ATOM   448  C CA  . VAL A 1 59  ? 6.590   -3.328  -11.143 1.00 31.76 ? 59  VAL N CA  1 
ATOM   449  C C   . VAL A 1 59  ? 5.217   -3.640  -11.733 1.00 32.20 ? 59  VAL N C   1 
ATOM   450  O O   . VAL A 1 59  ? 5.069   -4.504  -12.641 1.00 32.48 ? 59  VAL N O   1 
ATOM   451  C CB  . VAL A 1 59  ? 7.385   -2.319  -12.035 1.00 31.55 ? 59  VAL N CB  1 
ATOM   452  C CG1 . VAL A 1 59  ? 6.621   -1.006  -12.129 1.00 31.81 ? 59  VAL N CG1 1 
ATOM   453  C CG2 . VAL A 1 59  ? 8.785   -2.063  -11.466 1.00 29.93 ? 59  VAL N CG2 1 
ATOM   454  N N   . ASN A 1 60  ? 4.200   -2.947  -11.210 1.00 33.07 ? 60  ASN N N   1 
ATOM   455  C CA  . ASN A 1 60  ? 2.910   -2.891  -11.822 1.00 32.35 ? 60  ASN N CA  1 
ATOM   456  C C   . ASN A 1 60  ? 2.572   -1.447  -12.181 1.00 32.16 ? 60  ASN N C   1 
ATOM   457  O O   . ASN A 1 60  ? 2.207   -0.700  -11.325 1.00 32.01 ? 60  ASN N O   1 
ATOM   458  C CB  . ASN A 1 60  ? 1.847   -3.515  -10.915 1.00 32.19 ? 60  ASN N CB  1 
ATOM   459  C CG  . ASN A 1 60  ? 0.514   -3.642  -11.594 1.00 33.53 ? 60  ASN N CG  1 
ATOM   460  O OD1 . ASN A 1 60  ? -0.031  -2.654  -12.119 1.00 34.72 ? 60  ASN N OD1 1 
ATOM   461  N ND2 . ASN A 1 60  ? -0.037  -4.875  -11.624 1.00 35.88 ? 60  ASN N ND2 1 
ATOM   462  N N   . SER A 1 61  ? 2.681   -1.086  -13.466 1.00 32.23 ? 61  SER N N   1 
ATOM   463  C CA  . SER A 1 61  ? 2.562   0.313   -13.880 1.00 32.25 ? 61  SER N CA  1 
ATOM   464  C C   . SER A 1 61  ? 1.155   0.803   -13.612 1.00 31.43 ? 61  SER N C   1 
ATOM   465  O O   . SER A 1 61  ? 0.943   1.907   -13.142 1.00 29.96 ? 61  SER N O   1 
ATOM   466  C CB  . SER A 1 61  ? 2.886   0.436   -15.349 1.00 33.23 ? 61  SER N CB  1 
ATOM   467  O OG  . SER A 1 61  ? 4.193   -0.024  -15.553 1.00 36.61 ? 61  SER N OG  1 
ATOM   468  N N   . GLY A 1 62  ? 0.202   -0.084  -13.854 1.00 30.95 ? 62  GLY N N   1 
ATOM   469  C CA  . GLY A 1 62  ? -1.211  0.244   -13.728 1.00 31.81 ? 62  GLY N CA  1 
ATOM   470  C C   . GLY A 1 62  ? -1.606  0.692   -12.359 1.00 31.19 ? 62  GLY N C   1 
ATOM   471  O O   . GLY A 1 62  ? -2.359  1.646   -12.185 1.00 31.79 ? 62  GLY N O   1 
ATOM   472  N N   . SER A 1 63  ? -1.115  -0.005  -11.369 1.00 30.91 ? 63  SER N N   1 
ATOM   473  C CA  . SER A 1 63  ? -1.432  0.339   -10.010 1.00 30.85 ? 63  SER N CA  1 
ATOM   474  C C   . SER A 1 63  ? -0.353  1.209   -9.343  1.00 29.72 ? 63  SER N C   1 
ATOM   475  O O   . SER A 1 63  ? -0.459  1.513   -8.153  1.00 29.26 ? 63  SER N O   1 
ATOM   476  C CB  . SER A 1 63  ? -1.688  -0.945  -9.223  1.00 31.98 ? 63  SER N CB  1 
ATOM   477  O OG  . SER A 1 63  ? -0.525  -1.685  -9.211  1.00 36.28 ? 63  SER N OG  1 
ATOM   478  N N   . LYS A 1 64  ? 0.674   1.596   -10.101 1.00 29.08 ? 64  LYS N N   1 
ATOM   479  C CA  . LYS A 1 64  ? 1.820   2.377   -9.596  1.00 29.76 ? 64  LYS N CA  1 
ATOM   480  C C   . LYS A 1 64  ? 2.468   1.754   -8.383  1.00 30.45 ? 64  LYS N C   1 
ATOM   481  O O   . LYS A 1 64  ? 2.804   2.468   -7.448  1.00 31.41 ? 64  LYS N O   1 
ATOM   482  C CB  . LYS A 1 64  ? 1.421   3.813   -9.268  1.00 29.29 ? 64  LYS N CB  1 
ATOM   483  C CG  . LYS A 1 64  ? 0.639   4.509   -10.402 1.00 29.42 ? 64  LYS N CG  1 
ATOM   484  C CD  . LYS A 1 64  ? 0.221   5.873   -9.984  1.00 28.81 ? 64  LYS N CD  1 
ATOM   485  C CE  . LYS A 1 64  ? -0.620  6.587   -10.978 1.00 26.34 ? 64  LYS N CE  1 
ATOM   486  N NZ  . LYS A 1 64  ? -0.841  8.031   -10.634 1.00 23.16 ? 64  LYS N NZ  1 
ATOM   487  N N   . SER A 1 65  ? 2.642   0.430   -8.415  1.00 32.02 ? 65  SER N N   1 
ATOM   488  C CA  . SER A 1 65  ? 3.204   -0.344  -7.329  1.00 32.29 ? 65  SER N CA  1 
ATOM   489  C C   . SER A 1 65  ? 4.507   -0.943  -7.792  1.00 31.02 ? 65  SER N C   1 
ATOM   490  O O   . SER A 1 65  ? 4.661   -1.353  -8.986  1.00 31.87 ? 65  SER N O   1 
ATOM   491  C CB  . SER A 1 65  ? 2.275   -1.510  -6.949  1.00 30.93 ? 65  SER N CB  1 
ATOM   492  O OG  . SER A 1 65  ? 1.054   -0.995  -6.515  1.00 40.76 ? 65  SER N OG  1 
ATOM   493  N N   . PHE A 1 66  ? 5.488   -0.941  -6.902  1.00 30.85 ? 66  PHE N N   1 
ATOM   494  C CA  . PHE A 1 66  ? 6.773   -1.543  -7.171  1.00 32.56 ? 66  PHE N CA  1 
ATOM   495  C C   . PHE A 1 66  ? 7.300   -2.145  -5.902  1.00 34.00 ? 66  PHE N C   1 
ATOM   496  O O   . PHE A 1 66  ? 7.150   -1.546  -4.845  1.00 33.85 ? 66  PHE N O   1 
ATOM   497  C CB  . PHE A 1 66  ? 7.825   -0.575  -7.802  1.00 33.46 ? 66  PHE N CB  1 
ATOM   498  C CG  . PHE A 1 66  ? 7.960   0.767   -7.122  1.00 34.16 ? 66  PHE N CG  1 
ATOM   499  C CD1 . PHE A 1 66  ? 9.186   1.182   -6.617  1.00 36.43 ? 66  PHE N CD1 1 
ATOM   500  C CD2 . PHE A 1 66  ? 6.877   1.673   -7.086  1.00 34.87 ? 66  PHE N CD2 1 
ATOM   501  C CE1 . PHE A 1 66  ? 9.312   2.470   -6.048  1.00 36.63 ? 66  PHE N CE1 1 
ATOM   502  C CE2 . PHE A 1 66  ? 6.988   2.932   -6.450  1.00 33.97 ? 66  PHE N CE2 1 
ATOM   503  C CZ  . PHE A 1 66  ? 8.211   3.318   -5.944  1.00 36.84 ? 66  PHE N CZ  1 
ATOM   504  N N   . SER A 1 67  ? 7.951   -3.291  -6.007  1.00 32.55 ? 67  SER N N   1 
ATOM   505  C CA  . SER A 1 67  ? 8.380   -3.987  -4.847  1.00 33.06 ? 67  SER N CA  1 
ATOM   506  C C   . SER A 1 67  ? 9.804   -4.452  -5.097  1.00 33.63 ? 67  SER N C   1 
ATOM   507  O O   . SER A 1 67  ? 10.173  -4.702  -6.270  1.00 34.18 ? 67  SER N O   1 
ATOM   508  C CB  . SER A 1 67  ? 7.482   -5.247  -4.684  1.00 34.20 ? 67  SER N CB  1 
ATOM   509  O OG  . SER A 1 67  ? 6.103   -4.909  -4.515  1.00 35.97 ? 67  SER N OG  1 
ATOM   510  N N   . LEU A 1 68  ? 10.578  -4.624  -4.026  1.00 33.23 ? 68  LEU N N   1 
ATOM   511  C CA  . LEU A 1 68  ? 11.917  -5.211  -4.085  1.00 32.59 ? 68  LEU N CA  1 
ATOM   512  C C   . LEU A 1 68  ? 11.944  -6.426  -3.230  1.00 33.87 ? 68  LEU N C   1 
ATOM   513  O O   . LEU A 1 68  ? 11.712  -6.287  -2.021  1.00 34.56 ? 68  LEU N O   1 
ATOM   514  C CB  . LEU A 1 68  ? 12.956  -4.257  -3.516  1.00 34.05 ? 68  LEU N CB  1 
ATOM   515  C CG  . LEU A 1 68  ? 14.449  -4.596  -3.669  1.00 33.27 ? 68  LEU N CG  1 
ATOM   516  C CD1 . LEU A 1 68  ? 14.823  -4.626  -5.105  1.00 35.18 ? 68  LEU N CD1 1 
ATOM   517  C CD2 . LEU A 1 68  ? 15.362  -3.543  -2.934  1.00 33.15 ? 68  LEU N CD2 1 
ATOM   518  N N   . ARG A 1 69  ? 12.270  -7.568  -3.826  1.00 33.27 ? 69  ARG N N   1 
ATOM   519  C CA  . ARG A 1 69  ? 12.491  -8.824  -3.106  1.00 34.13 ? 69  ARG N CA  1 
ATOM   520  C C   . ARG A 1 69  ? 13.980  -8.990  -3.030  1.00 33.69 ? 69  ARG N C   1 
ATOM   521  O O   . ARG A 1 69  ? 14.676  -8.837  -4.031  1.00 33.99 ? 69  ARG N O   1 
ATOM   522  C CB  . ARG A 1 69  ? 11.913  -10.004 -3.856  1.00 33.99 ? 69  ARG N CB  1 
ATOM   523  C CG  . ARG A 1 69  ? 12.092  -11.347 -3.144  1.00 35.69 ? 69  ARG N CG  1 
ATOM   524  C CD  . ARG A 1 69  ? 11.584  -12.421 -3.967  1.00 37.59 ? 69  ARG N CD  1 
ATOM   525  N NE  . ARG A 1 69  ? 11.844  -13.735 -3.387  1.00 38.21 ? 69  ARG N NE  1 
ATOM   526  C CZ  . ARG A 1 69  ? 10.928  -14.499 -2.792  1.00 39.55 ? 69  ARG N CZ  1 
ATOM   527  N NH1 . ARG A 1 69  ? 9.670   -14.087 -2.694  1.00 41.82 ? 69  ARG N NH1 1 
ATOM   528  N NH2 . ARG A 1 69  ? 11.280  -15.693 -2.307  1.00 40.36 ? 69  ARG N NH2 1 
ATOM   529  N N   . ILE A 1 70  ? 14.483  -9.236  -1.820  1.00 33.33 ? 70  ILE N N   1 
ATOM   530  C CA  . ILE A 1 70  ? 15.908  -9.458  -1.674  1.00 33.33 ? 70  ILE N CA  1 
ATOM   531  C C   . ILE A 1 70  ? 16.069  -10.898 -1.227  1.00 33.05 ? 70  ILE N C   1 
ATOM   532  O O   . ILE A 1 70  ? 15.504  -11.300 -0.207  1.00 34.36 ? 70  ILE N O   1 
ATOM   533  C CB  . ILE A 1 70  ? 16.578  -8.540  -0.699  1.00 32.37 ? 70  ILE N CB  1 
ATOM   534  C CG1 . ILE A 1 70  ? 16.366  -7.058  -1.071  1.00 33.42 ? 70  ILE N CG1 1 
ATOM   535  C CG2 . ILE A 1 70  ? 18.122  -8.903  -0.660  1.00 31.68 ? 70  ILE N CG2 1 
ATOM   536  C CD1 . ILE A 1 70  ? 16.726  -6.147  0.074   1.00 33.81 ? 70  ILE N CD1 1 
ATOM   537  N N   . ASN A 1 71  ? 16.781  -11.678 -2.026  1.00 33.99 ? 71  ASN N N   1 
ATOM   538  C CA  . ASN A 1 71  ? 16.993  -13.129 -1.738  1.00 32.72 ? 71  ASN N CA  1 
ATOM   539  C C   . ASN A 1 71  ? 18.308  -13.413 -1.096  1.00 32.23 ? 71  ASN N C   1 
ATOM   540  O O   . ASN A 1 71  ? 19.264  -12.678 -1.262  1.00 31.50 ? 71  ASN N O   1 
ATOM   541  C CB  . ASN A 1 71  ? 16.892  -13.953 -3.017  1.00 33.38 ? 71  ASN N CB  1 
ATOM   542  C CG  . ASN A 1 71  ? 15.528  -13.907 -3.618  1.00 36.20 ? 71  ASN N CG  1 
ATOM   543  O OD1 . ASN A 1 71  ? 14.513  -14.056 -2.921  1.00 36.59 ? 71  ASN N OD1 1 
ATOM   544  N ND2 . ASN A 1 71  ? 15.476  -13.601 -4.912  1.00 41.97 ? 71  ASN N ND2 1 
ATOM   545  N N   . ASP A 1 72  ? 18.343  -14.521 -0.370  1.00 32.54 ? 72  ASP N N   1 
ATOM   546  C CA  . ASP A 1 72  ? 19.557  -15.007 0.246   1.00 34.19 ? 72  ASP N CA  1 
ATOM   547  C C   . ASP A 1 72  ? 20.166  -13.960 1.183   1.00 33.83 ? 72  ASP N C   1 
ATOM   548  O O   . ASP A 1 72  ? 21.358  -13.671 1.119   1.00 34.74 ? 72  ASP N O   1 
ATOM   549  C CB  . ASP A 1 72  ? 20.536  -15.461 -0.846  1.00 35.24 ? 72  ASP N CB  1 
ATOM   550  C CG  . ASP A 1 72  ? 19.996  -16.663 -1.661  1.00 38.91 ? 72  ASP N CG  1 
ATOM   551  O OD1 . ASP A 1 72  ? 19.707  -17.728 -1.059  1.00 46.79 ? 72  ASP N OD1 1 
ATOM   552  O OD2 . ASP A 1 72  ? 19.861  -16.577 -2.911  1.00 46.15 ? 72  ASP N OD2 1 
ATOM   553  N N   . LEU A 1 73  ? 19.337  -13.425 2.074   1.00 32.56 ? 73  LEU N N   1 
ATOM   554  C CA  . LEU A 1 73  ? 19.779  -12.403 3.050   1.00 33.16 ? 73  LEU N CA  1 
ATOM   555  C C   . LEU A 1 73  ? 20.991  -12.761 3.907   1.00 33.39 ? 73  LEU N C   1 
ATOM   556  O O   . LEU A 1 73  ? 21.149  -13.903 4.362   1.00 31.54 ? 73  LEU N O   1 
ATOM   557  C CB  . LEU A 1 73  ? 18.611  -12.037 3.961   1.00 32.93 ? 73  LEU N CB  1 
ATOM   558  C CG  . LEU A 1 73  ? 17.459  -11.295 3.272   1.00 30.95 ? 73  LEU N CG  1 
ATOM   559  C CD1 . LEU A 1 73  ? 16.193  -11.314 4.136   1.00 27.42 ? 73  LEU N CD1 1 
ATOM   560  C CD2 . LEU A 1 73  ? 17.863  -9.858  3.023   1.00 29.06 ? 73  LEU N CD2 1 
ATOM   561  N N   . THR A 1 74  ? 21.853  -11.771 4.112   1.00 33.81 ? 74  THR N N   1 
ATOM   562  C CA  . THR A 1 74  ? 22.996  -11.871 5.004   1.00 35.45 ? 74  THR N CA  1 
ATOM   563  C C   . THR A 1 74  ? 22.944  -10.781 6.067   1.00 35.81 ? 74  THR N C   1 
ATOM   564  O O   . THR A 1 74  ? 22.262  -9.771  5.915   1.00 34.96 ? 74  THR N O   1 
ATOM   565  C CB  . THR A 1 74  ? 24.283  -11.699 4.209   1.00 35.91 ? 74  THR N CB  1 
ATOM   566  O OG1 . THR A 1 74  ? 24.216  -10.439 3.502   1.00 42.14 ? 74  THR N OG1 1 
ATOM   567  C CG2 . THR A 1 74  ? 24.435  -12.892 3.192   1.00 34.74 ? 74  THR N CG2 1 
ATOM   568  N N   . VAL A 1 75  ? 23.713  -10.946 7.128   1.00 36.35 ? 75  VAL N N   1 
ATOM   569  C CA  . VAL A 1 75  ? 23.815  -9.862  8.102   1.00 37.15 ? 75  VAL N CA  1 
ATOM   570  C C   . VAL A 1 75  ? 24.119  -8.504  7.437   1.00 38.01 ? 75  VAL N C   1 
ATOM   571  O O   . VAL A 1 75  ? 23.654  -7.462  7.916   1.00 37.39 ? 75  VAL N O   1 
ATOM   572  C CB  . VAL A 1 75  ? 24.846  -10.148 9.183   1.00 36.87 ? 75  VAL N CB  1 
ATOM   573  C CG1 . VAL A 1 75  ? 24.385  -11.388 9.997   1.00 36.87 ? 75  VAL N CG1 1 
ATOM   574  C CG2 . VAL A 1 75  ? 26.231  -10.307 8.573   1.00 35.59 ? 75  VAL N CG2 1 
ATOM   575  N N   . GLU A 1 76  ? 24.846  -8.510  6.314   1.00 38.85 ? 76  GLU N N   1 
ATOM   576  C CA  . GLU A 1 76  ? 25.276  -7.228  5.729   1.00 38.84 ? 76  GLU N CA  1 
ATOM   577  C C   . GLU A 1 76  ? 24.135  -6.506  5.040   1.00 38.30 ? 76  GLU N C   1 
ATOM   578  O O   . GLU A 1 76  ? 24.339  -5.391  4.550   1.00 37.46 ? 76  GLU N O   1 
ATOM   579  C CB  . GLU A 1 76  ? 26.404  -7.398  4.714   1.00 39.80 ? 76  GLU N CB  1 
ATOM   580  C CG  . GLU A 1 76  ? 27.576  -8.244  5.137   1.00 41.72 ? 76  GLU N CG  1 
ATOM   581  C CD  . GLU A 1 76  ? 28.341  -7.692  6.327   1.00 46.14 ? 76  GLU N CD  1 
ATOM   582  O OE1 . GLU A 1 76  ? 28.320  -6.444  6.560   1.00 50.17 ? 76  GLU N OE1 1 
ATOM   583  O OE2 . GLU A 1 76  ? 28.978  -8.516  7.023   1.00 46.14 ? 76  GLU N OE2 1 
ATOM   584  N N   . ASP A 1 77  ? 22.957  -7.139  4.938   1.00 38.01 ? 77  ASP N N   1 
ATOM   585  C CA  . ASP A 1 77  ? 21.806  -6.480  4.355   1.00 38.05 ? 77  ASP N CA  1 
ATOM   586  C C   . ASP A 1 77  ? 21.007  -5.678  5.366   1.00 38.35 ? 77  ASP N C   1 
ATOM   587  O O   . ASP A 1 77  ? 19.974  -5.018  5.002   1.00 39.73 ? 77  ASP N O   1 
ATOM   588  C CB  . ASP A 1 77  ? 20.907  -7.481  3.639   1.00 38.24 ? 77  ASP N CB  1 
ATOM   589  C CG  . ASP A 1 77  ? 21.608  -8.194  2.495   1.00 38.33 ? 77  ASP N CG  1 
ATOM   590  O OD1 . ASP A 1 77  ? 22.300  -7.518  1.704   1.00 35.10 ? 77  ASP N OD1 1 
ATOM   591  O OD2 . ASP A 1 77  ? 21.460  -9.450  2.369   1.00 37.42 ? 77  ASP N OD2 1 
ATOM   592  N N   . SER A 1 78  ? 21.467  -5.673  6.607   1.00 37.06 ? 78  SER N N   1 
ATOM   593  C CA  . SER A 1 78  ? 20.756  -4.937  7.647   1.00 36.61 ? 78  SER N CA  1 
ATOM   594  C C   . SER A 1 78  ? 20.903  -3.434  7.366   1.00 35.97 ? 78  SER N C   1 
ATOM   595  O O   . SER A 1 78  ? 21.984  -2.974  6.969   1.00 34.10 ? 78  SER N O   1 
ATOM   596  C CB  . SER A 1 78  ? 21.266  -5.316  9.016   1.00 36.02 ? 78  SER N CB  1 
ATOM   597  O OG  . SER A 1 78  ? 21.024  -6.720  9.267   1.00 37.45 ? 78  SER N OG  1 
ATOM   598  N N   . GLY A 1 79  ? 19.826  -2.687  7.550   1.00 34.58 ? 79  GLY N N   1 
ATOM   599  C CA  . GLY A 1 79  ? 19.879  -1.272  7.231   1.00 34.77 ? 79  GLY N CA  1 
ATOM   600  C C   . GLY A 1 79  ? 18.538  -0.672  7.071   1.00 34.44 ? 79  GLY N C   1 
ATOM   601  O O   . GLY A 1 79  ? 17.529  -1.338  7.217   1.00 33.36 ? 79  GLY N O   1 
ATOM   602  N N   . THR A 1 80  ? 18.527  0.602   6.729   1.00 34.49 ? 80  THR N N   1 
ATOM   603  C CA  . THR A 1 80  ? 17.280  1.253   6.369   1.00 35.01 ? 80  THR N CA  1 
ATOM   604  C C   . THR A 1 80  ? 17.182  1.381   4.836   1.00 34.23 ? 80  THR N C   1 
ATOM   605  O O   . THR A 1 80  ? 18.097  1.921   4.160   1.00 33.51 ? 80  THR N O   1 
ATOM   606  C CB  . THR A 1 80  ? 17.156  2.609   7.052   1.00 36.45 ? 80  THR N CB  1 
ATOM   607  O OG1 . THR A 1 80  ? 17.149  2.381   8.471   1.00 38.35 ? 80  THR N OG1 1 
ATOM   608  C CG2 . THR A 1 80  ? 15.872  3.293   6.630   1.00 36.66 ? 80  THR N CG2 1 
ATOM   609  N N   . TYR A 1 81  ? 16.086  0.863   4.304   1.00 33.04 ? 81  TYR N N   1 
ATOM   610  C CA  . TYR A 1 81  ? 15.834  0.889   2.851   1.00 33.74 ? 81  TYR N CA  1 
ATOM   611  C C   . TYR A 1 81  ? 14.758  1.914   2.483   1.00 34.87 ? 81  TYR N C   1 
ATOM   612  O O   . TYR A 1 81  ? 13.738  2.071   3.226   1.00 34.60 ? 81  TYR N O   1 
ATOM   613  C CB  . TYR A 1 81  ? 15.420  -0.487  2.385   1.00 34.19 ? 81  TYR N CB  1 
ATOM   614  C CG  . TYR A 1 81  ? 16.490  -1.527  2.442   1.00 32.35 ? 81  TYR N CG  1 
ATOM   615  C CD1 . TYR A 1 81  ? 16.926  -2.007  3.639   1.00 32.77 ? 81  TYR N CD1 1 
ATOM   616  C CD2 . TYR A 1 81  ? 17.026  -2.060  1.303   1.00 33.35 ? 81  TYR N CD2 1 
ATOM   617  C CE1 . TYR A 1 81  ? 17.938  -2.961  3.710   1.00 33.23 ? 81  TYR N CE1 1 
ATOM   618  C CE2 . TYR A 1 81  ? 18.004  -3.035  1.362   1.00 34.36 ? 81  TYR N CE2 1 
ATOM   619  C CZ  . TYR A 1 81  ? 18.452  -3.479  2.547   1.00 33.36 ? 81  TYR N CZ  1 
ATOM   620  O OH  . TYR A 1 81  ? 19.459  -4.437  2.604   1.00 34.80 ? 81  TYR N OH  1 
ATOM   621  N N   . ARG A 1 82  ? 14.935  2.641   1.371   1.00 34.37 ? 82  ARG N N   1 
ATOM   622  C CA  . ARG A 1 82  ? 13.783  3.458   0.857   1.00 34.43 ? 82  ARG N CA  1 
ATOM   623  C C   . ARG A 1 82  ? 13.650  3.349   -0.658  1.00 34.52 ? 82  ARG N C   1 
ATOM   624  O O   . ARG A 1 82  ? 14.638  3.259   -1.339  1.00 32.70 ? 82  ARG N O   1 
ATOM   625  C CB  . ARG A 1 82  ? 13.851  4.988   1.081   1.00 36.30 ? 82  ARG N CB  1 
ATOM   626  C CG  . ARG A 1 82  ? 14.920  5.636   1.782   1.00 38.68 ? 82  ARG N CG  1 
ATOM   627  C CD  . ARG A 1 82  ? 14.635  7.153   1.960   1.00 35.49 ? 82  ARG N CD  1 
ATOM   628  N NE  . ARG A 1 82  ? 15.732  7.980   1.512   1.00 36.72 ? 82  ARG N NE  1 
ATOM   629  C CZ  . ARG A 1 82  ? 15.731  9.292   1.500   1.00 35.18 ? 82  ARG N CZ  1 
ATOM   630  N NH1 . ARG A 1 82  ? 14.626  9.971   1.827   1.00 32.98 ? 82  ARG N NH1 1 
ATOM   631  N NH2 . ARG A 1 82  ? 16.813  9.910   1.118   1.00 37.73 ? 82  ARG N NH2 1 
ATOM   632  N N   . CYS A 1 83  ? 12.416  3.568   -1.152  1.00 33.82 ? 83  CYS N N   1 
ATOM   633  C CA  . CYS A 1 83  ? 12.094  3.602   -2.558  1.00 34.19 ? 83  CYS N CA  1 
ATOM   634  C C   . CYS A 1 83  ? 11.776  5.019   -2.999  1.00 33.89 ? 83  CYS N C   1 
ATOM   635  O O   . CYS A 1 83  ? 11.453  5.892   -2.180  1.00 33.22 ? 83  CYS N O   1 
ATOM   636  C CB  . CYS A 1 83  ? 10.909  2.695   -2.834  1.00 35.07 ? 83  CYS N CB  1 
ATOM   637  S SG  . CYS A 1 83  ? 9.404   3.302   -2.056  1.00 36.44 ? 83  CYS N SG  1 
ATOM   638  N N   . LYS A 1 84  ? 11.936  5.267   -4.307  1.00 33.29 ? 84  LYS N N   1 
ATOM   639  C CA  . LYS A 1 84  ? 11.652  6.550   -4.901  1.00 32.66 ? 84  LYS N CA  1 
ATOM   640  C C   . LYS A 1 84  ? 11.168  6.359   -6.335  1.00 32.53 ? 84  LYS N C   1 
ATOM   641  O O   . LYS A 1 84  ? 11.892  5.808   -7.184  1.00 31.92 ? 84  LYS N O   1 
ATOM   642  C CB  . LYS A 1 84  ? 12.921  7.407   -4.929  1.00 31.82 ? 84  LYS N CB  1 
ATOM   643  C CG  . LYS A 1 84  ? 12.598  8.850   -5.271  1.00 33.10 ? 84  LYS N CG  1 
ATOM   644  C CD  . LYS A 1 84  ? 13.852  9.594   -5.759  1.00 33.59 ? 84  LYS N CD  1 
ATOM   645  C CE  . LYS A 1 84  ? 13.486  11.014  -6.031  1.00 34.32 ? 84  LYS N CE  1 
ATOM   646  N NZ  . LYS A 1 84  ? 14.624  11.815  -6.539  1.00 37.90 ? 84  LYS N NZ  1 
ATOM   647  N N   . PRO A 1 85  ? 9.939   6.812   -6.637  1.00 32.61 ? 85  PRO N N   1 
ATOM   648  C CA  . PRO A 1 85  ? 9.534   6.857   -8.031  1.00 32.73 ? 85  PRO N CA  1 
ATOM   649  C C   . PRO A 1 85  ? 10.021  8.106   -8.691  1.00 34.84 ? 85  PRO N C   1 
ATOM   650  O O   . PRO A 1 85  ? 10.301  9.128   -8.032  1.00 34.40 ? 85  PRO N O   1 
ATOM   651  C CB  . PRO A 1 85  ? 8.007   6.885   -7.941  1.00 32.54 ? 85  PRO N CB  1 
ATOM   652  C CG  . PRO A 1 85  ? 7.801   7.696   -6.703  1.00 32.88 ? 85  PRO N CG  1 
ATOM   653  C CD  . PRO A 1 85  ? 8.836   7.190   -5.739  1.00 32.95 ? 85  PRO N CD  1 
ATOM   654  N N   . GLU A 1 86  ? 10.084  8.028   -10.005 1.00 35.62 ? 86  GLU N N   1 
ATOM   655  C CA  . GLU A 1 86  ? 10.313  9.194   -10.792 1.00 37.69 ? 86  GLU N CA  1 
ATOM   656  C C   . GLU A 1 86  ? 9.363   9.177   -12.018 1.00 38.16 ? 86  GLU N C   1 
ATOM   657  O O   . GLU A 1 86  ? 9.046   8.118   -12.556 1.00 37.25 ? 86  GLU N O   1 
ATOM   658  C CB  . GLU A 1 86  ? 11.815  9.267   -11.122 1.00 37.67 ? 86  GLU N CB  1 
ATOM   659  C CG  . GLU A 1 86  ? 12.670  9.827   -9.926  1.00 37.47 ? 86  GLU N CG  1 
ATOM   660  C CD  . GLU A 1 86  ? 14.068  10.355  -10.331 1.00 40.20 ? 86  GLU N CD  1 
ATOM   661  O OE1 . GLU A 1 86  ? 14.341  10.506  -11.551 1.00 43.11 ? 86  GLU N OE1 1 
ATOM   662  O OE2 . GLU A 1 86  ? 14.895  10.628  -9.414  1.00 41.41 ? 86  GLU N OE2 1 
ATOM   663  N N   . SER A 1 87  ? 8.883   10.361  -12.417 1.00 40.91 ? 87  SER N N   1 
ATOM   664  C CA  . SER A 1 87  ? 7.919   10.532  -13.536 1.00 41.37 ? 87  SER N CA  1 
ATOM   665  C C   . SER A 1 87  ? 8.588   11.323  -14.633 1.00 42.12 ? 87  SER N C   1 
ATOM   666  O O   . SER A 1 87  ? 9.474   12.113  -14.368 1.00 41.86 ? 87  SER N O   1 
ATOM   667  C CB  . SER A 1 87  ? 6.657   11.316  -13.114 1.00 41.16 ? 87  SER N CB  1 
ATOM   668  O OG  . SER A 1 87  ? 5.851   10.574  -12.220 1.00 42.70 ? 87  SER N OG  1 
ATOM   669  N N   . ARG A 1 88  ? 8.131   11.141  -15.863 1.00 43.59 ? 88  ARG N N   1 
ATOM   670  C CA  . ARG A 1 88  ? 8.510   12.057  -16.938 1.00 44.91 ? 88  ARG N CA  1 
ATOM   671  C C   . ARG A 1 88  ? 7.715   13.334  -16.695 1.00 45.02 ? 88  ARG N C   1 
ATOM   672  O O   . ARG A 1 88  ? 8.145   14.426  -17.059 1.00 45.40 ? 88  ARG N O   1 
ATOM   673  C CB  . ARG A 1 88  ? 8.147   11.539  -18.335 1.00 45.57 ? 88  ARG N CB  1 
ATOM   674  C CG  . ARG A 1 88  ? 8.508   10.090  -18.688 1.00 47.59 ? 88  ARG N CG  1 
ATOM   675  C CD  . ARG A 1 88  ? 7.414   9.567   -19.645 1.00 48.49 ? 88  ARG N CD  1 
ATOM   676  N NE  . ARG A 1 88  ? 7.850   8.567   -20.625 1.00 50.20 ? 88  ARG N NE  1 
ATOM   677  C CZ  . ARG A 1 88  ? 7.192   8.299   -21.760 1.00 50.84 ? 88  ARG N CZ  1 
ATOM   678  N NH1 . ARG A 1 88  ? 6.067   8.959   -22.075 1.00 50.87 ? 88  ARG N NH1 1 
ATOM   679  N NH2 . ARG A 1 88  ? 7.660   7.375   -22.600 1.00 50.26 ? 88  ARG N NH2 1 
ATOM   680  N N   . ASP A 1 93  ? 4.519   18.993  -16.617 1.00 59.31 ? 93  ASP N N   1 
ATOM   681  C CA  . ASP A 1 93  ? 3.660   18.813  -15.452 1.00 59.07 ? 93  ASP N CA  1 
ATOM   682  C C   . ASP A 1 93  ? 4.401   19.152  -14.146 1.00 58.96 ? 93  ASP N C   1 
ATOM   683  O O   . ASP A 1 93  ? 5.156   18.325  -13.623 1.00 59.16 ? 93  ASP N O   1 
ATOM   684  C CB  . ASP A 1 93  ? 3.108   17.380  -15.417 1.00 59.13 ? 93  ASP N CB  1 
ATOM   685  C CG  . ASP A 1 93  ? 1.994   17.206  -14.392 1.00 59.78 ? 93  ASP N CG  1 
ATOM   686  O OD1 . ASP A 1 93  ? 0.810   17.065  -14.787 1.00 60.32 ? 93  ASP N OD1 1 
ATOM   687  O OD2 . ASP A 1 93  ? 2.306   17.216  -13.182 1.00 61.69 ? 93  ASP N OD2 1 
ATOM   688  N N   . ALA A 1 94  ? 4.177   20.375  -13.639 1.00 58.59 ? 94  ALA N N   1 
ATOM   689  C CA  . ALA A 1 94  ? 4.741   20.844  -12.358 1.00 58.22 ? 94  ALA N CA  1 
ATOM   690  C C   . ALA A 1 94  ? 4.721   19.756  -11.287 1.00 58.10 ? 94  ALA N C   1 
ATOM   691  O O   . ALA A 1 94  ? 5.728   19.514  -10.602 1.00 58.79 ? 94  ALA N O   1 
ATOM   692  C CB  . ALA A 1 94  ? 3.975   22.051  -11.854 1.00 58.15 ? 94  ALA N CB  1 
ATOM   693  N N   . GLU A 1 95  ? 3.569   19.100  -11.156 1.00 57.41 ? 95  GLU N N   1 
ATOM   694  C CA  . GLU A 1 95  ? 3.363   18.091  -10.122 1.00 57.12 ? 95  GLU N CA  1 
ATOM   695  C C   . GLU A 1 95  ? 4.355   16.919  -10.262 1.00 57.23 ? 95  GLU N C   1 
ATOM   696  O O   . GLU A 1 95  ? 4.761   16.300  -9.248  1.00 57.13 ? 95  GLU N O   1 
ATOM   697  C CB  . GLU A 1 95  ? 1.895   17.605  -10.164 1.00 56.51 ? 95  GLU N CB  1 
ATOM   698  C CG  . GLU A 1 95  ? 1.552   16.356  -9.298  1.00 56.98 ? 95  GLU N CG  1 
ATOM   699  C CD  . GLU A 1 95  ? 0.113   15.846  -9.505  1.00 56.47 ? 95  GLU N CD  1 
ATOM   700  O OE1 . GLU A 1 95  ? -0.605  16.401  -10.369 1.00 57.48 ? 95  GLU N OE1 1 
ATOM   701  O OE2 . GLU A 1 95  ? -0.303  14.903  -8.800  1.00 51.72 ? 95  GLU N OE2 1 
ATOM   702  N N   . CYS A 1 96  ? 4.727   16.607  -11.509 1.00 57.18 ? 96  CYS N N   1 
ATOM   703  C CA  . CYS A 1 96  ? 5.499   15.384  -11.801 1.00 57.43 ? 96  CYS N CA  1 
ATOM   704  C C   . CYS A 1 96  ? 6.991   15.632  -11.727 1.00 57.07 ? 96  CYS N C   1 
ATOM   705  O O   . CYS A 1 96  ? 7.736   14.719  -11.420 1.00 55.69 ? 96  CYS N O   1 
ATOM   706  C CB  . CYS A 1 96  ? 5.103   14.787  -13.150 1.00 57.49 ? 96  CYS N CB  1 
ATOM   707  S SG  . CYS A 1 96  ? 3.331   14.350  -13.193 1.00 60.03 ? 96  CYS N SG  1 
ATOM   708  N N   . ALA A 1 97  ? 7.419   16.869  -11.993 1.00 57.16 ? 97  ALA N N   1 
ATOM   709  C CA  . ALA A 1 97  ? 8.753   17.305  -11.570 1.00 57.26 ? 97  ALA N CA  1 
ATOM   710  C C   . ALA A 1 97  ? 8.855   17.087  -10.047 1.00 57.38 ? 97  ALA N C   1 
ATOM   711  O O   . ALA A 1 97  ? 9.853   16.544  -9.542  1.00 57.73 ? 97  ALA N O   1 
ATOM   712  C CB  . ALA A 1 97  ? 8.993   18.770  -11.949 1.00 57.16 ? 97  ALA N CB  1 
ATOM   713  N N   . ALA A 1 98  ? 7.778   17.450  -9.341  1.00 57.36 ? 98  ALA N N   1 
ATOM   714  C CA  . ALA A 1 98  ? 7.618   17.190  -7.887  1.00 56.84 ? 98  ALA N CA  1 
ATOM   715  C C   . ALA A 1 98  ? 7.137   15.755  -7.464  1.00 56.61 ? 98  ALA N C   1 
ATOM   716  O O   . ALA A 1 98  ? 6.469   15.581  -6.428  1.00 57.31 ? 98  ALA N O   1 
ATOM   717  C CB  . ALA A 1 98  ? 6.696   18.258  -7.288  1.00 57.17 ? 98  ALA N CB  1 
ATOM   718  N N   . LEU A 1 99  ? 7.446   14.745  -8.270  1.00 55.26 ? 99  LEU N N   1 
ATOM   719  C CA  . LEU A 1 99  ? 7.427   13.342  -7.829  1.00 54.27 ? 99  LEU N CA  1 
ATOM   720  C C   . LEU A 1 99  ? 8.883   12.827  -7.658  1.00 53.30 ? 99  LEU N C   1 
ATOM   721  O O   . LEU A 1 99  ? 9.161   11.800  -6.971  1.00 53.68 ? 99  LEU N O   1 
ATOM   722  C CB  . LEU A 1 99  ? 6.662   12.488  -8.847  1.00 54.34 ? 99  LEU N CB  1 
ATOM   723  C CG  . LEU A 1 99  ? 6.529   10.999  -8.539  1.00 54.87 ? 99  LEU N CG  1 
ATOM   724  C CD1 . LEU A 1 99  ? 5.551   10.771  -7.410  1.00 55.59 ? 99  LEU N CD1 1 
ATOM   725  C CD2 . LEU A 1 99  ? 6.087   10.233  -9.752  1.00 54.98 ? 99  LEU N CD2 1 
ATOM   726  N N   . ASN A 1 100 ? 9.825   13.561  -8.260  1.00 51.90 ? 100 ASN N N   1 
ATOM   727  C CA  . ASN A 1 100 ? 11.243  13.216  -8.188  1.00 50.34 ? 100 ASN N CA  1 
ATOM   728  C C   . ASN A 1 100 ? 11.862  13.916  -6.939  1.00 49.23 ? 100 ASN N C   1 
ATOM   729  O O   . ASN A 1 100 ? 13.046  14.365  -6.932  1.00 49.80 ? 100 ASN N O   1 
ATOM   730  C CB  . ASN A 1 100 ? 11.957  13.631  -9.496  1.00 51.36 ? 100 ASN N CB  1 
ATOM   731  C CG  . ASN A 1 100 ? 11.121  13.344  -10.774 1.00 52.53 ? 100 ASN N CG  1 
ATOM   732  O OD1 . ASN A 1 100 ? 10.024  12.591  -10.647 1.00 51.55 ? 100 ASN N OD1 1 
ATOM   733  N ND2 . ASN A 1 100 ? 11.462  13.839  -11.853 1.00 56.62 ? 100 ASN N ND2 1 
ATOM   734  N N   . ASP A 1 101 ? 11.001  14.057  -5.923  1.00 46.09 ? 101 ASP N N   1 
ATOM   735  C CA  . ASP A 1 101 ? 11.308  14.597  -4.615  1.00 44.34 ? 101 ASP N CA  1 
ATOM   736  C C   . ASP A 1 101 ? 10.667  13.729  -3.496  1.00 41.94 ? 101 ASP N C   1 
ATOM   737  O O   . ASP A 1 101 ? 11.043  13.844  -2.341  1.00 41.82 ? 101 ASP N O   1 
ATOM   738  C CB  . ASP A 1 101 ? 10.748  16.017  -4.530  1.00 44.34 ? 101 ASP N CB  1 
ATOM   739  C CG  . ASP A 1 101 ? 9.276   16.085  -4.906  1.00 44.43 ? 101 ASP N CG  1 
ATOM   740  O OD1 . ASP A 1 101 ? 8.677   15.012  -5.071  1.00 53.76 ? 101 ASP N OD1 1 
ATOM   741  O OD2 . ASP A 1 101 ? 8.694   17.193  -5.054  1.00 48.40 ? 101 ASP N OD2 1 
ATOM   742  N N   . GLN A 1 102 ? 9.720   12.860  -3.850  1.00 38.91 ? 102 GLN N N   1 
ATOM   743  C CA  . GLN A 1 102 ? 8.991   12.032  -2.896  1.00 37.20 ? 102 GLN N CA  1 
ATOM   744  C C   . GLN A 1 102 ? 9.659   10.701  -2.705  1.00 34.63 ? 102 GLN N C   1 
ATOM   745  O O   . GLN A 1 102 ? 9.936   10.037  -3.690  1.00 34.00 ? 102 GLN N O   1 
ATOM   746  C CB  . GLN A 1 102 ? 7.599   11.682  -3.471  1.00 36.50 ? 102 GLN N CB  1 
ATOM   747  C CG  . GLN A 1 102 ? 6.650   12.830  -3.581  1.00 39.62 ? 102 GLN N CG  1 
ATOM   748  C CD  . GLN A 1 102 ? 5.304   12.393  -4.031  1.00 38.24 ? 102 GLN N CD  1 
ATOM   749  O OE1 . GLN A 1 102 ? 4.951   11.158  -3.750  1.00 42.45 ? 102 GLN N OE1 1 
ATOM   750  N NE2 . GLN A 1 102 ? 4.587   13.162  -4.629  1.00 46.00 ? 102 GLN N NE2 1 
ATOM   751  N N   . TYR A 1 103 ? 9.821   10.264  -1.460  1.00 32.25 ? 103 TYR N N   1 
ATOM   752  C CA  . TYR A 1 103 ? 10.341  8.903   -1.156  1.00 32.58 ? 103 TYR N CA  1 
ATOM   753  C C   . TYR A 1 103 ? 9.404   8.140   -0.229  1.00 32.19 ? 103 TYR N C   1 
ATOM   754  O O   . TYR A 1 103 ? 8.676   8.750   0.526   1.00 31.61 ? 103 TYR N O   1 
ATOM   755  C CB  . TYR A 1 103 ? 11.653  9.022   -0.396  1.00 32.29 ? 103 TYR N CB  1 
ATOM   756  C CG  . TYR A 1 103 ? 12.763  9.689   -1.167  1.00 31.29 ? 103 TYR N CG  1 
ATOM   757  C CD1 . TYR A 1 103 ? 12.769  11.036  -1.388  1.00 31.46 ? 103 TYR N CD1 1 
ATOM   758  C CD2 . TYR A 1 103 ? 13.828  8.937   -1.647  1.00 33.43 ? 103 TYR N CD2 1 
ATOM   759  C CE1 . TYR A 1 103 ? 13.807  11.660  -2.090  1.00 31.78 ? 103 TYR N CE1 1 
ATOM   760  C CE2 . TYR A 1 103 ? 14.875  9.557   -2.340  1.00 33.07 ? 103 TYR N CE2 1 
ATOM   761  C CZ  . TYR A 1 103 ? 14.851  10.881  -2.578  1.00 31.59 ? 103 TYR N CZ  1 
ATOM   762  O OH  . TYR A 1 103 ? 15.899  11.498  -3.246  1.00 31.27 ? 103 TYR N OH  1 
ATOM   763  N N   . GLY A 1 104 ? 9.531   6.816   -0.210  1.00 31.34 ? 104 GLY N N   1 
ATOM   764  C CA  . GLY A 1 104 ? 8.850   6.003   0.757   1.00 31.51 ? 104 GLY N CA  1 
ATOM   765  C C   . GLY A 1 104 ? 9.406   6.337   2.121   1.00 32.51 ? 104 GLY N C   1 
ATOM   766  O O   . GLY A 1 104 ? 10.540  6.936   2.236   1.00 31.56 ? 104 GLY N O   1 
ATOM   767  N N   . GLY A 1 105 ? 8.622   6.005   3.156   1.00 31.19 ? 105 GLY N N   1 
ATOM   768  C CA  . GLY A 1 105 ? 8.977   6.343   4.500   1.00 31.56 ? 105 GLY N CA  1 
ATOM   769  C C   . GLY A 1 105 ? 9.985   5.441   5.171   1.00 31.53 ? 105 GLY N C   1 
ATOM   770  O O   . GLY A 1 105 ? 10.427  5.728   6.291   1.00 31.50 ? 105 GLY N O   1 
ATOM   771  N N   . GLY A 1 106 ? 10.384  4.379   4.517   1.00 31.20 ? 106 GLY N N   1 
ATOM   772  C CA  . GLY A 1 106 ? 11.513  3.597   5.001   1.00 31.64 ? 106 GLY N CA  1 
ATOM   773  C C   . GLY A 1 106 ? 11.112  2.299   5.584   1.00 31.11 ? 106 GLY N C   1 
ATOM   774  O O   . GLY A 1 106 ? 9.977   2.148   6.051   1.00 31.98 ? 106 GLY N O   1 
ATOM   775  N N   . THR A 1 107 ? 12.037  1.356   5.533   1.00 31.31 ? 107 THR N N   1 
ATOM   776  C CA  . THR A 1 107 ? 11.864  0.024   6.154   1.00 31.74 ? 107 THR N CA  1 
ATOM   777  C C   . THR A 1 107 ? 13.167  -0.270  6.860   1.00 32.44 ? 107 THR N C   1 
ATOM   778  O O   . THR A 1 107 ? 14.193  -0.216  6.206   1.00 32.72 ? 107 THR N O   1 
ATOM   779  C CB  . THR A 1 107 ? 11.579  -1.091  5.116   1.00 33.62 ? 107 THR N CB  1 
ATOM   780  O OG1 . THR A 1 107 ? 10.372  -0.768  4.371   1.00 32.88 ? 107 THR N OG1 1 
ATOM   781  C CG2 . THR A 1 107 ? 11.401  -2.483  5.864   1.00 31.07 ? 107 THR N CG2 1 
ATOM   782  N N   . VAL A 1 108 ? 13.119  -0.508  8.194   1.00 30.32 ? 108 VAL N N   1 
ATOM   783  C CA  . VAL A 1 108 ? 14.278  -0.965  8.933   1.00 30.49 ? 108 VAL N CA  1 
ATOM   784  C C   . VAL A 1 108 ? 14.382  -2.485  8.847   1.00 30.11 ? 108 VAL N C   1 
ATOM   785  O O   . VAL A 1 108 ? 13.461  -3.206  9.291   1.00 29.12 ? 108 VAL N O   1 
ATOM   786  C CB  . VAL A 1 108 ? 14.168  -0.521  10.398  1.00 28.43 ? 108 VAL N CB  1 
ATOM   787  C CG1 . VAL A 1 108 ? 15.400  -0.895  11.151  1.00 30.15 ? 108 VAL N CG1 1 
ATOM   788  C CG2 . VAL A 1 108 ? 14.029  1.009   10.403  1.00 30.83 ? 108 VAL N CG2 1 
ATOM   789  N N   . VAL A 1 109 ? 15.514  -2.958  8.317   1.00 30.66 ? 109 VAL N N   1 
ATOM   790  C CA  . VAL A 1 109 ? 15.700  -4.353  8.057   1.00 30.54 ? 109 VAL N CA  1 
ATOM   791  C C   . VAL A 1 109 ? 16.789  -4.888  8.983   1.00 31.32 ? 109 VAL N C   1 
ATOM   792  O O   . VAL A 1 109 ? 17.885  -4.310  9.012   1.00 30.08 ? 109 VAL N O   1 
ATOM   793  C CB  . VAL A 1 109 ? 16.108  -4.624  6.586   1.00 30.77 ? 109 VAL N CB  1 
ATOM   794  C CG1 . VAL A 1 109 ? 16.598  -6.132  6.399   1.00 31.00 ? 109 VAL N CG1 1 
ATOM   795  C CG2 . VAL A 1 109 ? 14.928  -4.295  5.591   1.00 30.67 ? 109 VAL N CG2 1 
ATOM   796  N N   . THR A 1 110 ? 16.495  -6.014  9.654   1.00 30.48 ? 110 THR N N   1 
ATOM   797  C CA  . THR A 1 110 ? 17.421  -6.690  10.504  1.00 31.43 ? 110 THR N CA  1 
ATOM   798  C C   . THR A 1 110 ? 17.591  -8.098  10.005  1.00 31.95 ? 110 THR N C   1 
ATOM   799  O O   . THR A 1 110 ? 16.662  -8.898  10.047  1.00 32.74 ? 110 THR N O   1 
ATOM   800  C CB  . THR A 1 110 ? 16.888  -6.792  11.980  1.00 32.11 ? 110 THR N CB  1 
ATOM   801  O OG1 . THR A 1 110 ? 16.682  -5.503  12.503  1.00 33.81 ? 110 THR N OG1 1 
ATOM   802  C CG2 . THR A 1 110 ? 17.875  -7.488  12.925  1.00 31.82 ? 110 THR N CG2 1 
ATOM   803  N N   . VAL A 1 111 ? 18.804  -8.449  9.641   1.00 31.85 ? 111 VAL N N   1 
ATOM   804  C CA  . VAL A 1 111 ? 19.099  -9.837  9.340   1.00 31.06 ? 111 VAL N CA  1 
ATOM   805  C C   . VAL A 1 111 ? 20.047  -10.406 10.348  1.00 30.79 ? 111 VAL N C   1 
ATOM   806  O O   . VAL A 1 111 ? 21.143  -9.908  10.502  1.00 27.43 ? 111 VAL N O   1 
ATOM   807  C CB  . VAL A 1 111 ? 19.681  -9.980  7.893   1.00 30.51 ? 111 VAL N CB  1 
ATOM   808  C CG1 . VAL A 1 111 ? 19.907  -11.452 7.578   1.00 31.19 ? 111 VAL N CG1 1 
ATOM   809  C CG2 . VAL A 1 111 ? 18.743  -9.328  6.880   1.00 27.57 ? 111 VAL N CG2 1 
ATOM   810  N N   . ASN A 1 112 ? 19.612  -11.481 11.021  1.00 32.02 ? 112 ASN N N   1 
ATOM   811  C CA  . ASN A 1 112 ? 20.371  -12.121 12.095  1.00 33.85 ? 112 ASN N CA  1 
ATOM   812  C C   . ASN A 1 112 ? 21.324  -13.167 11.596  1.00 34.54 ? 112 ASN N C   1 
ATOM   813  O O   . ASN A 1 112 ? 20.973  -13.947 10.713  1.00 33.37 ? 112 ASN N O   1 
ATOM   814  C CB  . ASN A 1 112 ? 19.410  -12.828 13.048  1.00 33.78 ? 112 ASN N CB  1 
ATOM   815  C CG  . ASN A 1 112 ? 18.441  -11.872 13.698  1.00 36.48 ? 112 ASN N CG  1 
ATOM   816  O OD1 . ASN A 1 112 ? 18.770  -10.692 13.908  1.00 36.70 ? 112 ASN N OD1 1 
ATOM   817  N ND2 . ASN A 1 112 ? 17.232  -12.365 14.012  1.00 35.02 ? 112 ASN N ND2 1 
ATOM   818  N N   . ALA A 1 113 ? 22.503  -13.245 12.214  1.00 35.91 ? 113 ALA N N   1 
ATOM   819  C CA  . ALA A 1 113 ? 23.433  -14.311 11.883  1.00 36.87 ? 113 ALA N CA  1 
ATOM   820  C C   . ALA A 1 113 ? 22.660  -15.613 12.003  1.00 37.89 ? 113 ALA N C   1 
ATOM   821  O O   . ALA A 1 113 ? 21.937  -15.813 12.968  1.00 37.77 ? 113 ALA N O   1 
ATOM   822  C CB  . ALA A 1 113 ? 24.626  -14.319 12.828  1.00 36.99 ? 113 ALA N CB  1 
ATOM   823  N N   . ALA A 1 114 ? 22.758  -16.465 10.989  1.00 39.21 ? 114 ALA N N   1 
ATOM   824  C CA  . ALA A 1 114 ? 22.226  -17.837 11.077  1.00 39.93 ? 114 ALA N CA  1 
ATOM   825  C C   . ALA A 1 114 ? 23.209  -18.778 10.399  1.00 40.86 ? 114 ALA N C   1 
ATOM   826  O O   . ALA A 1 114 ? 23.968  -18.330 9.537   1.00 41.70 ? 114 ALA N O   1 
ATOM   827  C CB  . ALA A 1 114 ? 20.808  -17.948 10.437  1.00 40.72 ? 114 ALA N CB  1 
ATOM   828  N N   . ARG B 1 2   ? -6.432  -13.472 3.358   1.00 29.91 ? 2   ARG O N   1 
ATOM   829  C CA  . ARG B 1 2   ? -7.121  -12.716 2.293   1.00 32.54 ? 2   ARG O CA  1 
ATOM   830  C C   . ARG B 1 2   ? -8.278  -11.913 2.802   1.00 30.91 ? 2   ARG O C   1 
ATOM   831  O O   . ARG B 1 2   ? -8.788  -12.146 3.886   1.00 30.52 ? 2   ARG O O   1 
ATOM   832  C CB  . ARG B 1 2   ? -7.569  -13.584 1.160   1.00 31.27 ? 2   ARG O CB  1 
ATOM   833  C CG  . ARG B 1 2   ? -8.127  -14.772 1.600   1.00 35.59 ? 2   ARG O CG  1 
ATOM   834  C CD  . ARG B 1 2   ? -9.118  -15.246 0.599   1.00 38.21 ? 2   ARG O CD  1 
ATOM   835  N NE  . ARG B 1 2   ? -10.332 -15.302 1.367   1.00 40.27 ? 2   ARG O NE  1 
ATOM   836  C CZ  . ARG B 1 2   ? -11.332 -16.100 1.121   1.00 40.34 ? 2   ARG O CZ  1 
ATOM   837  N NH1 . ARG B 1 2   ? -12.366 -16.036 1.950   1.00 41.10 ? 2   ARG O NH1 1 
ATOM   838  N NH2 . ARG B 1 2   ? -11.326 -16.901 0.056   1.00 42.04 ? 2   ARG O NH2 1 
ATOM   839  N N   . VAL B 1 3   ? -8.626  -10.923 1.990   1.00 31.77 ? 3   VAL O N   1 
ATOM   840  C CA  . VAL B 1 3   ? -9.476  -9.814  2.372   1.00 30.02 ? 3   VAL O CA  1 
ATOM   841  C C   . VAL B 1 3   ? -10.714 -9.941  1.471   1.00 30.40 ? 3   VAL O C   1 
ATOM   842  O O   . VAL B 1 3   ? -10.601 -9.868  0.216   1.00 30.82 ? 3   VAL O O   1 
ATOM   843  C CB  . VAL B 1 3   ? -8.828  -8.455  2.048   1.00 31.84 ? 3   VAL O CB  1 
ATOM   844  C CG1 . VAL B 1 3   ? -9.749  -7.377  2.507   1.00 27.67 ? 3   VAL O CG1 1 
ATOM   845  C CG2 . VAL B 1 3   ? -7.473  -8.299  2.688   1.00 32.35 ? 3   VAL O CG2 1 
ATOM   846  N N   . ASP B 1 4   ? -11.841 -10.274 2.081   1.00 30.58 ? 4   ASP O N   1 
ATOM   847  C CA  . ASP B 1 4   ? -13.104 -10.426 1.378   1.00 32.03 ? 4   ASP O CA  1 
ATOM   848  C C   . ASP B 1 4   ? -13.820 -9.080  1.434   1.00 32.19 ? 4   ASP O C   1 
ATOM   849  O O   . ASP B 1 4   ? -14.238 -8.662  2.482   1.00 31.83 ? 4   ASP O O   1 
ATOM   850  C CB  . ASP B 1 4   ? -13.945 -11.535 2.046   1.00 31.96 ? 4   ASP O CB  1 
ATOM   851  C CG  . ASP B 1 4   ? -13.395 -12.936 1.780   1.00 34.89 ? 4   ASP O CG  1 
ATOM   852  O OD1 . ASP B 1 4   ? -12.699 -13.108 0.753   1.00 36.36 ? 4   ASP O OD1 1 
ATOM   853  O OD2 . ASP B 1 4   ? -13.674 -13.884 2.565   1.00 33.24 ? 4   ASP O OD2 1 
ATOM   854  N N   . GLN B 1 5   ? -13.927 -8.398  0.304   1.00 32.44 ? 5   GLN O N   1 
ATOM   855  C CA  . GLN B 1 5   ? -14.560 -7.052  0.221   1.00 33.20 ? 5   GLN O CA  1 
ATOM   856  C C   . GLN B 1 5   ? -15.854 -7.191  -0.559  1.00 34.42 ? 5   GLN O C   1 
ATOM   857  O O   . GLN B 1 5   ? -15.849 -7.743  -1.667  1.00 33.72 ? 5   GLN O O   1 
ATOM   858  C CB  . GLN B 1 5   ? -13.634 -6.078  -0.512  1.00 33.01 ? 5   GLN O CB  1 
ATOM   859  C CG  . GLN B 1 5   ? -14.123 -4.645  -0.548  1.00 32.58 ? 5   GLN O CG  1 
ATOM   860  C CD  . GLN B 1 5   ? -13.224 -3.727  -1.307  1.00 32.53 ? 5   GLN O CD  1 
ATOM   861  O OE1 . GLN B 1 5   ? -11.993 -3.922  -1.395  1.00 33.30 ? 5   GLN O OE1 1 
ATOM   862  N NE2 . GLN B 1 5   ? -13.824 -2.661  -1.834  1.00 34.59 ? 5   GLN O NE2 1 
ATOM   863  N N   . THR B 1 6   ? -16.942 -6.693  0.008   1.00 34.85 ? 6   THR O N   1 
ATOM   864  C CA  . THR B 1 6   ? -18.262 -6.845  -0.592  1.00 35.46 ? 6   THR O CA  1 
ATOM   865  C C   . THR B 1 6   ? -19.011 -5.528  -0.363  1.00 36.18 ? 6   THR O C   1 
ATOM   866  O O   . THR B 1 6   ? -18.696 -4.792  0.561   1.00 36.78 ? 6   THR O O   1 
ATOM   867  C CB  . THR B 1 6   ? -19.042 -8.016  0.012   1.00 34.96 ? 6   THR O CB  1 
ATOM   868  O OG1 . THR B 1 6   ? -19.108 -7.845  1.410   1.00 37.39 ? 6   THR O OG1 1 
ATOM   869  C CG2 . THR B 1 6   ? -18.398 -9.376  -0.313  1.00 35.87 ? 6   THR O CG2 1 
ATOM   870  N N   . PRO B 1 7   ? -19.918 -5.159  -1.270  1.00 36.92 ? 7   PRO O N   1 
ATOM   871  C CA  . PRO B 1 7   ? -20.230 -5.748  -2.587  1.00 36.76 ? 7   PRO O CA  1 
ATOM   872  C C   . PRO B 1 7   ? -19.236 -5.372  -3.667  1.00 36.94 ? 7   PRO O C   1 
ATOM   873  O O   . PRO B 1 7   ? -18.365 -4.533  -3.465  1.00 37.76 ? 7   PRO O O   1 
ATOM   874  C CB  . PRO B 1 7   ? -21.613 -5.187  -2.901  1.00 36.58 ? 7   PRO O CB  1 
ATOM   875  C CG  . PRO B 1 7   ? -21.662 -3.876  -2.182  1.00 37.87 ? 7   PRO O CG  1 
ATOM   876  C CD  . PRO B 1 7   ? -20.808 -4.033  -0.927  1.00 36.89 ? 7   PRO O CD  1 
ATOM   877  N N   . GLN B 1 8   ? -19.328 -6.024  -4.815  1.00 36.95 ? 8   GLN O N   1 
ATOM   878  C CA  . GLN B 1 8   ? -18.378 -5.766  -5.894  1.00 36.22 ? 8   GLN O CA  1 
ATOM   879  C C   . GLN B 1 8   ? -18.857 -4.523  -6.665  1.00 34.78 ? 8   GLN O C   1 
ATOM   880  O O   . GLN B 1 8   ? -18.039 -3.795  -7.225  1.00 33.02 ? 8   GLN O O   1 
ATOM   881  C CB  . GLN B 1 8   ? -18.219 -7.014  -6.810  1.00 38.82 ? 8   GLN O CB  1 
ATOM   882  C CG  . GLN B 1 8   ? -18.318 -8.449  -6.097  1.00 42.74 ? 8   GLN O CG  1 
ATOM   883  C CD  . GLN B 1 8   ? -17.038 -8.894  -5.299  1.00 46.37 ? 8   GLN O CD  1 
ATOM   884  O OE1 . GLN B 1 8   ? -15.944 -8.990  -5.864  1.00 47.60 ? 8   GLN O OE1 1 
ATOM   885  N NE2 . GLN B 1 8   ? -17.210 -9.203  -3.993  1.00 45.84 ? 8   GLN O NE2 1 
ATOM   886  N N   . THR B 1 9   ? -20.172 -4.268  -6.704  1.00 31.86 ? 9   THR O N   1 
ATOM   887  C CA  . THR B 1 9   ? -20.698 -3.057  -7.330  1.00 32.53 ? 9   THR O CA  1 
ATOM   888  C C   . THR B 1 9   ? -21.799 -2.351  -6.534  1.00 32.78 ? 9   THR O C   1 
ATOM   889  O O   . THR B 1 9   ? -22.650 -3.002  -5.895  1.00 31.76 ? 9   THR O O   1 
ATOM   890  C CB  . THR B 1 9   ? -21.146 -3.303  -8.853  1.00 32.19 ? 9   THR O CB  1 
ATOM   891  O OG1 . THR B 1 9   ? -22.522 -3.655  -8.951  1.00 32.05 ? 9   THR O OG1 1 
ATOM   892  C CG2 . THR B 1 9   ? -20.349 -4.413  -9.477  1.00 30.92 ? 9   THR O CG2 1 
ATOM   893  N N   . ILE B 1 10  ? -21.783 -1.017  -6.560  1.00 33.15 ? 10  ILE O N   1 
ATOM   894  C CA  . ILE B 1 10  ? -22.878 -0.228  -5.955  1.00 33.67 ? 10  ILE O CA  1 
ATOM   895  C C   . ILE B 1 10  ? -23.321 0.892   -6.861  1.00 33.52 ? 10  ILE O C   1 
ATOM   896  O O   . ILE B 1 10  ? -22.472 1.630   -7.423  1.00 32.38 ? 10  ILE O O   1 
ATOM   897  C CB  . ILE B 1 10  ? -22.428 0.436   -4.612  1.00 32.77 ? 10  ILE O CB  1 
ATOM   898  C CG1 . ILE B 1 10  ? -21.909 -0.609  -3.684  1.00 33.16 ? 10  ILE O CG1 1 
ATOM   899  C CG2 . ILE B 1 10  ? -23.552 1.234   -3.957  1.00 34.02 ? 10  ILE O CG2 1 
ATOM   900  C CD1 . ILE B 1 10  ? -21.304 0.025   -2.324  1.00 36.22 ? 10  ILE O CD1 1 
ATOM   901  N N   . THR B 1 11  ? -24.641 1.040   -6.981  1.00 33.23 ? 11  THR O N   1 
ATOM   902  C CA  . THR B 1 11  ? -25.234 2.132   -7.736  1.00 33.85 ? 11  THR O CA  1 
ATOM   903  C C   . THR B 1 11  ? -26.220 2.838   -6.799  1.00 34.04 ? 11  THR O C   1 
ATOM   904  O O   . THR B 1 11  ? -27.118 2.205   -6.278  1.00 34.90 ? 11  THR O O   1 
ATOM   905  C CB  . THR B 1 11  ? -25.887 1.600   -9.066  1.00 33.81 ? 11  THR O CB  1 
ATOM   906  O OG1 . THR B 1 11  ? -24.838 1.216   -9.978  1.00 35.54 ? 11  THR O OG1 1 
ATOM   907  C CG2 . THR B 1 11  ? -26.734 2.650   -9.728  1.00 32.90 ? 11  THR O CG2 1 
ATOM   908  N N   . LYS B 1 12  ? -26.023 4.128   -6.545  1.00 34.24 ? 12  LYS O N   1 
ATOM   909  C CA  . LYS B 1 12  ? -26.919 4.889   -5.645  1.00 34.36 ? 12  LYS O CA  1 
ATOM   910  C C   . LYS B 1 12  ? -27.327 6.186   -6.280  1.00 34.03 ? 12  LYS O C   1 
ATOM   911  O O   . LYS B 1 12  ? -26.636 6.699   -7.160  1.00 34.30 ? 12  LYS O O   1 
ATOM   912  C CB  . LYS B 1 12  ? -26.218 5.272   -4.343  1.00 34.38 ? 12  LYS O CB  1 
ATOM   913  C CG  . LYS B 1 12  ? -25.767 4.131   -3.472  1.00 35.27 ? 12  LYS O CG  1 
ATOM   914  C CD  . LYS B 1 12  ? -26.913 3.569   -2.660  1.00 36.27 ? 12  LYS O CD  1 
ATOM   915  C CE  . LYS B 1 12  ? -26.481 2.314   -1.922  1.00 35.25 ? 12  LYS O CE  1 
ATOM   916  N NZ  . LYS B 1 12  ? -27.610 1.733   -1.110  1.00 37.42 ? 12  LYS O NZ  1 
ATOM   917  N N   . GLU B 1 13  ? -28.410 6.752   -5.784  1.00 33.79 ? 13  GLU O N   1 
ATOM   918  C CA  . GLU B 1 13  ? -28.814 8.099   -6.170  1.00 34.19 ? 13  GLU O CA  1 
ATOM   919  C C   . GLU B 1 13  ? -28.019 9.095   -5.347  1.00 33.75 ? 13  GLU O C   1 
ATOM   920  O O   . GLU B 1 13  ? -27.625 8.802   -4.222  1.00 32.91 ? 13  GLU O O   1 
ATOM   921  C CB  . GLU B 1 13  ? -30.319 8.299   -5.940  1.00 34.53 ? 13  GLU O CB  1 
ATOM   922  C CG  . GLU B 1 13  ? -31.187 7.788   -7.086  1.00 37.82 ? 13  GLU O CG  1 
ATOM   923  C CD  . GLU B 1 13  ? -30.490 8.016   -8.410  1.00 42.85 ? 13  GLU O CD  1 
ATOM   924  O OE1 . GLU B 1 13  ? -30.550 9.301   -8.930  1.00 46.11 ? 13  GLU O OE1 1 
ATOM   925  O OE2 . GLU B 1 13  ? -29.755 6.946   -8.887  1.00 47.49 ? 13  GLU O OE2 1 
ATOM   926  N N   . THR B 1 14  ? -27.785 10.279  -5.894  1.00 33.71 ? 14  THR O N   1 
ATOM   927  C CA  . THR B 1 14  ? -27.170 11.344  -5.114  1.00 33.91 ? 14  THR O CA  1 
ATOM   928  C C   . THR B 1 14  ? -28.005 11.504  -3.832  1.00 33.92 ? 14  THR O C   1 
ATOM   929  O O   . THR B 1 14  ? -29.226 11.389  -3.870  1.00 31.53 ? 14  THR O O   1 
ATOM   930  C CB  . THR B 1 14  ? -27.133 12.690  -5.899  1.00 34.87 ? 14  THR O CB  1 
ATOM   931  O OG1 . THR B 1 14  ? -26.224 12.592  -7.018  1.00 35.37 ? 14  THR O OG1 1 
ATOM   932  C CG2 . THR B 1 14  ? -26.681 13.828  -4.973  1.00 35.21 ? 14  THR O CG2 1 
ATOM   933  N N   . GLY B 1 15  ? -27.341 11.708  -2.695  1.00 33.93 ? 15  GLY O N   1 
ATOM   934  C CA  . GLY B 1 15  ? -28.063 11.929  -1.444  1.00 33.87 ? 15  GLY O CA  1 
ATOM   935  C C   . GLY B 1 15  ? -28.099 10.700  -0.560  1.00 33.49 ? 15  GLY O C   1 
ATOM   936  O O   . GLY B 1 15  ? -28.300 10.829  0.633   1.00 34.55 ? 15  GLY O O   1 
ATOM   937  N N   . GLU B 1 16  ? -27.929 9.513   -1.133  1.00 33.07 ? 16  GLU O N   1 
ATOM   938  C CA  . GLU B 1 16  ? -28.025 8.257   -0.381  1.00 33.08 ? 16  GLU O CA  1 
ATOM   939  C C   . GLU B 1 16  ? -26.728 7.917   0.301   1.00 32.23 ? 16  GLU O C   1 
ATOM   940  O O   . GLU B 1 16  ? -25.781 8.679   0.222   1.00 32.95 ? 16  GLU O O   1 
ATOM   941  C CB  . GLU B 1 16  ? -28.470 7.106   -1.291  1.00 33.11 ? 16  GLU O CB  1 
ATOM   942  C CG  . GLU B 1 16  ? -29.939 7.234   -1.662  1.00 32.88 ? 16  GLU O CG  1 
ATOM   943  C CD  . GLU B 1 16  ? -30.443 6.097   -2.534  1.00 33.45 ? 16  GLU O CD  1 
ATOM   944  O OE1 . GLU B 1 16  ? -29.891 5.979   -3.759  1.00 35.76 ? 16  GLU O OE1 1 
ATOM   945  O OE2 . GLU B 1 16  ? -31.461 5.345   -2.028  1.00 38.15 ? 16  GLU O OE2 1 
ATOM   946  N N   . SER B 1 17  ? -26.694 6.784   0.984   1.00 31.84 ? 17  SER O N   1 
ATOM   947  C CA  . SER B 1 17  ? -25.453 6.270   1.575   1.00 32.96 ? 17  SER O CA  1 
ATOM   948  C C   . SER B 1 17  ? -25.182 4.864   1.083   1.00 32.29 ? 17  SER O C   1 
ATOM   949  O O   . SER B 1 17  ? -26.063 4.183   0.556   1.00 32.17 ? 17  SER O O   1 
ATOM   950  C CB  . SER B 1 17  ? -25.504 6.238   3.105   1.00 32.83 ? 17  SER O CB  1 
ATOM   951  O OG  . SER B 1 17  ? -25.991 7.442   3.653   1.00 36.92 ? 17  SER O OG  1 
ATOM   952  N N   . LEU B 1 18  ? -23.953 4.436   1.264   1.00 33.19 ? 18  LEU O N   1 
ATOM   953  C CA  . LEU B 1 18  ? -23.525 3.127   0.825   1.00 33.64 ? 18  LEU O CA  1 
ATOM   954  C C   . LEU B 1 18  ? -22.601 2.674   1.908   1.00 33.34 ? 18  LEU O C   1 
ATOM   955  O O   . LEU B 1 18  ? -22.124 3.496   2.697   1.00 33.81 ? 18  LEU O O   1 
ATOM   956  C CB  . LEU B 1 18  ? -22.797 3.169   -0.519  1.00 34.27 ? 18  LEU O CB  1 
ATOM   957  C CG  . LEU B 1 18  ? -21.412 3.841   -0.628  1.00 33.64 ? 18  LEU O CG  1 
ATOM   958  C CD1 . LEU B 1 18  ? -20.356 2.983   -0.005  1.00 34.88 ? 18  LEU O CD1 1 
ATOM   959  C CD2 . LEU B 1 18  ? -21.033 4.060   -2.036  1.00 35.38 ? 18  LEU O CD2 1 
ATOM   960  N N   . THR B 1 19  ? -22.401 1.369   1.969   1.00 33.25 ? 19  THR O N   1 
ATOM   961  C CA  . THR B 1 19  ? -21.486 0.743   2.926   1.00 33.53 ? 19  THR O CA  1 
ATOM   962  C C   . THR B 1 19  ? -20.754 -0.372  2.213   1.00 33.26 ? 19  THR O C   1 
ATOM   963  O O   . THR B 1 19  ? -21.343 -1.101  1.432   1.00 34.08 ? 19  THR O O   1 
ATOM   964  C CB  . THR B 1 19  ? -22.244 0.188   4.170   1.00 33.86 ? 19  THR O CB  1 
ATOM   965  O OG1 . THR B 1 19  ? -22.895 1.266   4.874   1.00 34.68 ? 19  THR O OG1 1 
ATOM   966  C CG2 . THR B 1 19  ? -21.317 -0.578  5.115   1.00 33.44 ? 19  THR O CG2 1 
ATOM   967  N N   . ILE B 1 20  ? -19.455 -0.432  2.431   1.00 32.56 ? 20  ILE O N   1 
ATOM   968  C CA  . ILE B 1 20  ? -18.591 -1.421  1.875   1.00 32.56 ? 20  ILE O CA  1 
ATOM   969  C C   . ILE B 1 20  ? -18.015 -2.141  3.105   1.00 33.06 ? 20  ILE O C   1 
ATOM   970  O O   . ILE B 1 20  ? -17.584 -1.496  4.074   1.00 34.75 ? 20  ILE O O   1 
ATOM   971  C CB  . ILE B 1 20  ? -17.439 -0.774  1.049   1.00 33.20 ? 20  ILE O CB  1 
ATOM   972  C CG1 . ILE B 1 20  ? -17.952 -0.012  -0.202  1.00 30.02 ? 20  ILE O CG1 1 
ATOM   973  C CG2 . ILE B 1 20  ? -16.432 -1.848  0.599   1.00 31.34 ? 20  ILE O CG2 1 
ATOM   974  C CD1 . ILE B 1 20  ? -16.813 0.954   -0.726  1.00 32.80 ? 20  ILE O CD1 1 
ATOM   975  N N   . ASN B 1 21  ? -18.006 -3.465  3.050   1.00 34.50 ? 21  ASN O N   1 
ATOM   976  C CA  . ASN B 1 21  ? -17.573 -4.315  4.145   1.00 34.41 ? 21  ASN O CA  1 
ATOM   977  C C   . ASN B 1 21  ? -16.343 -5.091  3.724   1.00 34.91 ? 21  ASN O C   1 
ATOM   978  O O   . ASN B 1 21  ? -16.325 -5.637  2.624   1.00 35.01 ? 21  ASN O O   1 
ATOM   979  C CB  . ASN B 1 21  ? -18.646 -5.342  4.466   1.00 35.38 ? 21  ASN O CB  1 
ATOM   980  C CG  . ASN B 1 21  ? -19.901 -4.721  4.935   1.00 38.13 ? 21  ASN O CG  1 
ATOM   981  O OD1 . ASN B 1 21  ? -19.904 -3.952  5.888   1.00 42.35 ? 21  ASN O OD1 1 
ATOM   982  N ND2 . ASN B 1 21  ? -21.002 -5.042  4.264   1.00 43.30 ? 21  ASN O ND2 1 
ATOM   983  N N   . CYS B 1 22  ? -15.364 -5.176  4.614   1.00 34.52 ? 22  CYS O N   1 
ATOM   984  C CA  . CYS B 1 22  ? -14.150 -6.009  4.431   1.00 33.58 ? 22  CYS O CA  1 
ATOM   985  C C   . CYS B 1 22  ? -13.926 -6.920  5.613   1.00 32.92 ? 22  CYS O C   1 
ATOM   986  O O   . CYS B 1 22  ? -14.151 -6.523  6.743   1.00 33.31 ? 22  CYS O O   1 
ATOM   987  C CB  . CYS B 1 22  ? -12.944 -5.110  4.280   1.00 35.54 ? 22  CYS O CB  1 
ATOM   988  S SG  . CYS B 1 22  ? -12.931 -4.456  2.578   1.00 37.89 ? 22  CYS O SG  1 
ATOM   989  N N   . VAL B 1 23  ? -13.458 -8.131  5.358   1.00 32.32 ? 23  VAL O N   1 
ATOM   990  C CA  . VAL B 1 23  ? -13.189 -9.110  6.412   1.00 30.47 ? 23  VAL O CA  1 
ATOM   991  C C   . VAL B 1 23  ? -11.854 -9.769  6.039   1.00 28.74 ? 23  VAL O C   1 
ATOM   992  O O   . VAL B 1 23  ? -11.645 -10.174 4.925   1.00 26.80 ? 23  VAL O O   1 
ATOM   993  C CB  . VAL B 1 23  ? -14.290 -10.231 6.487   1.00 30.87 ? 23  VAL O CB  1 
ATOM   994  C CG1 . VAL B 1 23  ? -13.965 -11.238 7.566   1.00 28.68 ? 23  VAL O CG1 1 
ATOM   995  C CG2 . VAL B 1 23  ? -15.669 -9.622  6.668   1.00 31.63 ? 23  VAL O CG2 1 
ATOM   996  N N   . LEU B 1 24  ? -10.958 -9.825  6.989   1.00 27.89 ? 24  LEU O N   1 
ATOM   997  C CA  . LEU B 1 24  ? -9.715  -10.532 6.839   1.00 28.48 ? 24  LEU O CA  1 
ATOM   998  C C   . LEU B 1 24  ? -9.941  -11.922 7.319   1.00 28.53 ? 24  LEU O C   1 
ATOM   999  O O   . LEU B 1 24  ? -10.344 -12.104 8.459   1.00 30.13 ? 24  LEU O O   1 
ATOM   1000 C CB  . LEU B 1 24  ? -8.614  -9.869  7.669   1.00 28.23 ? 24  LEU O CB  1 
ATOM   1001 C CG  . LEU B 1 24  ? -7.187  -10.367 7.608   1.00 27.96 ? 24  LEU O CG  1 
ATOM   1002 C CD1 . LEU B 1 24  ? -6.421  -9.540  8.657   1.00 29.43 ? 24  LEU O CD1 1 
ATOM   1003 C CD2 . LEU B 1 24  ? -7.070  -11.788 7.913   1.00 34.28 ? 24  LEU O CD2 1 
ATOM   1004 N N   . ARG B 1 25  ? -9.669  -12.894 6.452   1.00 26.89 ? 25  ARG O N   1 
ATOM   1005 C CA  . ARG B 1 25  ? -9.885  -14.288 6.732   1.00 27.62 ? 25  ARG O CA  1 
ATOM   1006 C C   . ARG B 1 25  ? -8.630  -15.092 6.399   1.00 26.34 ? 25  ARG O C   1 
ATOM   1007 O O   . ARG B 1 25  ? -7.717  -14.582 5.748   1.00 25.76 ? 25  ARG O O   1 
ATOM   1008 C CB  . ARG B 1 25  ? -11.048 -14.819 5.869   1.00 27.52 ? 25  ARG O CB  1 
ATOM   1009 C CG  . ARG B 1 25  ? -12.364 -14.195 6.207   1.00 27.80 ? 25  ARG O CG  1 
ATOM   1010 C CD  . ARG B 1 25  ? -13.533 -15.090 5.714   1.00 30.79 ? 25  ARG O CD  1 
ATOM   1011 N NE  . ARG B 1 25  ? -14.798 -14.685 6.346   1.00 30.76 ? 25  ARG O NE  1 
ATOM   1012 C CZ  . ARG B 1 25  ? -15.702 -13.855 5.824   1.00 33.32 ? 25  ARG O CZ  1 
ATOM   1013 N NH1 . ARG B 1 25  ? -15.572 -13.331 4.589   1.00 31.26 ? 25  ARG O NH1 1 
ATOM   1014 N NH2 . ARG B 1 25  ? -16.802 -13.592 6.530   1.00 34.48 ? 25  ARG O NH2 1 
ATOM   1015 N N   . ASP B 1 26  ? -8.643  -16.372 6.750   1.00 26.79 ? 26  ASP O N   1 
ATOM   1016 C CA  . ASP B 1 26  ? -7.540  -17.269 6.424   1.00 28.04 ? 26  ASP O CA  1 
ATOM   1017 C C   . ASP B 1 26  ? -6.184  -16.643 6.769   1.00 28.45 ? 26  ASP O C   1 
ATOM   1018 O O   . ASP B 1 26  ? -5.247  -16.668 5.988   1.00 28.59 ? 26  ASP O O   1 
ATOM   1019 C CB  . ASP B 1 26  ? -7.638  -17.677 4.951   1.00 28.21 ? 26  ASP O CB  1 
ATOM   1020 C CG  . ASP B 1 26  ? -8.929  -18.478 4.638   1.00 28.07 ? 26  ASP O CG  1 
ATOM   1021 O OD1 . ASP B 1 26  ? -9.762  -18.016 3.841   1.00 32.88 ? 26  ASP O OD1 1 
ATOM   1022 O OD2 . ASP B 1 26  ? -9.107  -19.565 5.164   1.00 28.13 ? 26  ASP O OD2 1 
ATOM   1023 N N   . SER B 1 27  ? -6.121  -16.054 7.956   1.00 30.16 ? 27  SER O N   1 
ATOM   1024 C CA  . SER B 1 27  ? -4.914  -15.429 8.486   1.00 29.55 ? 27  SER O CA  1 
ATOM   1025 C C   . SER B 1 27  ? -4.890  -15.530 10.003  1.00 29.15 ? 27  SER O C   1 
ATOM   1026 O O   . SER B 1 27  ? -5.907  -15.409 10.684  1.00 27.47 ? 27  SER O O   1 
ATOM   1027 C CB  . SER B 1 27  ? -4.820  -13.993 8.059   1.00 30.72 ? 27  SER O CB  1 
ATOM   1028 O OG  . SER B 1 27  ? -3.733  -13.349 8.682   1.00 31.85 ? 27  SER O OG  1 
ATOM   1029 N N   . ASN B 1 28  ? -3.707  -15.813 10.521  1.00 28.94 ? 28  ASN O N   1 
ATOM   1030 C CA  . ASN B 1 28  ? -3.471  -15.809 11.939  1.00 29.80 ? 28  ASN O CA  1 
ATOM   1031 C C   . ASN B 1 28  ? -3.050  -14.415 12.443  1.00 30.46 ? 28  ASN O C   1 
ATOM   1032 O O   . ASN B 1 28  ? -2.648  -14.279 13.582  1.00 31.68 ? 28  ASN O O   1 
ATOM   1033 C CB  . ASN B 1 28  ? -2.453  -16.891 12.253  1.00 29.05 ? 28  ASN O CB  1 
ATOM   1034 C CG  . ASN B 1 28  ? -3.028  -18.271 12.031  1.00 30.15 ? 28  ASN O CG  1 
ATOM   1035 O OD1 . ASN B 1 28  ? -4.082  -18.588 12.573  1.00 32.32 ? 28  ASN O OD1 1 
ATOM   1036 N ND2 . ASN B 1 28  ? -2.358  -19.097 11.227  1.00 30.36 ? 28  ASN O ND2 1 
ATOM   1037 N N   . CYS B 1 29  ? -3.179  -13.389 11.596  1.00 31.08 ? 29  CYS O N   1 
ATOM   1038 C CA  . CYS B 1 29  ? -2.783  -12.011 11.919  1.00 32.40 ? 29  CYS O CA  1 
ATOM   1039 C C   . CYS B 1 29  ? -3.918  -11.154 12.454  1.00 33.02 ? 29  CYS O C   1 
ATOM   1040 O O   . CYS B 1 29  ? -5.048  -11.219 11.987  1.00 31.50 ? 29  CYS O O   1 
ATOM   1041 C CB  . CYS B 1 29  ? -2.290  -11.297 10.650  1.00 32.06 ? 29  CYS O CB  1 
ATOM   1042 S SG  . CYS B 1 29  ? -0.872  -12.078 9.882   1.00 36.54 ? 29  CYS O SG  1 
ATOM   1043 N N   . ALA B 1 30  ? -3.569  -10.244 13.354  1.00 34.10 ? 30  ALA O N   1 
ATOM   1044 C CA  . ALA B 1 30  ? -4.547  -9.351  13.934  1.00 34.69 ? 30  ALA O CA  1 
ATOM   1045 C C   . ALA B 1 30  ? -4.799  -8.143  13.053  1.00 35.59 ? 30  ALA O C   1 
ATOM   1046 O O   . ALA B 1 30  ? -3.931  -7.682  12.287  1.00 36.27 ? 30  ALA O O   1 
ATOM   1047 C CB  . ALA B 1 30  ? -4.094  -8.905  15.346  1.00 34.27 ? 30  ALA O CB  1 
ATOM   1048 N N   . LEU B 1 31  ? -6.002  -7.615  13.195  1.00 36.97 ? 31  LEU O N   1 
ATOM   1049 C CA  . LEU B 1 31  ? -6.444  -6.454  12.434  1.00 37.80 ? 31  LEU O CA  1 
ATOM   1050 C C   . LEU B 1 31  ? -5.877  -5.288  13.172  1.00 38.75 ? 31  LEU O C   1 
ATOM   1051 O O   . LEU B 1 31  ? -6.422  -4.906  14.191  1.00 40.97 ? 31  LEU O O   1 
ATOM   1052 C CB  . LEU B 1 31  ? -7.962  -6.380  12.419  1.00 37.87 ? 31  LEU O CB  1 
ATOM   1053 C CG  . LEU B 1 31  ? -8.603  -5.422  11.435  1.00 39.18 ? 31  LEU O CG  1 
ATOM   1054 C CD1 . LEU B 1 31  ? -8.396  -6.040  10.027  1.00 42.57 ? 31  LEU O CD1 1 
ATOM   1055 C CD2 . LEU B 1 31  ? -10.110 -5.145  11.761  1.00 38.49 ? 31  LEU O CD2 1 
ATOM   1056 N N   . SER B 1 32  ? -4.731  -4.792  12.736  1.00 38.70 ? 32  SER O N   1 
ATOM   1057 C CA  . SER B 1 32  ? -4.027  -3.773  13.515  1.00 37.68 ? 32  SER O CA  1 
ATOM   1058 C C   . SER B 1 32  ? -4.211  -2.310  13.058  1.00 37.74 ? 32  SER O C   1 
ATOM   1059 O O   . SER B 1 32  ? -4.183  -1.421  13.907  1.00 38.05 ? 32  SER O O   1 
ATOM   1060 C CB  . SER B 1 32  ? -2.555  -4.095  13.544  1.00 38.62 ? 32  SER O CB  1 
ATOM   1061 O OG  . SER B 1 32  ? -1.946  -3.146  14.359  1.00 41.22 ? 32  SER O OG  1 
ATOM   1062 N N   . SER B 1 33  ? -4.282  -2.077  11.744  1.00 35.70 ? 33  SER O N   1 
ATOM   1063 C CA  . SER B 1 33  ? -4.756  -0.807  11.161  1.00 34.52 ? 33  SER O CA  1 
ATOM   1064 C C   . SER B 1 33  ? -5.531  -1.155  9.937   1.00 32.28 ? 33  SER O C   1 
ATOM   1065 O O   . SER B 1 33  ? -5.385  -2.242  9.392   1.00 32.17 ? 33  SER O O   1 
ATOM   1066 C CB  . SER B 1 33  ? -3.648  0.173   10.734  1.00 33.63 ? 33  SER O CB  1 
ATOM   1067 O OG  . SER B 1 33  ? -2.506  0.027   11.451  1.00 35.15 ? 33  SER O OG  1 
ATOM   1068 N N   . THR B 1 34  ? -6.390  -0.227  9.520   1.00 30.59 ? 34  THR O N   1 
ATOM   1069 C CA  . THR B 1 34  ? -7.151  -0.353  8.343   1.00 31.48 ? 34  THR O CA  1 
ATOM   1070 C C   . THR B 1 34  ? -7.069  0.919   7.505   1.00 30.28 ? 34  THR O C   1 
ATOM   1071 O O   . THR B 1 34  ? -6.967  2.011   8.054   1.00 29.77 ? 34  THR O O   1 
ATOM   1072 C CB  . THR B 1 34  ? -8.621  -0.617  8.668   1.00 31.44 ? 34  THR O CB  1 
ATOM   1073 O OG1 . THR B 1 34  ? -9.131  0.497   9.403   1.00 33.04 ? 34  THR O OG1 1 
ATOM   1074 C CG2 . THR B 1 34  ? -8.754  -1.942  9.490   1.00 34.63 ? 34  THR O CG2 1 
ATOM   1075 N N   . TYR B 1 35  ? -7.097  0.744   6.189   1.00 29.46 ? 35  TYR O N   1 
ATOM   1076 C CA  . TYR B 1 35  ? -6.925  1.837   5.222   1.00 31.10 ? 35  TYR O CA  1 
ATOM   1077 C C   . TYR B 1 35  ? -7.932  1.661   4.084   1.00 30.60 ? 35  TYR O C   1 
ATOM   1078 O O   . TYR B 1 35  ? -8.376  0.516   3.739   1.00 31.91 ? 35  TYR O O   1 
ATOM   1079 C CB  . TYR B 1 35  ? -5.510  1.836   4.636   1.00 31.92 ? 35  TYR O CB  1 
ATOM   1080 C CG  . TYR B 1 35  ? -4.458  1.982   5.669   1.00 33.87 ? 35  TYR O CG  1 
ATOM   1081 C CD1 . TYR B 1 35  ? -3.896  0.858   6.242   1.00 34.69 ? 35  TYR O CD1 1 
ATOM   1082 C CD2 . TYR B 1 35  ? -4.101  3.223   6.136   1.00 35.38 ? 35  TYR O CD2 1 
ATOM   1083 C CE1 . TYR B 1 35  ? -2.961  0.969   7.199   1.00 36.53 ? 35  TYR O CE1 1 
ATOM   1084 C CE2 . TYR B 1 35  ? -3.154  3.351   7.121   1.00 36.71 ? 35  TYR O CE2 1 
ATOM   1085 C CZ  . TYR B 1 35  ? -2.590  2.187   7.650   1.00 34.97 ? 35  TYR O CZ  1 
ATOM   1086 O OH  . TYR B 1 35  ? -1.660  2.236   8.631   1.00 35.10 ? 35  TYR O OH  1 
ATOM   1087 N N   . TRP B 1 36  ? -8.366  2.782   3.568   1.00 31.28 ? 36  TRP O N   1 
ATOM   1088 C CA  . TRP B 1 36  ? -9.331  2.826   2.476   1.00 31.06 ? 36  TRP O CA  1 
ATOM   1089 C C   . TRP B 1 36  ? -8.798  3.697   1.358   1.00 30.74 ? 36  TRP O C   1 
ATOM   1090 O O   . TRP B 1 36  ? -8.112  4.700   1.607   1.00 32.75 ? 36  TRP O O   1 
ATOM   1091 C CB  . TRP B 1 36  ? -10.718 3.315   2.933   1.00 32.32 ? 36  TRP O CB  1 
ATOM   1092 C CG  . TRP B 1 36  ? -11.348 2.387   3.901   1.00 32.27 ? 36  TRP O CG  1 
ATOM   1093 C CD1 . TRP B 1 36  ? -11.196 2.376   5.263   1.00 31.69 ? 36  TRP O CD1 1 
ATOM   1094 C CD2 . TRP B 1 36  ? -12.293 1.371   3.587   1.00 32.49 ? 36  TRP O CD2 1 
ATOM   1095 N NE1 . TRP B 1 36  ? -11.953 1.341   5.800   1.00 33.00 ? 36  TRP O NE1 1 
ATOM   1096 C CE2 . TRP B 1 36  ? -12.639 0.730   4.779   1.00 31.04 ? 36  TRP O CE2 1 
ATOM   1097 C CE3 . TRP B 1 36  ? -12.826 0.902   2.392   1.00 31.58 ? 36  TRP O CE3 1 
ATOM   1098 C CZ2 . TRP B 1 36  ? -13.492 -0.359  4.815   1.00 33.27 ? 36  TRP O CZ2 1 
ATOM   1099 C CZ3 . TRP B 1 36  ? -13.690 -0.179  2.433   1.00 33.59 ? 36  TRP O CZ3 1 
ATOM   1100 C CH2 . TRP B 1 36  ? -14.024 -0.779  3.636   1.00 33.52 ? 36  TRP O CH2 1 
ATOM   1101 N N   . TYR B 1 37  ? -9.098  3.309   0.117   1.00 31.37 ? 37  TYR O N   1 
ATOM   1102 C CA  . TYR B 1 37  ? -8.559  3.995   -1.079  1.00 31.75 ? 37  TYR O CA  1 
ATOM   1103 C C   . TYR B 1 37  ? -9.582  4.056   -2.203  1.00 31.79 ? 37  TYR O C   1 
ATOM   1104 O O   . TYR B 1 37  ? -10.432 3.192   -2.286  1.00 32.92 ? 37  TYR O O   1 
ATOM   1105 C CB  . TYR B 1 37  ? -7.341  3.244   -1.631  1.00 31.94 ? 37  TYR O CB  1 
ATOM   1106 C CG  . TYR B 1 37  ? -6.302  2.972   -0.626  1.00 31.60 ? 37  TYR O CG  1 
ATOM   1107 C CD1 . TYR B 1 37  ? -6.130  1.681   -0.097  1.00 33.10 ? 37  TYR O CD1 1 
ATOM   1108 C CD2 . TYR B 1 37  ? -5.390  3.971   -0.260  1.00 29.20 ? 37  TYR O CD2 1 
ATOM   1109 C CE1 . TYR B 1 37  ? -5.150  1.449   0.795   1.00 29.76 ? 37  TYR O CE1 1 
ATOM   1110 C CE2 . TYR B 1 37  ? -4.425  3.718   0.671   1.00 30.61 ? 37  TYR O CE2 1 
ATOM   1111 C CZ  . TYR B 1 37  ? -4.293  2.435   1.170   1.00 30.17 ? 37  TYR O CZ  1 
ATOM   1112 O OH  . TYR B 1 37  ? -3.274  2.188   2.096   1.00 32.88 ? 37  TYR O OH  1 
ATOM   1113 N N   . ARG B 1 38  ? -9.491  5.080   -3.050  1.00 31.80 ? 38  ARG O N   1 
ATOM   1114 C CA  . ARG B 1 38  ? -10.457 5.291   -4.147  1.00 32.28 ? 38  ARG O CA  1 
ATOM   1115 C C   . ARG B 1 38  ? -9.709  5.772   -5.369  1.00 30.70 ? 38  ARG O C   1 
ATOM   1116 O O   . ARG B 1 38  ? -8.847  6.637   -5.231  1.00 28.56 ? 38  ARG O O   1 
ATOM   1117 C CB  . ARG B 1 38  ? -11.475 6.351   -3.692  1.00 31.68 ? 38  ARG O CB  1 
ATOM   1118 C CG  . ARG B 1 38  ? -12.328 6.945   -4.726  1.00 34.96 ? 38  ARG O CG  1 
ATOM   1119 C CD  . ARG B 1 38  ? -13.239 7.981   -4.126  1.00 36.63 ? 38  ARG O CD  1 
ATOM   1120 N NE  . ARG B 1 38  ? -12.520 9.244   -4.040  1.00 40.50 ? 38  ARG O NE  1 
ATOM   1121 C CZ  . ARG B 1 38  ? -12.847 10.243  -3.232  1.00 39.55 ? 38  ARG O CZ  1 
ATOM   1122 N NH1 . ARG B 1 38  ? -13.906 10.175  -2.454  1.00 37.38 ? 38  ARG O NH1 1 
ATOM   1123 N NH2 . ARG B 1 38  ? -12.114 11.345  -3.236  1.00 42.02 ? 38  ARG O NH2 1 
ATOM   1124 N N   . LYS B 1 39  ? -10.074 5.221   -6.545  1.00 32.34 ? 39  LYS O N   1 
ATOM   1125 C CA  . LYS B 1 39  ? -9.673  5.695   -7.872  1.00 33.06 ? 39  LYS O CA  1 
ATOM   1126 C C   . LYS B 1 39  ? -10.970 6.229   -8.503  1.00 32.30 ? 39  LYS O C   1 
ATOM   1127 O O   . LYS B 1 39  ? -11.983 5.539   -8.552  1.00 31.46 ? 39  LYS O O   1 
ATOM   1128 C CB  . LYS B 1 39  ? -9.047  4.533   -8.651  1.00 33.88 ? 39  LYS O CB  1 
ATOM   1129 C CG  . LYS B 1 39  ? -8.256  4.900   -9.860  1.00 34.79 ? 39  LYS O CG  1 
ATOM   1130 C CD  . LYS B 1 39  ? -6.963  4.043   -10.066 1.00 37.90 ? 39  LYS O CD  1 
ATOM   1131 C CE  . LYS B 1 39  ? -7.038  3.077   -11.294 1.00 40.02 ? 39  LYS O CE  1 
ATOM   1132 N NZ  . LYS B 1 39  ? -5.704  2.726   -11.909 1.00 39.93 ? 39  LYS O NZ  1 
ATOM   1133 N N   . LYS B 1 40  ? -11.001 7.497   -8.831  1.00 31.51 ? 40  LYS O N   1 
ATOM   1134 C CA  . LYS B 1 40  ? -12.233 8.081   -9.385  1.00 33.25 ? 40  LYS O CA  1 
ATOM   1135 C C   . LYS B 1 40  ? -12.445 7.488   -10.760 1.00 33.08 ? 40  LYS O C   1 
ATOM   1136 O O   . LYS B 1 40  ? -11.488 7.236   -11.464 1.00 32.79 ? 40  LYS O O   1 
ATOM   1137 C CB  . LYS B 1 40  ? -12.134 9.600   -9.442  1.00 32.60 ? 40  LYS O CB  1 
ATOM   1138 C CG  . LYS B 1 40  ? -12.011 10.210  -8.063  1.00 34.19 ? 40  LYS O CG  1 
ATOM   1139 C CD  . LYS B 1 40  ? -12.779 11.479  -7.982  1.00 35.29 ? 40  LYS O CD  1 
ATOM   1140 C CE  . LYS B 1 40  ? -12.712 12.106  -6.604  1.00 35.74 ? 40  LYS O CE  1 
ATOM   1141 N NZ  . LYS B 1 40  ? -13.063 13.569  -6.793  1.00 38.06 ? 40  LYS O NZ  1 
ATOM   1142 N N   . SER B 1 41  ? -13.698 7.251   -11.140 1.00 34.77 ? 41  SER O N   1 
ATOM   1143 C CA  . SER B 1 41  ? -13.996 6.738   -12.465 1.00 35.85 ? 41  SER O CA  1 
ATOM   1144 C C   . SER B 1 41  ? -13.201 7.527   -13.491 1.00 36.38 ? 41  SER O C   1 
ATOM   1145 O O   . SER B 1 41  ? -13.085 8.751   -13.393 1.00 37.40 ? 41  SER O O   1 
ATOM   1146 C CB  . SER B 1 41  ? -15.498 6.820   -12.764 1.00 36.91 ? 41  SER O CB  1 
ATOM   1147 O OG  . SER B 1 41  ? -16.096 7.878   -12.033 1.00 38.41 ? 41  SER O OG  1 
ATOM   1148 N N   . GLY B 1 42  ? -12.624 6.813   -14.460 1.00 36.04 ? 42  GLY O N   1 
ATOM   1149 C CA  . GLY B 1 42  ? -11.847 7.418   -15.491 1.00 36.02 ? 42  GLY O CA  1 
ATOM   1150 C C   . GLY B 1 42  ? -10.455 7.868   -15.110 1.00 36.15 ? 42  GLY O C   1 
ATOM   1151 O O   . GLY B 1 42  ? -9.703  8.285   -15.989 1.00 35.81 ? 42  GLY O O   1 
ATOM   1152 N N   . SER B 1 43  ? -10.121 7.802   -13.814 1.00 36.27 ? 43  SER O N   1 
ATOM   1153 C CA  . SER B 1 43  ? -8.779  8.160   -13.319 1.00 36.34 ? 43  SER O CA  1 
ATOM   1154 C C   . SER B 1 43  ? -8.003  6.902   -12.955 1.00 35.80 ? 43  SER O C   1 
ATOM   1155 O O   . SER B 1 43  ? -8.579  5.893   -12.495 1.00 34.94 ? 43  SER O O   1 
ATOM   1156 C CB  . SER B 1 43  ? -8.869  9.025   -12.044 1.00 36.64 ? 43  SER O CB  1 
ATOM   1157 O OG  . SER B 1 43  ? -7.577  9.368   -11.548 1.00 36.44 ? 43  SER O OG  1 
ATOM   1158 N N   . THR B 1 44  ? -6.699  6.990   -13.138 1.00 35.49 ? 44  THR O N   1 
ATOM   1159 C CA  . THR B 1 44  ? -5.767  6.121   -12.436 1.00 36.41 ? 44  THR O CA  1 
ATOM   1160 C C   . THR B 1 44  ? -4.892  7.000   -11.500 1.00 36.94 ? 44  THR O C   1 
ATOM   1161 O O   . THR B 1 44  ? -3.765  7.366   -11.798 1.00 39.14 ? 44  THR O O   1 
ATOM   1162 C CB  . THR B 1 44  ? -4.828  5.371   -13.392 1.00 36.75 ? 44  THR O CB  1 
ATOM   1163 O OG1 . THR B 1 44  ? -4.016  6.350   -14.052 1.00 35.86 ? 44  THR O OG1 1 
ATOM   1164 C CG2 . THR B 1 44  ? -5.631  4.518   -14.394 1.00 35.97 ? 44  THR O CG2 1 
ATOM   1165 N N   . ASN B 1 45  ? -5.485  7.443   -10.427 1.00 35.74 ? 45  ASN O N   1 
ATOM   1166 C CA  . ASN B 1 45  ? -4.738  8.047   -9.341  1.00 34.23 ? 45  ASN O CA  1 
ATOM   1167 C C   . ASN B 1 45  ? -5.458  7.422   -8.219  1.00 33.01 ? 45  ASN O C   1 
ATOM   1168 O O   . ASN B 1 45  ? -6.628  7.736   -7.997  1.00 30.99 ? 45  ASN O O   1 
ATOM   1169 C CB  . ASN B 1 45  ? -4.906  9.558   -9.268  1.00 33.63 ? 45  ASN O CB  1 
ATOM   1170 C CG  . ASN B 1 45  ? -4.541  10.097  -7.919  1.00 34.50 ? 45  ASN O CG  1 
ATOM   1171 O OD1 . ASN B 1 45  ? -3.919  9.388   -7.124  1.00 35.23 ? 45  ASN O OD1 1 
ATOM   1172 N ND2 . ASN B 1 45  ? -4.966  11.320  -7.616  1.00 32.09 ? 45  ASN O ND2 1 
ATOM   1173 N N   . GLU B 1 46  ? -4.819  6.481   -7.545  1.00 32.41 ? 46  GLU O N   1 
ATOM   1174 C CA  . GLU B 1 46  ? -5.432  5.942   -6.337  1.00 32.05 ? 46  GLU O CA  1 
ATOM   1175 C C   . GLU B 1 46  ? -5.214  6.899   -5.147  1.00 30.60 ? 46  GLU O C   1 
ATOM   1176 O O   . GLU B 1 46  ? -4.085  7.210   -4.752  1.00 26.79 ? 46  GLU O O   1 
ATOM   1177 C CB  . GLU B 1 46  ? -4.895  4.544   -6.004  1.00 31.92 ? 46  GLU O CB  1 
ATOM   1178 C CG  . GLU B 1 46  ? -5.644  3.907   -4.889  1.00 33.35 ? 46  GLU O CG  1 
ATOM   1179 C CD  . GLU B 1 46  ? -5.271  2.404   -4.640  1.00 34.85 ? 46  GLU O CD  1 
ATOM   1180 O OE1 . GLU B 1 46  ? -6.218  1.545   -4.537  1.00 34.25 ? 46  GLU O OE1 1 
ATOM   1181 O OE2 . GLU B 1 46  ? -4.060  2.128   -4.501  1.00 35.93 ? 46  GLU O OE2 1 
ATOM   1182 N N   . GLU B 1 47  ? -6.323  7.334   -4.549  1.00 31.49 ? 47  GLU O N   1 
ATOM   1183 C CA  . GLU B 1 47  ? -6.313  8.338   -3.484  1.00 31.39 ? 47  GLU O CA  1 
ATOM   1184 C C   . GLU B 1 47  ? -6.588  7.680   -2.135  1.00 30.84 ? 47  GLU O C   1 
ATOM   1185 O O   . GLU B 1 47  ? -7.433  6.763   -2.028  1.00 29.62 ? 47  GLU O O   1 
ATOM   1186 C CB  . GLU B 1 47  ? -7.411  9.373   -3.781  1.00 31.68 ? 47  GLU O CB  1 
ATOM   1187 C CG  . GLU B 1 47  ? -7.249  10.108  -5.133  1.00 32.68 ? 47  GLU O CG  1 
ATOM   1188 C CD  . GLU B 1 47  ? -8.556  10.767  -5.650  1.00 34.89 ? 47  GLU O CD  1 
ATOM   1189 O OE1 . GLU B 1 47  ? -9.308  11.368  -4.840  1.00 37.11 ? 47  GLU O OE1 1 
ATOM   1190 O OE2 . GLU B 1 47  ? -8.837  10.643  -6.876  1.00 40.59 ? 47  GLU O OE2 1 
ATOM   1191 N N   . SER B 1 48  ? -5.970  8.180   -1.072  1.00 30.46 ? 48  SER O N   1 
ATOM   1192 C CA  . SER B 1 48  ? -6.365  7.728   0.253   1.00 31.46 ? 48  SER O CA  1 
ATOM   1193 C C   . SER B 1 48  ? -7.626  8.469   0.700   1.00 31.44 ? 48  SER O C   1 
ATOM   1194 O O   . SER B 1 48  ? -7.764  9.658   0.479   1.00 30.29 ? 48  SER O O   1 
ATOM   1195 C CB  . SER B 1 48  ? -5.326  8.064   1.314   1.00 33.61 ? 48  SER O CB  1 
ATOM   1196 O OG  . SER B 1 48  ? -4.118  7.377   1.166   1.00 40.61 ? 48  SER O OG  1 
ATOM   1197 N N   . ILE B 1 49  ? -8.518  7.779   1.370   1.00 31.05 ? 49  ILE O N   1 
ATOM   1198 C CA  . ILE B 1 49  ? -9.710  8.335   1.949   1.00 32.21 ? 49  ILE O CA  1 
ATOM   1199 C C   . ILE B 1 49  ? -9.397  8.615   3.408   1.00 33.11 ? 49  ILE O C   1 
ATOM   1200 O O   . ILE B 1 49  ? -9.008  7.697   4.151   1.00 32.60 ? 49  ILE O O   1 
ATOM   1201 C CB  . ILE B 1 49  ? -10.872 7.288   1.963   1.00 32.12 ? 49  ILE O CB  1 
ATOM   1202 C CG1 . ILE B 1 49  ? -11.242 6.861   0.555   1.00 34.24 ? 49  ILE O CG1 1 
ATOM   1203 C CG2 . ILE B 1 49  ? -12.102 7.792   2.740   1.00 32.25 ? 49  ILE O CG2 1 
ATOM   1204 C CD1 . ILE B 1 49  ? -11.415 7.934   -0.338  1.00 40.39 ? 49  ILE O CD1 1 
ATOM   1205 N N   . SER B 1 50  ? -9.608  9.857   3.818   1.00 32.45 ? 50  SER O N   1 
ATOM   1206 C CA  . SER B 1 50  ? -9.494  10.239  5.214   1.00 34.45 ? 50  SER O CA  1 
ATOM   1207 C C   . SER B 1 50  ? -10.776 9.891   5.982   1.00 34.62 ? 50  SER O C   1 
ATOM   1208 O O   . SER B 1 50  ? -11.839 10.418  5.651   1.00 35.87 ? 50  SER O O   1 
ATOM   1209 C CB  . SER B 1 50  ? -9.311  11.731  5.337   1.00 34.69 ? 50  SER O CB  1 
ATOM   1210 O OG  . SER B 1 50  ? -8.144  12.166  4.683   1.00 38.98 ? 50  SER O OG  1 
ATOM   1211 N N   . LYS B 1 51  ? -10.629 9.109   7.040   1.00 33.78 ? 51  LYS O N   1 
ATOM   1212 C CA  . LYS B 1 51  ? -11.751 8.778   7.965   1.00 33.24 ? 51  LYS O CA  1 
ATOM   1213 C C   . LYS B 1 51  ? -12.292 10.068  8.620   1.00 32.10 ? 51  LYS O C   1 
ATOM   1214 O O   . LYS B 1 51  ? -11.519 10.913  9.020   1.00 29.88 ? 51  LYS O O   1 
ATOM   1215 C CB  . LYS B 1 51  ? -11.312 7.732   9.013   1.00 33.00 ? 51  LYS O CB  1 
ATOM   1216 C CG  . LYS B 1 51  ? -10.743 6.448   8.382   1.00 32.76 ? 51  LYS O CG  1 
ATOM   1217 C CD  . LYS B 1 51  ? -9.955  5.577   9.409   1.00 33.69 ? 51  LYS O CD  1 
ATOM   1218 C CE  . LYS B 1 51  ? -9.309  4.355   8.766   1.00 34.74 ? 51  LYS O CE  1 
ATOM   1219 N NZ  . LYS B 1 51  ? -8.901  3.420   9.801   1.00 28.85 ? 51  LYS O NZ  1 
ATOM   1220 N N   . GLY B 1 52  ? -13.610 10.186  8.716   1.00 31.36 ? 52  GLY O N   1 
ATOM   1221 C CA  . GLY B 1 52  ? -14.238 11.298  9.339   1.00 32.19 ? 52  GLY O CA  1 
ATOM   1222 C C   . GLY B 1 52  ? -15.283 11.945  8.460   1.00 31.81 ? 52  GLY O C   1 
ATOM   1223 O O   . GLY B 1 52  ? -15.321 11.704  7.267   1.00 32.54 ? 52  GLY O O   1 
ATOM   1224 N N   . GLY B 1 53  ? -16.160 12.715  9.068   1.00 31.68 ? 53  GLY O N   1 
ATOM   1225 C CA  . GLY B 1 53  ? -17.186 13.461  8.314   1.00 31.98 ? 53  GLY O CA  1 
ATOM   1226 C C   . GLY B 1 53  ? -18.196 12.520  7.674   1.00 32.09 ? 53  GLY O C   1 
ATOM   1227 O O   . GLY B 1 53  ? -18.825 11.736  8.383   1.00 32.02 ? 53  GLY O O   1 
ATOM   1228 N N   . ARG B 1 54  ? -18.266 12.546  6.339   1.00 32.84 ? 54  ARG O N   1 
ATOM   1229 C CA  . ARG B 1 54  ? -19.140 11.697  5.519   1.00 33.79 ? 54  ARG O CA  1 
ATOM   1230 C C   . ARG B 1 54  ? -18.626 10.265  5.446   1.00 33.03 ? 54  ARG O C   1 
ATOM   1231 O O   . ARG B 1 54  ? -19.363 9.365   5.101   1.00 31.66 ? 54  ARG O O   1 
ATOM   1232 C CB  . ARG B 1 54  ? -19.201 12.216  4.075   1.00 33.92 ? 54  ARG O CB  1 
ATOM   1233 C CG  . ARG B 1 54  ? -19.780 13.617  3.874   1.00 37.76 ? 54  ARG O CG  1 
ATOM   1234 C CD  . ARG B 1 54  ? -20.033 13.978  2.349   1.00 37.96 ? 54  ARG O CD  1 
ATOM   1235 N NE  . ARG B 1 54  ? -18.913 13.669  1.439   1.00 40.69 ? 54  ARG O NE  1 
ATOM   1236 C CZ  . ARG B 1 54  ? -18.926 12.769  0.443   1.00 41.30 ? 54  ARG O CZ  1 
ATOM   1237 N NH1 . ARG B 1 54  ? -20.000 12.031  0.190   1.00 42.65 ? 54  ARG O NH1 1 
ATOM   1238 N NH2 . ARG B 1 54  ? -17.839 12.577  -0.308  1.00 41.22 ? 54  ARG O NH2 1 
ATOM   1239 N N   . TYR B 1 55  ? -17.337 10.066  5.746   1.00 33.89 ? 55  TYR O N   1 
ATOM   1240 C CA  . TYR B 1 55  ? -16.671 8.771   5.645   1.00 33.63 ? 55  TYR O CA  1 
ATOM   1241 C C   . TYR B 1 55  ? -16.537 8.173   7.041   1.00 33.90 ? 55  TYR O C   1 
ATOM   1242 O O   . TYR B 1 55  ? -15.737 8.651   7.849   1.00 34.94 ? 55  TYR O O   1 
ATOM   1243 C CB  . TYR B 1 55  ? -15.276 8.973   5.036   1.00 35.96 ? 55  TYR O CB  1 
ATOM   1244 C CG  . TYR B 1 55  ? -15.313 9.411   3.593   1.00 37.38 ? 55  TYR O CG  1 
ATOM   1245 C CD1 . TYR B 1 55  ? -15.168 10.745  3.244   1.00 40.10 ? 55  TYR O CD1 1 
ATOM   1246 C CD2 . TYR B 1 55  ? -15.538 8.492   2.579   1.00 38.60 ? 55  TYR O CD2 1 
ATOM   1247 C CE1 . TYR B 1 55  ? -15.218 11.153  1.913   1.00 40.55 ? 55  TYR O CE1 1 
ATOM   1248 C CE2 . TYR B 1 55  ? -15.604 8.894   1.254   1.00 39.06 ? 55  TYR O CE2 1 
ATOM   1249 C CZ  . TYR B 1 55  ? -15.440 10.216  0.928   1.00 39.45 ? 55  TYR O CZ  1 
ATOM   1250 O OH  . TYR B 1 55  ? -15.508 10.606  -0.387  1.00 41.49 ? 55  TYR O OH  1 
ATOM   1251 N N   . VAL B 1 56  ? -17.353 7.174   7.342   1.00 32.77 ? 56  VAL O N   1 
ATOM   1252 C CA  . VAL B 1 56  ? -17.522 6.663   8.692   1.00 32.25 ? 56  VAL O CA  1 
ATOM   1253 C C   . VAL B 1 56  ? -17.066 5.225   8.685   1.00 32.57 ? 56  VAL O C   1 
ATOM   1254 O O   . VAL B 1 56  ? -17.694 4.398   8.066   1.00 33.76 ? 56  VAL O O   1 
ATOM   1255 C CB  . VAL B 1 56  ? -18.998 6.700   9.148   1.00 31.45 ? 56  VAL O CB  1 
ATOM   1256 C CG1 . VAL B 1 56  ? -19.157 6.090   10.522  1.00 32.22 ? 56  VAL O CG1 1 
ATOM   1257 C CG2 . VAL B 1 56  ? -19.591 8.129   9.113   1.00 29.74 ? 56  VAL O CG2 1 
ATOM   1258 N N   . GLU B 1 57  ? -15.947 4.929   9.334   1.00 32.58 ? 57  GLU O N   1 
ATOM   1259 C CA  . GLU B 1 57  ? -15.475 3.536   9.406   1.00 32.47 ? 57  GLU O CA  1 
ATOM   1260 C C   . GLU B 1 57  ? -15.935 2.914   10.721  1.00 32.40 ? 57  GLU O C   1 
ATOM   1261 O O   . GLU B 1 57  ? -15.963 3.598   11.758  1.00 29.91 ? 57  GLU O O   1 
ATOM   1262 C CB  . GLU B 1 57  ? -13.948 3.464   9.305   1.00 32.81 ? 57  GLU O CB  1 
ATOM   1263 C CG  . GLU B 1 57  ? -13.407 2.007   9.289   1.00 33.13 ? 57  GLU O CG  1 
ATOM   1264 C CD  . GLU B 1 57  ? -11.867 1.945   9.411   1.00 34.85 ? 57  GLU O CD  1 
ATOM   1265 O OE1 . GLU B 1 57  ? -11.284 2.565   10.345  1.00 32.91 ? 57  GLU O OE1 1 
ATOM   1266 O OE2 . GLU B 1 57  ? -11.268 1.171   8.618   1.00 37.69 ? 57  GLU O OE2 1 
ATOM   1267 N N   . THR B 1 58  ? -16.283 1.631   10.667  1.00 33.35 ? 58  THR O N   1 
ATOM   1268 C CA  . THR B 1 58  ? -16.586 0.824   11.819  1.00 33.53 ? 58  THR O CA  1 
ATOM   1269 C C   . THR B 1 58  ? -15.718 -0.431  11.841  1.00 33.83 ? 58  THR O C   1 
ATOM   1270 O O   . THR B 1 58  ? -15.568 -1.086  10.803  1.00 32.45 ? 58  THR O O   1 
ATOM   1271 C CB  . THR B 1 58  ? -18.048 0.401   11.760  1.00 34.71 ? 58  THR O CB  1 
ATOM   1272 O OG1 . THR B 1 58  ? -18.819 1.601   11.884  1.00 37.71 ? 58  THR O OG1 1 
ATOM   1273 C CG2 . THR B 1 58  ? -18.375 -0.486  12.897  1.00 36.56 ? 58  THR O CG2 1 
ATOM   1274 N N   . VAL B 1 59  ? -15.115 -0.731  12.999  1.00 32.46 ? 59  VAL O N   1 
ATOM   1275 C CA  . VAL B 1 59  ? -14.199 -1.854  13.073  1.00 32.65 ? 59  VAL O CA  1 
ATOM   1276 C C   . VAL B 1 59  ? -14.641 -2.798  14.136  1.00 33.07 ? 59  VAL O C   1 
ATOM   1277 O O   . VAL B 1 59  ? -15.003 -2.377  15.243  1.00 34.39 ? 59  VAL O O   1 
ATOM   1278 C CB  . VAL B 1 59  ? -12.800 -1.365  13.435  1.00 33.44 ? 59  VAL O CB  1 
ATOM   1279 C CG1 . VAL B 1 59  ? -11.900 -2.530  13.694  1.00 35.18 ? 59  VAL O CG1 1 
ATOM   1280 C CG2 . VAL B 1 59  ? -12.243 -0.411  12.352  1.00 33.28 ? 59  VAL O CG2 1 
ATOM   1281 N N   . ASN B 1 60  ? -14.564 -4.072  13.835  1.00 33.11 ? 60  ASN O N   1 
ATOM   1282 C CA  . ASN B 1 60  ? -14.681 -5.095  14.823  1.00 32.92 ? 60  ASN O CA  1 
ATOM   1283 C C   . ASN B 1 60  ? -13.407 -5.935  14.830  1.00 32.73 ? 60  ASN O C   1 
ATOM   1284 O O   . ASN B 1 60  ? -13.156 -6.735  13.921  1.00 33.25 ? 60  ASN O O   1 
ATOM   1285 C CB  . ASN B 1 60  ? -15.889 -5.938  14.564  1.00 33.15 ? 60  ASN O CB  1 
ATOM   1286 C CG  . ASN B 1 60  ? -16.063 -7.012  15.643  1.00 35.88 ? 60  ASN O CG  1 
ATOM   1287 O OD1 . ASN B 1 60  ? -15.064 -7.500  16.174  1.00 38.38 ? 60  ASN O OD1 1 
ATOM   1288 N ND2 . ASN B 1 60  ? -17.312 -7.356  15.991  1.00 34.19 ? 60  ASN O ND2 1 
ATOM   1289 N N   . SER B 1 61  ? -12.599 -5.733  15.853  1.00 31.91 ? 61  SER O N   1 
ATOM   1290 C CA  . SER B 1 61  ? -11.250 -6.252  15.875  1.00 32.11 ? 61  SER O CA  1 
ATOM   1291 C C   . SER B 1 61  ? -11.267 -7.781  15.951  1.00 31.71 ? 61  SER O C   1 
ATOM   1292 O O   . SER B 1 61  ? -10.495 -8.468  15.296  1.00 32.45 ? 61  SER O O   1 
ATOM   1293 C CB  . SER B 1 61  ? -10.521 -5.639  17.062  1.00 32.62 ? 61  SER O CB  1 
ATOM   1294 O OG  . SER B 1 61  ? -10.007 -4.356  16.703  1.00 34.74 ? 61  SER O OG  1 
ATOM   1295 N N   . GLY B 1 62  ? -12.236 -8.289  16.669  1.00 31.31 ? 62  GLY O N   1 
ATOM   1296 C CA  . GLY B 1 62  ? -12.281 -9.695  17.069  1.00 32.14 ? 62  GLY O CA  1 
ATOM   1297 C C   . GLY B 1 62  ? -12.752 -10.556 15.940  1.00 31.69 ? 62  GLY O C   1 
ATOM   1298 O O   . GLY B 1 62  ? -12.335 -11.699 15.837  1.00 32.85 ? 62  GLY O O   1 
ATOM   1299 N N   . SER B 1 63  ? -13.627 -10.017 15.099  1.00 30.97 ? 63  SER O N   1 
ATOM   1300 C CA  . SER B 1 63  ? -14.008 -10.695 13.840  1.00 30.88 ? 63  SER O CA  1 
ATOM   1301 C C   . SER B 1 63  ? -13.166 -10.285 12.598  1.00 30.87 ? 63  SER O C   1 
ATOM   1302 O O   . SER B 1 63  ? -13.406 -10.756 11.459  1.00 29.68 ? 63  SER O O   1 
ATOM   1303 C CB  . SER B 1 63  ? -15.466 -10.426 13.589  1.00 31.52 ? 63  SER O CB  1 
ATOM   1304 O OG  . SER B 1 63  ? -15.630 -9.065  13.210  1.00 33.37 ? 63  SER O OG  1 
ATOM   1305 N N   . LYS B 1 64  ? -12.177 -9.421  12.835  1.00 30.27 ? 64  LYS O N   1 
ATOM   1306 C CA  . LYS B 1 64  ? -11.289 -8.884  11.817  1.00 30.36 ? 64  LYS O CA  1 
ATOM   1307 C C   . LYS B 1 64  ? -12.069 -8.294  10.669  1.00 32.02 ? 64  LYS O C   1 
ATOM   1308 O O   . LYS B 1 64  ? -11.706 -8.471  9.518   1.00 31.99 ? 64  LYS O O   1 
ATOM   1309 C CB  . LYS B 1 64  ? -10.292 -9.929  11.334  1.00 30.52 ? 64  LYS O CB  1 
ATOM   1310 C CG  . LYS B 1 64  ? -9.581  -10.694 12.483  1.00 27.65 ? 64  LYS O CG  1 
ATOM   1311 C CD  . LYS B 1 64  ? -8.522  -11.586 11.889  1.00 29.15 ? 64  LYS O CD  1 
ATOM   1312 C CE  . LYS B 1 64  ? -7.850  -12.502 12.844  1.00 27.55 ? 64  LYS O CE  1 
ATOM   1313 N NZ  . LYS B 1 64  ? -6.850  -13.346 12.116  1.00 24.94 ? 64  LYS O NZ  1 
ATOM   1314 N N   . SER B 1 65  ? -13.130 -7.548  10.996  1.00 33.18 ? 65  SER O N   1 
ATOM   1315 C CA  . SER B 1 65  ? -14.016 -6.986  9.953   1.00 33.80 ? 65  SER O CA  1 
ATOM   1316 C C   . SER B 1 65  ? -14.075 -5.473  10.126  1.00 33.19 ? 65  SER O C   1 
ATOM   1317 O O   . SER B 1 65  ? -14.033 -4.955  11.255  1.00 34.98 ? 65  SER O O   1 
ATOM   1318 C CB  . SER B 1 65  ? -15.411 -7.636  10.033  1.00 34.48 ? 65  SER O CB  1 
ATOM   1319 O OG  . SER B 1 65  ? -16.010 -7.180  11.184  1.00 41.34 ? 65  SER O OG  1 
ATOM   1320 N N   . PHE B 1 66  ? -14.083 -4.758  9.008   1.00 32.70 ? 66  PHE O N   1 
ATOM   1321 C CA  . PHE B 1 66  ? -14.159 -3.339  8.998   1.00 34.10 ? 66  PHE O CA  1 
ATOM   1322 C C   . PHE B 1 66  ? -14.947 -2.877  7.825   1.00 35.05 ? 66  PHE O C   1 
ATOM   1323 O O   . PHE B 1 66  ? -14.956 -3.499  6.781   1.00 36.40 ? 66  PHE O O   1 
ATOM   1324 C CB  . PHE B 1 66  ? -12.785 -2.674  9.048   1.00 34.71 ? 66  PHE O CB  1 
ATOM   1325 C CG  . PHE B 1 66  ? -11.832 -3.090  7.984   1.00 34.37 ? 66  PHE O CG  1 
ATOM   1326 C CD1 . PHE B 1 66  ? -11.354 -2.145  7.085   1.00 38.64 ? 66  PHE O CD1 1 
ATOM   1327 C CD2 . PHE B 1 66  ? -11.336 -4.395  7.905   1.00 37.82 ? 66  PHE O CD2 1 
ATOM   1328 C CE1 . PHE B 1 66  ? -10.413 -2.504  6.131   1.00 37.72 ? 66  PHE O CE1 1 
ATOM   1329 C CE2 . PHE B 1 66  ? -10.450 -4.783  6.890   1.00 37.09 ? 66  PHE O CE2 1 
ATOM   1330 C CZ  . PHE B 1 66  ? -9.960  -3.802  6.037   1.00 35.84 ? 66  PHE O CZ  1 
ATOM   1331 N N   . SER B 1 67  ? -15.676 -1.803  8.017   1.00 34.29 ? 67  SER O N   1 
ATOM   1332 C CA  . SER B 1 67  ? -16.588 -1.404  7.005   1.00 35.18 ? 67  SER O CA  1 
ATOM   1333 C C   . SER B 1 67  ? -16.555 0.133   6.861   1.00 33.84 ? 67  SER O C   1 
ATOM   1334 O O   . SER B 1 67  ? -16.200 0.842   7.807   1.00 33.51 ? 67  SER O O   1 
ATOM   1335 C CB  . SER B 1 67  ? -17.957 -1.889  7.431   1.00 37.04 ? 67  SER O CB  1 
ATOM   1336 O OG  . SER B 1 67  ? -18.872 -1.127  6.692   1.00 44.20 ? 67  SER O OG  1 
ATOM   1337 N N   . LEU B 1 68  ? -16.876 0.629   5.662   1.00 32.25 ? 68  LEU O N   1 
ATOM   1338 C CA  . LEU B 1 68  ? -16.854 2.083   5.404   1.00 32.56 ? 68  LEU O CA  1 
ATOM   1339 C C   . LEU B 1 68  ? -18.234 2.476   4.924   1.00 32.06 ? 68  LEU O C   1 
ATOM   1340 O O   . LEU B 1 68  ? -18.687 1.965   3.938   1.00 33.08 ? 68  LEU O O   1 
ATOM   1341 C CB  . LEU B 1 68  ? -15.841 2.474   4.335   1.00 32.40 ? 68  LEU O CB  1 
ATOM   1342 C CG  . LEU B 1 68  ? -15.666 3.990   3.993   1.00 31.53 ? 68  LEU O CG  1 
ATOM   1343 C CD1 . LEU B 1 68  ? -15.051 4.791   5.115   1.00 32.50 ? 68  LEU O CD1 1 
ATOM   1344 C CD2 . LEU B 1 68  ? -14.846 4.211   2.788   1.00 32.14 ? 68  LEU O CD2 1 
ATOM   1345 N N   . ARG B 1 69  ? -18.892 3.355   5.653   1.00 32.90 ? 69  ARG O N   1 
ATOM   1346 C CA  . ARG B 1 69  ? -20.157 3.966   5.242   1.00 33.41 ? 69  ARG O CA  1 
ATOM   1347 C C   . ARG B 1 69  ? -19.846 5.329   4.697   1.00 32.90 ? 69  ARG O C   1 
ATOM   1348 O O   . ARG B 1 69  ? -19.133 6.095   5.335   1.00 33.09 ? 69  ARG O O   1 
ATOM   1349 C CB  . ARG B 1 69  ? -21.094 4.122   6.430   1.00 34.19 ? 69  ARG O CB  1 
ATOM   1350 C CG  . ARG B 1 69  ? -22.427 4.738   6.099   1.00 34.08 ? 69  ARG O CG  1 
ATOM   1351 C CD  . ARG B 1 69  ? -23.286 4.740   7.273   1.00 36.70 ? 69  ARG O CD  1 
ATOM   1352 N NE  . ARG B 1 69  ? -24.554 5.332   6.908   1.00 40.89 ? 69  ARG O NE  1 
ATOM   1353 C CZ  . ARG B 1 69  ? -25.714 4.683   6.833   1.00 43.46 ? 69  ARG O CZ  1 
ATOM   1354 N NH1 . ARG B 1 69  ? -25.793 3.383   7.142   1.00 44.60 ? 69  ARG O NH1 1 
ATOM   1355 N NH2 . ARG B 1 69  ? -26.812 5.362   6.471   1.00 40.78 ? 69  ARG O NH2 1 
ATOM   1356 N N   . ILE B 1 70  ? -20.344 5.638   3.503   1.00 33.92 ? 70  ILE O N   1 
ATOM   1357 C CA  . ILE B 1 70  ? -20.195 7.003   2.942   1.00 33.65 ? 70  ILE O CA  1 
ATOM   1358 C C   . ILE B 1 70  ? -21.574 7.601   2.848   1.00 33.78 ? 70  ILE O C   1 
ATOM   1359 O O   . ILE B 1 70  ? -22.430 7.047   2.189   1.00 34.68 ? 70  ILE O O   1 
ATOM   1360 C CB  . ILE B 1 70  ? -19.500 7.012   1.593   1.00 33.18 ? 70  ILE O CB  1 
ATOM   1361 C CG1 . ILE B 1 70  ? -18.220 6.163   1.673   1.00 34.17 ? 70  ILE O CG1 1 
ATOM   1362 C CG2 . ILE B 1 70  ? -19.223 8.454   1.155   1.00 33.63 ? 70  ILE O CG2 1 
ATOM   1363 C CD1 . ILE B 1 70  ? -17.414 6.073   0.391   1.00 33.47 ? 70  ILE O CD1 1 
ATOM   1364 N N   . ASN B 1 71  ? -21.790 8.709   3.553   1.00 33.82 ? 71  ASN O N   1 
ATOM   1365 C CA  . ASN B 1 71  ? -23.091 9.379   3.580   1.00 34.42 ? 71  ASN O CA  1 
ATOM   1366 C C   . ASN B 1 71  ? -23.096 10.517  2.602   1.00 34.75 ? 71  ASN O C   1 
ATOM   1367 O O   . ASN B 1 71  ? -22.054 11.057  2.287   1.00 36.13 ? 71  ASN O O   1 
ATOM   1368 C CB  . ASN B 1 71  ? -23.388 9.913   4.983   1.00 34.51 ? 71  ASN O CB  1 
ATOM   1369 C CG  . ASN B 1 71  ? -23.512 8.830   6.003   1.00 34.21 ? 71  ASN O CG  1 
ATOM   1370 O OD1 . ASN B 1 71  ? -24.180 7.821   5.787   1.00 32.78 ? 71  ASN O OD1 1 
ATOM   1371 N ND2 . ASN B 1 71  ? -22.869 9.032   7.137   1.00 38.62 ? 71  ASN O ND2 1 
ATOM   1372 N N   . ASP B 1 72  ? -24.273 10.822  2.074   1.00 35.25 ? 72  ASP O N   1 
ATOM   1373 C CA  . ASP B 1 72  ? -24.514 11.985  1.220   1.00 35.91 ? 72  ASP O CA  1 
ATOM   1374 C C   . ASP B 1 72  ? -23.690 11.982  -0.057  1.00 36.11 ? 72  ASP O C   1 
ATOM   1375 O O   . ASP B 1 72  ? -22.944 12.920  -0.374  1.00 36.40 ? 72  ASP O O   1 
ATOM   1376 C CB  . ASP B 1 72  ? -24.361 13.254  2.038   1.00 36.91 ? 72  ASP O CB  1 
ATOM   1377 C CG  . ASP B 1 72  ? -25.304 13.268  3.219   1.00 40.18 ? 72  ASP O CG  1 
ATOM   1378 O OD1 . ASP B 1 72  ? -26.457 12.814  3.050   1.00 44.96 ? 72  ASP O OD1 1 
ATOM   1379 O OD2 . ASP B 1 72  ? -24.912 13.700  4.331   1.00 47.16 ? 72  ASP O OD2 1 
ATOM   1380 N N   . LEU B 1 73  ? -23.887 10.883  -0.780  1.00 36.12 ? 73  LEU O N   1 
ATOM   1381 C CA  . LEU B 1 73  ? -23.184 10.552  -2.017  1.00 35.27 ? 73  LEU O CA  1 
ATOM   1382 C C   . LEU B 1 73  ? -23.461 11.561  -3.118  1.00 35.67 ? 73  LEU O C   1 
ATOM   1383 O O   . LEU B 1 73  ? -24.598 11.887  -3.370  1.00 32.99 ? 73  LEU O O   1 
ATOM   1384 C CB  . LEU B 1 73  ? -23.642 9.177   -2.489  1.00 34.07 ? 73  LEU O CB  1 
ATOM   1385 C CG  . LEU B 1 73  ? -23.148 8.067   -1.567  1.00 34.32 ? 73  LEU O CG  1 
ATOM   1386 C CD1 . LEU B 1 73  ? -23.852 6.750   -1.800  1.00 34.39 ? 73  LEU O CD1 1 
ATOM   1387 C CD2 . LEU B 1 73  ? -21.692 7.942   -1.807  1.00 27.44 ? 73  LEU O CD2 1 
ATOM   1388 N N   . THR B 1 74  ? -22.371 12.012  -3.748  1.00 36.50 ? 74  THR O N   1 
ATOM   1389 C CA  . THR B 1 74  ? -22.336 12.909  -4.873  1.00 37.54 ? 74  THR O CA  1 
ATOM   1390 C C   . THR B 1 74  ? -21.811 12.144  -6.078  1.00 37.94 ? 74  THR O C   1 
ATOM   1391 O O   . THR B 1 74  ? -21.167 11.108  -5.938  1.00 37.63 ? 74  THR O O   1 
ATOM   1392 C CB  . THR B 1 74  ? -21.308 14.037  -4.634  1.00 38.21 ? 74  THR O CB  1 
ATOM   1393 O OG1 . THR B 1 74  ? -20.082 13.463  -4.153  1.00 39.79 ? 74  THR O OG1 1 
ATOM   1394 C CG2 . THR B 1 74  ? -21.800 15.012  -3.621  1.00 37.73 ? 74  THR O CG2 1 
ATOM   1395 N N   . VAL B 1 75  ? -22.055 12.680  -7.269  1.00 38.73 ? 75  VAL O N   1 
ATOM   1396 C CA  . VAL B 1 75  ? -21.470 12.101  -8.479  1.00 38.70 ? 75  VAL O CA  1 
ATOM   1397 C C   . VAL B 1 75  ? -19.971 11.905  -8.319  1.00 39.33 ? 75  VAL O C   1 
ATOM   1398 O O   . VAL B 1 75  ? -19.418 10.850  -8.700  1.00 40.74 ? 75  VAL O O   1 
ATOM   1399 C CB  . VAL B 1 75  ? -21.738 12.974  -9.700  1.00 38.70 ? 75  VAL O CB  1 
ATOM   1400 C CG1 . VAL B 1 75  ? -23.153 12.778  -10.153 1.00 37.87 ? 75  VAL O CG1 1 
ATOM   1401 C CG2 . VAL B 1 75  ? -21.433 14.434  -9.385  1.00 39.20 ? 75  VAL O CG2 1 
ATOM   1402 N N   . GLU B 1 76  ? -19.320 12.882  -7.692  1.00 39.29 ? 76  GLU O N   1 
ATOM   1403 C CA  . GLU B 1 76  ? -17.873 12.853  -7.519  1.00 39.18 ? 76  GLU O CA  1 
ATOM   1404 C C   . GLU B 1 76  ? -17.383 11.638  -6.738  1.00 39.56 ? 76  GLU O C   1 
ATOM   1405 O O   . GLU B 1 76  ? -16.186 11.323  -6.762  1.00 39.60 ? 76  GLU O O   1 
ATOM   1406 C CB  . GLU B 1 76  ? -17.397 14.135  -6.842  1.00 39.17 ? 76  GLU O CB  1 
ATOM   1407 C CG  . GLU B 1 76  ? -17.207 15.320  -7.854  1.00 39.79 ? 76  GLU O CG  1 
ATOM   1408 C CD  . GLU B 1 76  ? -17.719 16.649  -7.316  1.00 39.91 ? 76  GLU O CD  1 
ATOM   1409 O OE1 . GLU B 1 76  ? -18.079 16.721  -6.102  1.00 41.02 ? 76  GLU O OE1 1 
ATOM   1410 O OE2 . GLU B 1 76  ? -17.779 17.615  -8.109  1.00 40.37 ? 76  GLU O OE2 1 
ATOM   1411 N N   . ASP B 1 77  ? -18.294 10.978  -6.025  1.00 39.07 ? 77  ASP O N   1 
ATOM   1412 C CA  . ASP B 1 77  ? -17.976 9.757   -5.318  1.00 38.40 ? 77  ASP O CA  1 
ATOM   1413 C C   . ASP B 1 77  ? -17.864 8.513   -6.188  1.00 38.25 ? 77  ASP O C   1 
ATOM   1414 O O   . ASP B 1 77  ? -17.511 7.431   -5.693  1.00 39.30 ? 77  ASP O O   1 
ATOM   1415 C CB  . ASP B 1 77  ? -19.002 9.500   -4.208  1.00 38.73 ? 77  ASP O CB  1 
ATOM   1416 C CG  . ASP B 1 77  ? -18.879 10.489  -3.077  1.00 37.59 ? 77  ASP O CG  1 
ATOM   1417 O OD1 . ASP B 1 77  ? -17.767 10.896  -2.789  1.00 37.76 ? 77  ASP O OD1 1 
ATOM   1418 O OD2 . ASP B 1 77  ? -19.888 10.909  -2.503  1.00 39.81 ? 77  ASP O OD2 1 
ATOM   1419 N N   . SER B 1 78  ? -18.140 8.622   -7.471  1.00 38.43 ? 78  SER O N   1 
ATOM   1420 C CA  . SER B 1 78  ? -18.106 7.425   -8.274  1.00 37.51 ? 78  SER O CA  1 
ATOM   1421 C C   . SER B 1 78  ? -16.653 7.043   -8.343  1.00 37.21 ? 78  SER O C   1 
ATOM   1422 O O   . SER B 1 78  ? -15.771 7.891   -8.248  1.00 37.99 ? 78  SER O O   1 
ATOM   1423 C CB  . SER B 1 78  ? -18.784 7.614   -9.623  1.00 37.51 ? 78  SER O CB  1 
ATOM   1424 O OG  . SER B 1 78  ? -20.194 7.458   -9.478  1.00 36.69 ? 78  SER O OG  1 
ATOM   1425 N N   . GLY B 1 79  ? -16.393 5.757   -8.392  1.00 36.26 ? 79  GLY O N   1 
ATOM   1426 C CA  . GLY B 1 79  ? -14.996 5.316   -8.428  1.00 35.44 ? 79  GLY O CA  1 
ATOM   1427 C C   . GLY B 1 79  ? -14.884 3.921   -7.910  1.00 34.02 ? 79  GLY O C   1 
ATOM   1428 O O   . GLY B 1 79  ? -15.882 3.292   -7.527  1.00 34.30 ? 79  GLY O O   1 
ATOM   1429 N N   . THR B 1 80  ? -13.669 3.426   -7.918  1.00 32.60 ? 80  THR O N   1 
ATOM   1430 C CA  . THR B 1 80  ? -13.437 2.062   -7.508  1.00 32.91 ? 80  THR O CA  1 
ATOM   1431 C C   . THR B 1 80  ? -12.752 2.183   -6.200  1.00 31.40 ? 80  THR O C   1 
ATOM   1432 O O   . THR B 1 80  ? -11.732 2.890   -6.117  1.00 28.47 ? 80  THR O O   1 
ATOM   1433 C CB  . THR B 1 80  ? -12.581 1.288   -8.491  1.00 33.59 ? 80  THR O CB  1 
ATOM   1434 O OG1 . THR B 1 80  ? -13.288 1.207   -9.747  1.00 33.81 ? 80  THR O OG1 1 
ATOM   1435 C CG2 . THR B 1 80  ? -12.380 -0.151  -7.980  1.00 33.21 ? 80  THR O CG2 1 
ATOM   1436 N N   . TYR B 1 81  ? -13.332 1.530   -5.187  1.00 32.44 ? 81  TYR O N   1 
ATOM   1437 C CA  . TYR B 1 81  ? -12.838 1.597   -3.818  1.00 33.61 ? 81  TYR O CA  1 
ATOM   1438 C C   . TYR B 1 81  ? -12.183 0.285   -3.378  1.00 34.35 ? 81  TYR O C   1 
ATOM   1439 O O   . TYR B 1 81  ? -12.643 -0.795  -3.758  1.00 34.86 ? 81  TYR O O   1 
ATOM   1440 C CB  . TYR B 1 81  ? -13.963 1.901   -2.871  1.00 33.60 ? 81  TYR O CB  1 
ATOM   1441 C CG  . TYR B 1 81  ? -14.559 3.268   -2.993  1.00 33.61 ? 81  TYR O CG  1 
ATOM   1442 C CD1 . TYR B 1 81  ? -15.286 3.649   -4.105  1.00 34.52 ? 81  TYR O CD1 1 
ATOM   1443 C CD2 . TYR B 1 81  ? -14.387 4.187   -1.984  1.00 36.53 ? 81  TYR O CD2 1 
ATOM   1444 C CE1 . TYR B 1 81  ? -15.815 4.913   -4.206  1.00 34.59 ? 81  TYR O CE1 1 
ATOM   1445 C CE2 . TYR B 1 81  ? -14.937 5.434   -2.072  1.00 36.36 ? 81  TYR O CE2 1 
ATOM   1446 C CZ  . TYR B 1 81  ? -15.651 5.775   -3.168  1.00 33.57 ? 81  TYR O CZ  1 
ATOM   1447 O OH  . TYR B 1 81  ? -16.137 7.038   -3.193  1.00 37.03 ? 81  TYR O OH  1 
ATOM   1448 N N   . ARG B 1 82  ? -11.080 0.375   -2.612  1.00 34.91 ? 82  ARG O N   1 
ATOM   1449 C CA  . ARG B 1 82  ? -10.461 -0.798  -2.000  1.00 35.26 ? 82  ARG O CA  1 
ATOM   1450 C C   . ARG B 1 82  ? -10.155 -0.548  -0.517  1.00 35.29 ? 82  ARG O C   1 
ATOM   1451 O O   . ARG B 1 82  ? -9.739  0.540   -0.178  1.00 34.24 ? 82  ARG O O   1 
ATOM   1452 C CB  . ARG B 1 82  ? -9.103  -1.084  -2.621  1.00 36.33 ? 82  ARG O CB  1 
ATOM   1453 C CG  . ARG B 1 82  ? -9.110  -1.412  -4.044  1.00 40.61 ? 82  ARG O CG  1 
ATOM   1454 C CD  . ARG B 1 82  ? -7.780  -2.100  -4.396  1.00 39.10 ? 82  ARG O CD  1 
ATOM   1455 N NE  . ARG B 1 82  ? -6.563  -1.268  -4.246  1.00 40.34 ? 82  ARG O NE  1 
ATOM   1456 C CZ  . ARG B 1 82  ? -5.356  -1.744  -4.537  1.00 39.26 ? 82  ARG O CZ  1 
ATOM   1457 N NH1 . ARG B 1 82  ? -5.225  -3.022  -4.883  1.00 38.32 ? 82  ARG O NH1 1 
ATOM   1458 N NH2 . ARG B 1 82  ? -4.284  -0.988  -4.421  1.00 39.89 ? 82  ARG O NH2 1 
ATOM   1459 N N   . CYS B 1 83  ? -10.196 -1.612  0.283   1.00 33.14 ? 83  CYS O N   1 
ATOM   1460 C CA  . CYS B 1 83  ? -9.772  -1.620  1.646   1.00 33.41 ? 83  CYS O CA  1 
ATOM   1461 C C   . CYS B 1 83  ? -8.452  -2.393  1.767   1.00 33.74 ? 83  CYS O C   1 
ATOM   1462 O O   . CYS B 1 83  ? -8.161  -3.318  0.942   1.00 33.98 ? 83  CYS O O   1 
ATOM   1463 C CB  . CYS B 1 83  ? -10.870 -2.266  2.475   1.00 34.14 ? 83  CYS O CB  1 
ATOM   1464 S SG  . CYS B 1 83  ? -11.003 -3.960  2.124   1.00 36.15 ? 83  CYS O SG  1 
ATOM   1465 N N   . LYS B 1 84  ? -7.666  -2.039  2.794   1.00 33.26 ? 84  LYS O N   1 
ATOM   1466 C CA  . LYS B 1 84  ? -6.452  -2.764  3.163   1.00 34.21 ? 84  LYS O CA  1 
ATOM   1467 C C   . LYS B 1 84  ? -6.302  -2.861  4.692   1.00 34.27 ? 84  LYS O C   1 
ATOM   1468 O O   . LYS B 1 84  ? -6.333  -1.871  5.369   1.00 34.72 ? 84  LYS O O   1 
ATOM   1469 C CB  . LYS B 1 84  ? -5.218  -2.004  2.615   1.00 33.10 ? 84  LYS O CB  1 
ATOM   1470 C CG  . LYS B 1 84  ? -3.945  -2.763  2.807   1.00 34.79 ? 84  LYS O CG  1 
ATOM   1471 C CD  . LYS B 1 84  ? -2.788  -1.828  2.520   1.00 34.64 ? 84  LYS O CD  1 
ATOM   1472 C CE  . LYS B 1 84  ? -1.540  -2.575  2.424   1.00 35.72 ? 84  LYS O CE  1 
ATOM   1473 N NZ  . LYS B 1 84  ? -0.428  -1.561  2.371   1.00 35.20 ? 84  LYS O NZ  1 
ATOM   1474 N N   . PRO B 1 85  ? -6.112  -4.063  5.238   1.00 35.05 ? 85  PRO O N   1 
ATOM   1475 C CA  . PRO B 1 85  ? -5.712  -4.147  6.625   1.00 34.55 ? 85  PRO O CA  1 
ATOM   1476 C C   . PRO B 1 85  ? -4.221  -4.259  6.729   1.00 34.54 ? 85  PRO O C   1 
ATOM   1477 O O   . PRO B 1 85  ? -3.582  -4.657  5.765   1.00 35.55 ? 85  PRO O O   1 
ATOM   1478 C CB  . PRO B 1 85  ? -6.433  -5.417  7.077   1.00 35.14 ? 85  PRO O CB  1 
ATOM   1479 C CG  . PRO B 1 85  ? -6.314  -6.299  5.845   1.00 35.15 ? 85  PRO O CG  1 
ATOM   1480 C CD  . PRO B 1 85  ? -6.375  -5.393  4.660   1.00 35.69 ? 85  PRO O CD  1 
ATOM   1481 N N   . GLU B 1 86  ? -3.649  -3.869  7.857   1.00 34.84 ? 86  GLU O N   1 
ATOM   1482 C CA  . GLU B 1 86  ? -2.243  -4.096  8.128   1.00 36.18 ? 86  GLU O CA  1 
ATOM   1483 C C   . GLU B 1 86  ? -2.133  -4.660  9.537   1.00 36.44 ? 86  GLU O C   1 
ATOM   1484 O O   . GLU B 1 86  ? -3.016  -4.478  10.343  1.00 35.30 ? 86  GLU O O   1 
ATOM   1485 C CB  . GLU B 1 86  ? -1.399  -2.808  7.997   1.00 35.92 ? 86  GLU O CB  1 
ATOM   1486 C CG  . GLU B 1 86  ? -1.483  -2.191  6.585   1.00 36.77 ? 86  GLU O CG  1 
ATOM   1487 C CD  . GLU B 1 86  ? -0.393  -1.172  6.311   1.00 38.10 ? 86  GLU O CD  1 
ATOM   1488 O OE1 . GLU B 1 86  ? 0.393   -0.928  7.266   1.00 35.99 ? 86  GLU O OE1 1 
ATOM   1489 O OE2 . GLU B 1 86  ? -0.376  -0.591  5.157   1.00 37.78 ? 86  GLU O OE2 1 
ATOM   1490 N N   . SER B 1 87  ? -1.046  -5.359  9.809   1.00 38.58 ? 87  SER O N   1 
ATOM   1491 C CA  . SER B 1 87  ? -0.881  -6.071  11.078  1.00 39.77 ? 87  SER O CA  1 
ATOM   1492 C C   . SER B 1 87  ? 0.351   -5.559  11.860  1.00 40.93 ? 87  SER O C   1 
ATOM   1493 O O   . SER B 1 87  ? 0.965   -4.565  11.479  1.00 42.00 ? 87  SER O O   1 
ATOM   1494 C CB  . SER B 1 87  ? -0.817  -7.563  10.788  1.00 39.71 ? 87  SER O CB  1 
ATOM   1495 O OG  . SER B 1 87  ? -0.992  -8.316  11.980  1.00 39.83 ? 87  SER O OG  1 
ATOM   1496 N N   . ARG B 1 88  ? 0.686   -6.229  12.960  1.00 42.64 ? 88  ARG O N   1 
ATOM   1497 C CA  . ARG B 1 88  ? 1.848   -5.887  13.845  1.00 43.63 ? 88  ARG O CA  1 
ATOM   1498 C C   . ARG B 1 88  ? 2.959   -6.949  13.683  1.00 43.77 ? 88  ARG O C   1 
ATOM   1499 O O   . ARG B 1 88  ? 3.903   -7.060  14.491  1.00 44.47 ? 88  ARG O O   1 
ATOM   1500 C CB  . ARG B 1 88  ? 1.410   -5.787  15.332  1.00 44.19 ? 88  ARG O CB  1 
ATOM   1501 C CG  . ARG B 1 88  ? -0.129  -5.959  15.560  1.00 45.88 ? 88  ARG O CG  1 
ATOM   1502 C CD  . ARG B 1 88  ? -0.656  -5.446  16.922  1.00 46.75 ? 88  ARG O CD  1 
ATOM   1503 N NE  . ARG B 1 88  ? -2.059  -4.973  16.803  1.00 48.09 ? 88  ARG O NE  1 
ATOM   1504 C CZ  . ARG B 1 88  ? -2.683  -4.160  17.666  1.00 47.77 ? 88  ARG O CZ  1 
ATOM   1505 N NH1 . ARG B 1 88  ? -2.071  -3.704  18.762  1.00 50.56 ? 88  ARG O NH1 1 
ATOM   1506 N NH2 . ARG B 1 88  ? -3.936  -3.814  17.449  1.00 47.55 ? 88  ARG O NH2 1 
ATOM   1507 N N   . ASP B 1 93  ? 7.627   -12.301 14.108  1.00 61.51 ? 93  ASP O N   1 
ATOM   1508 C CA  . ASP B 1 93  ? 6.315   -12.052 13.510  1.00 61.46 ? 93  ASP O CA  1 
ATOM   1509 C C   . ASP B 1 93  ? 6.406   -11.498 12.070  1.00 61.52 ? 93  ASP O C   1 
ATOM   1510 O O   . ASP B 1 93  ? 5.511   -10.764 11.606  1.00 61.68 ? 93  ASP O O   1 
ATOM   1511 C CB  . ASP B 1 93  ? 5.508   -11.105 14.403  1.00 61.49 ? 93  ASP O CB  1 
ATOM   1512 C CG  . ASP B 1 93  ? 4.043   -11.104 14.067  1.00 61.49 ? 93  ASP O CG  1 
ATOM   1513 O OD1 . ASP B 1 93  ? 3.425   -10.013 14.082  1.00 62.41 ? 93  ASP O OD1 1 
ATOM   1514 O OD2 . ASP B 1 93  ? 3.517   -12.199 13.773  1.00 61.36 ? 93  ASP O OD2 1 
ATOM   1515 N N   . ALA B 1 94  ? 7.481   -11.877 11.367  1.00 61.43 ? 94  ALA O N   1 
ATOM   1516 C CA  . ALA B 1 94  ? 7.668   -11.572 9.938   1.00 61.11 ? 94  ALA O CA  1 
ATOM   1517 C C   . ALA B 1 94  ? 6.737   -12.421 9.049   1.00 60.92 ? 94  ALA O C   1 
ATOM   1518 O O   . ALA B 1 94  ? 6.831   -12.370 7.819   1.00 60.95 ? 94  ALA O O   1 
ATOM   1519 C CB  . ALA B 1 94  ? 9.147   -11.768 9.534   1.00 60.87 ? 94  ALA O CB  1 
ATOM   1520 N N   . GLU B 1 95  ? 5.884   -13.233 9.683   1.00 60.70 ? 95  GLU O N   1 
ATOM   1521 C CA  . GLU B 1 95  ? 4.663   -13.757 9.060   1.00 60.60 ? 95  GLU O CA  1 
ATOM   1522 C C   . GLU B 1 95  ? 3.689   -12.623 8.722   1.00 60.28 ? 95  GLU O C   1 
ATOM   1523 O O   . GLU B 1 95  ? 3.070   -12.622 7.651   1.00 60.48 ? 95  GLU O O   1 
ATOM   1524 C CB  . GLU B 1 95  ? 3.963   -14.769 9.996   1.00 60.60 ? 95  GLU O CB  1 
ATOM   1525 C CG  . GLU B 1 95  ? 2.438   -14.881 9.814   1.00 60.55 ? 95  GLU O CG  1 
ATOM   1526 C CD  . GLU B 1 95  ? 1.812   -15.937 10.706  1.00 60.84 ? 95  GLU O CD  1 
ATOM   1527 O OE1 . GLU B 1 95  ? 2.143   -17.134 10.547  1.00 60.76 ? 95  GLU O OE1 1 
ATOM   1528 O OE2 . GLU B 1 95  ? 0.977   -15.569 11.561  1.00 61.12 ? 95  GLU O OE2 1 
ATOM   1529 N N   . CYS B 1 96  ? 3.557   -11.662 9.634   1.00 59.96 ? 96  CYS O N   1 
ATOM   1530 C CA  . CYS B 1 96  ? 2.444   -10.696 9.569   1.00 59.67 ? 96  CYS O CA  1 
ATOM   1531 C C   . CYS B 1 96  ? 2.663   -9.468  8.659   1.00 59.23 ? 96  CYS O C   1 
ATOM   1532 O O   . CYS B 1 96  ? 1.800   -8.603  8.585   1.00 58.97 ? 96  CYS O O   1 
ATOM   1533 C CB  . CYS B 1 96  ? 1.997   -10.292 10.986  1.00 59.47 ? 96  CYS O CB  1 
ATOM   1534 S SG  . CYS B 1 96  ? 0.820   -11.500 11.759  1.00 60.59 ? 96  CYS O SG  1 
ATOM   1535 N N   . ALA B 1 97  ? 3.785   -9.414  7.944   1.00 59.11 ? 97  ALA O N   1 
ATOM   1536 C CA  . ALA B 1 97  ? 3.936   -8.457  6.830   1.00 58.84 ? 97  ALA O CA  1 
ATOM   1537 C C   . ALA B 1 97  ? 3.007   -8.835  5.664   1.00 58.66 ? 97  ALA O C   1 
ATOM   1538 O O   . ALA B 1 97  ? 2.605   -7.979  4.878   1.00 58.70 ? 97  ALA O O   1 
ATOM   1539 C CB  . ALA B 1 97  ? 5.384   -8.406  6.356   1.00 59.26 ? 97  ALA O CB  1 
ATOM   1540 N N   . ALA B 1 98  ? 2.660   -10.123 5.585   1.00 58.22 ? 98  ALA O N   1 
ATOM   1541 C CA  . ALA B 1 98  ? 1.737   -10.672 4.576   1.00 57.54 ? 98  ALA O CA  1 
ATOM   1542 C C   . ALA B 1 98  ? 0.394   -9.923  4.454   1.00 57.09 ? 98  ALA O C   1 
ATOM   1543 O O   . ALA B 1 98  ? -0.324  -10.098 3.458   1.00 57.47 ? 98  ALA O O   1 
ATOM   1544 C CB  . ALA B 1 98  ? 1.477   -12.178 4.857   1.00 57.15 ? 98  ALA O CB  1 
ATOM   1545 N N   . LEU B 1 99  ? 0.062   -9.104  5.458   1.00 56.21 ? 99  LEU O N   1 
ATOM   1546 C CA  . LEU B 1 99  ? -1.190  -8.307  5.484   1.00 55.03 ? 99  LEU O CA  1 
ATOM   1547 C C   . LEU B 1 99  ? -1.026  -6.857  4.911   1.00 54.28 ? 99  LEU O C   1 
ATOM   1548 O O   . LEU B 1 99  ? -1.994  -6.207  4.352   1.00 52.62 ? 99  LEU O O   1 
ATOM   1549 C CB  . LEU B 1 99  ? -1.663  -8.255  6.934   1.00 55.27 ? 99  LEU O CB  1 
ATOM   1550 C CG  . LEU B 1 99  ? -3.154  -8.371  7.194   1.00 55.30 ? 99  LEU O CG  1 
ATOM   1551 C CD1 . LEU B 1 99  ? -3.912  -8.872  5.972   1.00 56.30 ? 99  LEU O CD1 1 
ATOM   1552 C CD2 . LEU B 1 99  ? -3.324  -9.315  8.365   1.00 55.53 ? 99  LEU O CD2 1 
ATOM   1553 N N   . ASN B 1 100 ? 0.219   -6.387  5.028   1.00 52.46 ? 100 ASN O N   1 
ATOM   1554 C CA  . ASN B 1 100 ? 0.631   -5.088  4.530   1.00 52.06 ? 100 ASN O CA  1 
ATOM   1555 C C   . ASN B 1 100 ? 0.955   -5.121  3.023   1.00 50.83 ? 100 ASN O C   1 
ATOM   1556 O O   . ASN B 1 100 ? 1.602   -4.205  2.512   1.00 51.33 ? 100 ASN O O   1 
ATOM   1557 C CB  . ASN B 1 100 ? 1.862   -4.563  5.315   1.00 52.03 ? 100 ASN O CB  1 
ATOM   1558 C CG  . ASN B 1 100 ? 1.712   -4.695  6.868   1.00 54.05 ? 100 ASN O CG  1 
ATOM   1559 O OD1 . ASN B 1 100 ? 0.638   -5.343  7.327   1.00 53.16 ? 100 ASN O OD1 1 
ATOM   1560 N ND2 . ASN B 1 100 ? 2.577   -4.222  7.626   1.00 57.76 ? 100 ASN O ND2 1 
ATOM   1561 N N   . ASP B 1 101 ? 0.552   -6.190  2.327   1.00 48.80 ? 101 ASP O N   1 
ATOM   1562 C CA  . ASP B 1 101 ? 0.508   -6.170  0.856   1.00 47.24 ? 101 ASP O CA  1 
ATOM   1563 C C   . ASP B 1 101 ? -0.813  -6.746  0.284   1.00 45.10 ? 101 ASP O C   1 
ATOM   1564 O O   . ASP B 1 101 ? -0.941  -6.920  -0.934  1.00 45.65 ? 101 ASP O O   1 
ATOM   1565 C CB  . ASP B 1 101 ? 1.692   -6.947  0.298   1.00 47.48 ? 101 ASP O CB  1 
ATOM   1566 C CG  . ASP B 1 101 ? 1.685   -8.373  0.739   1.00 48.03 ? 101 ASP O CG  1 
ATOM   1567 O OD1 . ASP B 1 101 ? 0.994   -8.654  1.735   1.00 47.21 ? 101 ASP O OD1 1 
ATOM   1568 O OD2 . ASP B 1 101 ? 2.366   -9.206  0.099   1.00 49.04 ? 101 ASP O OD2 1 
ATOM   1569 N N   . GLN B 1 102 ? -1.782  -7.007  1.162   1.00 42.59 ? 102 GLN O N   1 
ATOM   1570 C CA  . GLN B 1 102 ? -3.044  -7.687  0.831   1.00 40.10 ? 102 GLN O CA  1 
ATOM   1571 C C   . GLN B 1 102 ? -4.263  -6.736  0.831   1.00 36.69 ? 102 GLN O C   1 
ATOM   1572 O O   . GLN B 1 102 ? -4.457  -6.042  1.808   1.00 36.25 ? 102 GLN O O   1 
ATOM   1573 C CB  . GLN B 1 102 ? -3.215  -8.740  1.894   1.00 40.19 ? 102 GLN O CB  1 
ATOM   1574 C CG  . GLN B 1 102 ? -4.530  -9.297  2.022   1.00 42.31 ? 102 GLN O CG  1 
ATOM   1575 C CD  . GLN B 1 102 ? -4.477  -10.768 2.371   1.00 43.31 ? 102 GLN O CD  1 
ATOM   1576 O OE1 . GLN B 1 102 ? -4.802  -11.172 3.490   1.00 46.17 ? 102 GLN O OE1 1 
ATOM   1577 N NE2 . GLN B 1 102 ? -4.054  -11.583 1.396   1.00 48.02 ? 102 GLN O NE2 1 
ATOM   1578 N N   . TYR B 1 103 ? -5.062  -6.728  -0.243  1.00 32.35 ? 103 TYR O N   1 
ATOM   1579 C CA  . TYR B 1 103 ? -6.117  -5.734  -0.455  1.00 33.31 ? 103 TYR O CA  1 
ATOM   1580 C C   . TYR B 1 103 ? -7.477  -6.391  -0.723  1.00 31.28 ? 103 TYR O C   1 
ATOM   1581 O O   . TYR B 1 103 ? -7.557  -7.529  -1.238  1.00 29.84 ? 103 TYR O O   1 
ATOM   1582 C CB  . TYR B 1 103 ? -5.766  -4.885  -1.667  1.00 32.15 ? 103 TYR O CB  1 
ATOM   1583 C CG  . TYR B 1 103 ? -4.565  -3.970  -1.459  1.00 31.35 ? 103 TYR O CG  1 
ATOM   1584 C CD1 . TYR B 1 103 ? -3.259  -4.444  -1.517  1.00 28.17 ? 103 TYR O CD1 1 
ATOM   1585 C CD2 . TYR B 1 103 ? -4.761  -2.620  -1.206  1.00 30.24 ? 103 TYR O CD2 1 
ATOM   1586 C CE1 . TYR B 1 103 ? -2.193  -3.612  -1.348  1.00 31.99 ? 103 TYR O CE1 1 
ATOM   1587 C CE2 . TYR B 1 103 ? -3.722  -1.799  -1.019  1.00 31.35 ? 103 TYR O CE2 1 
ATOM   1588 C CZ  . TYR B 1 103 ? -2.446  -2.269  -1.090  1.00 32.47 ? 103 TYR O CZ  1 
ATOM   1589 O OH  . TYR B 1 103 ? -1.429  -1.401  -0.872  1.00 30.62 ? 103 TYR O OH  1 
ATOM   1590 N N   . GLY B 1 104 ? -8.552  -5.675  -0.422  1.00 31.29 ? 104 GLY O N   1 
ATOM   1591 C CA  . GLY B 1 104 ? -9.842  -6.144  -0.805  1.00 32.24 ? 104 GLY O CA  1 
ATOM   1592 C C   . GLY B 1 104 ? -9.878  -6.157  -2.320  1.00 31.71 ? 104 GLY O C   1 
ATOM   1593 O O   . GLY B 1 104 ? -9.087  -5.468  -2.954  1.00 32.06 ? 104 GLY O O   1 
ATOM   1594 N N   . GLY B 1 105 ? -10.782 -6.932  -2.881  1.00 30.47 ? 105 GLY O N   1 
ATOM   1595 C CA  . GLY B 1 105 ? -10.947 -7.059  -4.287  1.00 32.08 ? 105 GLY O CA  1 
ATOM   1596 C C   . GLY B 1 105 ? -11.538 -5.915  -5.072  1.00 32.30 ? 105 GLY O C   1 
ATOM   1597 O O   . GLY B 1 105 ? -11.387 -5.875  -6.288  1.00 33.29 ? 105 GLY O O   1 
ATOM   1598 N N   . GLY B 1 106 ? -12.168 -4.973  -4.411  1.00 32.99 ? 106 GLY O N   1 
ATOM   1599 C CA  . GLY B 1 106 ? -12.559 -3.744  -5.080  1.00 33.01 ? 106 GLY O CA  1 
ATOM   1600 C C   . GLY B 1 106 ? -14.048 -3.645  -5.069  1.00 31.97 ? 106 GLY O C   1 
ATOM   1601 O O   . GLY B 1 106 ? -14.737 -4.707  -5.049  1.00 32.95 ? 106 GLY O O   1 
ATOM   1602 N N   . THR B 1 107 ? -14.561 -2.420  -5.056  1.00 30.82 ? 107 THR O N   1 
ATOM   1603 C CA  . THR B 1 107 ? -16.018 -2.155  -5.249  1.00 31.76 ? 107 THR O CA  1 
ATOM   1604 C C   . THR B 1 107 ? -16.149 -0.993  -6.213  1.00 31.20 ? 107 THR O C   1 
ATOM   1605 O O   . THR B 1 107 ? -15.536 0.073   -5.985  1.00 31.86 ? 107 THR O O   1 
ATOM   1606 C CB  . THR B 1 107 ? -16.759 -1.712  -3.997  1.00 32.66 ? 107 THR O CB  1 
ATOM   1607 O OG1 . THR B 1 107 ? -16.624 -2.677  -2.950  1.00 34.28 ? 107 THR O OG1 1 
ATOM   1608 C CG2 . THR B 1 107 ? -18.295 -1.399  -4.294  1.00 30.59 ? 107 THR O CG2 1 
ATOM   1609 N N   . VAL B 1 108 ? -16.918 -1.192  -7.287  1.00 31.03 ? 108 VAL O N   1 
ATOM   1610 C CA  . VAL B 1 108 ? -17.146 -0.157  -8.268  1.00 32.06 ? 108 VAL O CA  1 
ATOM   1611 C C   . VAL B 1 108 ? -18.403 0.575   -7.804  1.00 32.40 ? 108 VAL O C   1 
ATOM   1612 O O   . VAL B 1 108 ? -19.498 -0.002  -7.752  1.00 33.27 ? 108 VAL O O   1 
ATOM   1613 C CB  . VAL B 1 108 ? -17.334 -0.715  -9.718  1.00 32.05 ? 108 VAL O CB  1 
ATOM   1614 C CG1 . VAL B 1 108 ? -17.393 0.440   -10.705 1.00 31.99 ? 108 VAL O CG1 1 
ATOM   1615 C CG2 . VAL B 1 108 ? -16.196 -1.672  -10.105 1.00 31.74 ? 108 VAL O CG2 1 
ATOM   1616 N N   . VAL B 1 109 ? -18.234 1.829   -7.440  1.00 33.22 ? 109 VAL O N   1 
ATOM   1617 C CA  . VAL B 1 109 ? -19.332 2.643   -7.024  1.00 33.62 ? 109 VAL O CA  1 
ATOM   1618 C C   . VAL B 1 109 ? -19.786 3.604   -8.118  1.00 34.34 ? 109 VAL O C   1 
ATOM   1619 O O   . VAL B 1 109 ? -18.991 4.436   -8.612  1.00 34.17 ? 109 VAL O O   1 
ATOM   1620 C CB  . VAL B 1 109 ? -18.979 3.437   -5.770  1.00 33.35 ? 109 VAL O CB  1 
ATOM   1621 C CG1 . VAL B 1 109 ? -20.173 4.395   -5.386  1.00 32.65 ? 109 VAL O CG1 1 
ATOM   1622 C CG2 . VAL B 1 109 ? -18.633 2.472   -4.611  1.00 32.07 ? 109 VAL O CG2 1 
ATOM   1623 N N   . THR B 1 110 ? -21.072 3.498   -8.462  1.00 34.95 ? 110 THR O N   1 
ATOM   1624 C CA  . THR B 1 110 ? -21.701 4.394   -9.392  1.00 35.16 ? 110 THR O CA  1 
ATOM   1625 C C   . THR B 1 110 ? -22.810 5.183   -8.701  1.00 35.25 ? 110 THR O C   1 
ATOM   1626 O O   . THR B 1 110 ? -23.751 4.579   -8.215  1.00 33.70 ? 110 THR O O   1 
ATOM   1627 C CB  . THR B 1 110 ? -22.304 3.620   -10.620 1.00 36.52 ? 110 THR O CB  1 
ATOM   1628 O OG1 . THR B 1 110 ? -21.334 2.699   -11.145 1.00 36.51 ? 110 THR O OG1 1 
ATOM   1629 C CG2 . THR B 1 110 ? -22.705 4.582   -11.728 1.00 35.37 ? 110 THR O CG2 1 
ATOM   1630 N N   . VAL B 1 111 ? -22.673 6.550   -8.672  1.00 36.06 ? 111 VAL O N   1 
ATOM   1631 C CA  . VAL B 1 111 ? -23.744 7.482   -8.262  1.00 35.68 ? 111 VAL O CA  1 
ATOM   1632 C C   . VAL B 1 111 ? -24.395 8.211   -9.463  1.00 36.23 ? 111 VAL O C   1 
ATOM   1633 O O   . VAL B 1 111 ? -23.738 9.046   -10.124 1.00 35.98 ? 111 VAL O O   1 
ATOM   1634 C CB  . VAL B 1 111 ? -23.191 8.555   -7.269  1.00 35.94 ? 111 VAL O CB  1 
ATOM   1635 C CG1 . VAL B 1 111 ? -24.312 9.501   -6.823  1.00 34.91 ? 111 VAL O CG1 1 
ATOM   1636 C CG2 . VAL B 1 111 ? -22.464 7.905   -6.044  1.00 32.46 ? 111 VAL O CG2 1 
ATOM   1637 N N   . ASN B 1 112 ? -25.688 7.912   -9.746  1.00 36.12 ? 112 ASN O N   1 
ATOM   1638 C CA  . ASN B 1 112 ? -26.372 8.556   -10.875 1.00 36.87 ? 112 ASN O CA  1 
ATOM   1639 C C   . ASN B 1 112 ? -27.154 9.788   -10.420 1.00 36.84 ? 112 ASN O C   1 
ATOM   1640 O O   . ASN B 1 112 ? -27.624 9.773   -9.317  1.00 37.83 ? 112 ASN O O   1 
ATOM   1641 C CB  . ASN B 1 112 ? -27.266 7.539   -11.626 1.00 36.50 ? 112 ASN O CB  1 
ATOM   1642 C CG  . ASN B 1 112 ? -26.338 6.373   -12.298 1.00 37.73 ? 112 ASN O CG  1 
ATOM   1643 O OD1 . ASN B 1 112 ? -26.243 5.192   -11.573 1.00 38.59 ? 112 ASN O OD1 1 
ATOM   1644 N ND2 . ASN B 1 112 ? -25.695 6.534   -13.438 1.00 39.27 ? 112 ASN O ND2 1 
ATOM   1645 N N   . ALA B 1 113 ? -27.105 10.855  -11.305 1.00 37.46 ? 113 ALA O N   1 
ATOM   1646 C CA  . ALA B 1 113 ? -27.886 12.091  -11.061 1.00 37.33 ? 113 ALA O CA  1 
ATOM   1647 C C   . ALA B 1 113 ? -29.301 11.783  -10.523 1.00 37.35 ? 113 ALA O C   1 
ATOM   1648 O O   . ALA B 1 113 ? -29.773 10.497  -10.987 1.00 37.50 ? 113 ALA O O   1 
ATOM   1649 C CB  . ALA B 1 113 ? -28.003 12.889  -12.401 1.00 37.66 ? 113 ALA O CB  1 
HETATM 1650 O O   . HOH C 2 .   ? 5.827   5.498   3.138   1.00 20.70 ? 122 HOH N O   1 
HETATM 1651 O O   . HOH C 2 .   ? 2.790   -0.124  0.398   1.00 20.80 ? 123 HOH N O   1 
HETATM 1652 O O   . HOH C 2 .   ? -1.636  7.475   -7.829  1.00 23.54 ? 124 HOH N O   1 
HETATM 1653 O O   . HOH C 2 .   ? 16.277  2.663   -12.273 1.00 30.72 ? 125 HOH N O   1 
HETATM 1654 O O   . HOH C 2 .   ? 17.880  1.513   -7.638  1.00 26.35 ? 126 HOH N O   1 
HETATM 1655 O O   . HOH C 2 .   ? 4.606   -0.062  -17.877 1.00 38.82 ? 127 HOH N O   1 
HETATM 1656 O O   . HOH C 2 .   ? 13.244  2.552   -13.530 1.00 33.42 ? 128 HOH N O   1 
HETATM 1657 O O   . HOH C 2 .   ? 23.473  -2.727  -5.233  1.00 37.67 ? 129 HOH N O   1 
HETATM 1658 O O   . HOH C 2 .   ? 25.423  2.363   3.602   1.00 24.20 ? 130 HOH N O   1 
HETATM 1659 O O   . HOH C 2 .   ? 6.672   -7.584  2.643   1.00 40.02 ? 131 HOH N O   1 
HETATM 1660 O O   . HOH C 2 .   ? 6.550   1.502   -14.653 1.00 32.84 ? 132 HOH N O   1 
HETATM 1661 O O   . HOH C 2 .   ? 17.320  -13.710 -6.799  1.00 39.63 ? 133 HOH N O   1 
HETATM 1662 O O   . HOH C 2 .   ? 15.497  0.113   -14.189 1.00 34.87 ? 134 HOH N O   1 
HETATM 1663 O O   . HOH C 2 .   ? 15.959  13.938  -3.956  1.00 28.37 ? 135 HOH N O   1 
HETATM 1664 O O   . HOH C 2 .   ? 19.121  3.692   -6.900  1.00 27.48 ? 136 HOH N O   1 
HETATM 1665 O O   . HOH C 2 .   ? 9.353   -9.908  3.799   1.00 31.75 ? 137 HOH N O   1 
HETATM 1666 O O   . HOH C 2 .   ? 4.691   -7.799  -3.081  1.00 43.93 ? 138 HOH N O   1 
HETATM 1667 O O   . HOH C 2 .   ? 25.249  -13.375 7.047   1.00 41.55 ? 139 HOH N O   1 
HETATM 1668 O O   . HOH C 2 .   ? 19.595  10.925  1.688   1.00 37.27 ? 140 HOH N O   1 
HETATM 1669 O O   . HOH C 2 .   ? 15.431  -6.726  -10.768 1.00 39.06 ? 141 HOH N O   1 
HETATM 1670 O O   . HOH C 2 .   ? 14.419  -4.766  12.001  1.00 25.98 ? 142 HOH N O   1 
HETATM 1671 O O   . HOH C 2 .   ? 18.799  -10.403 -12.509 1.00 57.45 ? 143 HOH N O   1 
HETATM 1672 O O   . HOH C 2 .   ? 10.165  -8.424  -6.440  1.00 36.04 ? 144 HOH N O   1 
HETATM 1673 O O   . HOH C 2 .   ? 12.034  8.817   3.318   1.00 35.26 ? 145 HOH N O   1 
HETATM 1674 O O   . HOH C 2 .   ? 21.964  3.906   9.992   1.00 36.91 ? 146 HOH N O   1 
HETATM 1675 O O   . HOH C 2 .   ? 22.269  -16.207 2.924   1.00 44.71 ? 147 HOH N O   1 
HETATM 1676 O O   . HOH C 2 .   ? 20.561  2.303   8.940   1.00 33.37 ? 148 HOH N O   1 
HETATM 1677 O O   . HOH C 2 .   ? -1.268  -1.657  -4.814  1.00 38.41 ? 149 HOH N O   1 
HETATM 1678 O O   . HOH C 2 .   ? 4.176   -2.857  -4.127  1.00 38.01 ? 150 HOH N O   1 
HETATM 1679 O O   . HOH C 2 .   ? 27.261  -5.214  1.348   1.00 46.67 ? 151 HOH N O   1 
HETATM 1680 O O   . HOH C 2 .   ? 13.148  -5.948  -12.394 1.00 27.00 ? 152 HOH N O   1 
HETATM 1681 O O   . HOH C 2 .   ? 24.675  -0.739  -3.561  1.00 56.00 ? 153 HOH N O   1 
HETATM 1682 O O   . HOH C 2 .   ? -0.069  -2.726  -15.346 1.00 35.93 ? 154 HOH N O   1 
HETATM 1683 O O   . HOH C 2 .   ? 22.545  -6.397  -7.770  1.00 41.26 ? 155 HOH N O   1 
HETATM 1684 O O   . HOH C 2 .   ? 12.530  -3.438  -12.738 1.00 34.64 ? 156 HOH N O   1 
HETATM 1685 O O   . HOH C 2 .   ? 12.171  -16.517 3.065   1.00 37.54 ? 157 HOH N O   1 
HETATM 1686 O O   . HOH C 2 .   ? 31.369  -9.772  5.625   1.00 48.22 ? 158 HOH N O   1 
HETATM 1687 O O   . HOH C 2 .   ? 10.947  0.964   -13.088 1.00 32.70 ? 159 HOH N O   1 
HETATM 1688 O O   . HOH C 2 .   ? 17.822  4.650   3.141   1.00 37.21 ? 160 HOH N O   1 
HETATM 1689 O O   . HOH C 2 .   ? 7.149   -7.547  8.904   1.00 52.97 ? 161 HOH N O   1 
HETATM 1690 O O   . HOH C 2 .   ? 0.723   13.081  -2.441  1.00 38.58 ? 162 HOH N O   1 
HETATM 1691 O O   . HOH C 2 .   ? 6.098   10.032  -0.004  1.00 28.06 ? 163 HOH N O   1 
HETATM 1692 O O   . HOH C 2 .   ? -0.522  8.989   -14.340 1.00 42.05 ? 164 HOH N O   1 
HETATM 1693 O O   . HOH C 2 .   ? 11.424  9.589   -14.848 1.00 40.86 ? 165 HOH N O   1 
HETATM 1694 O O   . HOH C 2 .   ? 19.567  5.904   -13.684 1.00 48.06 ? 166 HOH N O   1 
HETATM 1695 O O   . HOH C 2 .   ? 1.465   4.356   -14.109 1.00 29.83 ? 167 HOH N O   1 
HETATM 1696 O O   . HOH D 2 .   ? -6.132  2.248   11.385  1.00 29.92 ? 122 HOH O O   1 
HETATM 1697 O O   . HOH D 2 .   ? -17.208 -8.909  3.071   1.00 27.79 ? 123 HOH O O   1 
HETATM 1698 O O   . HOH D 2 .   ? -7.803  8.489   7.528   1.00 28.38 ? 124 HOH O O   1 
HETATM 1699 O O   . HOH D 2 .   ? 0.308   0.634   1.245   1.00 21.82 ? 125 HOH O O   1 
HETATM 1700 O O   . HOH D 2 .   ? -14.005 5.276   12.759  1.00 26.73 ? 126 HOH O O   1 
HETATM 1701 O O   . HOH D 2 .   ? -12.283 -9.170  -1.857  1.00 29.53 ? 127 HOH O O   1 
HETATM 1702 O O   . HOH D 2 .   ? -26.725 -0.584  -5.768  1.00 51.31 ? 128 HOH O O   1 
HETATM 1703 O O   . HOH D 2 .   ? -7.905  5.228   4.929   1.00 23.27 ? 129 HOH O O   1 
HETATM 1704 O O   . HOH D 2 .   ? -15.731 -0.142  17.017  1.00 33.50 ? 130 HOH O O   1 
HETATM 1705 O O   . HOH D 2 .   ? 0.869   -2.310  -0.928  1.00 33.84 ? 131 HOH O O   1 
HETATM 1706 O O   . HOH D 2 .   ? -2.635  1.315   -6.474  1.00 36.07 ? 132 HOH O O   1 
HETATM 1707 O O   . HOH D 2 .   ? -26.949 9.666   2.676   1.00 42.96 ? 133 HOH O O   1 
HETATM 1708 O O   . HOH D 2 .   ? -1.727  3.861   2.943   1.00 37.17 ? 134 HOH O O   1 
HETATM 1709 O O   . HOH D 2 .   ? -15.405 -15.370 1.059   1.00 36.99 ? 135 HOH O O   1 
HETATM 1710 O O   . HOH D 2 .   ? -4.076  -8.378  -2.587  1.00 37.11 ? 136 HOH O O   1 
HETATM 1711 O O   . HOH D 2 .   ? -29.436 5.324   1.434   1.00 51.15 ? 137 HOH O O   1 
HETATM 1712 O O   . HOH D 2 .   ? -21.047 10.271  -10.869 1.00 49.96 ? 138 HOH O O   1 
HETATM 1713 O O   . HOH D 2 .   ? -23.979 4.768   -15.291 1.00 31.18 ? 139 HOH O O   1 
HETATM 1714 O O   . HOH D 2 .   ? -13.487 13.019  5.358   1.00 49.06 ? 140 HOH O O   1 
HETATM 1715 O O   . HOH D 2 .   ? -14.008 -7.200  -4.236  1.00 36.19 ? 141 HOH O O   1 
HETATM 1716 O O   . HOH D 2 .   ? -8.426  0.876   12.109  1.00 32.19 ? 142 HOH O O   1 
HETATM 1717 O O   . HOH D 2 .   ? -8.876  1.781   -5.684  1.00 36.93 ? 143 HOH O O   1 
HETATM 1718 O O   . HOH D 2 .   ? -16.472 14.275  4.930   1.00 37.48 ? 144 HOH O O   1 
HETATM 1719 O O   . HOH D 2 .   ? -12.090 3.690   12.485  1.00 36.43 ? 145 HOH O O   1 
HETATM 1720 O O   . HOH D 2 .   ? -7.477  -8.792  15.036  1.00 31.31 ? 146 HOH O O   1 
HETATM 1721 O O   . HOH D 2 .   ? -5.695  5.420   3.204   1.00 27.10 ? 147 HOH O O   1 
HETATM 1722 O O   . HOH D 2 .   ? -2.331  -3.888  -5.474  1.00 58.92 ? 148 HOH O O   1 
HETATM 1723 O O   . HOH D 2 .   ? -0.674  -1.249  12.244  1.00 47.33 ? 149 HOH O O   1 
HETATM 1724 O O   . HOH D 2 .   ? -30.861 4.864   -5.665  1.00 47.48 ? 150 HOH O O   1 
HETATM 1725 O O   . HOH D 2 .   ? -3.271  -14.571 4.466   1.00 43.77 ? 151 HOH O O   1 
HETATM 1726 O O   . HOH D 2 .   ? -8.697  -14.392 10.092  1.00 32.55 ? 152 HOH O O   1 
HETATM 1727 O O   . HOH D 2 .   ? -23.020 7.114   9.806   1.00 47.33 ? 153 HOH O O   1 
HETATM 1728 O O   . HOH D 2 .   ? -7.380  -5.444  -4.880  1.00 40.95 ? 154 HOH O O   1 
HETATM 1729 O O   . HOH D 2 .   ? -0.039  1.879   3.841   1.00 47.23 ? 155 HOH O O   1 
HETATM 1730 O O   . HOH D 2 .   ? -1.918  4.609   -13.795 1.00 42.54 ? 156 HOH O O   1 
# 
